data_2VQU
#
_entry.id   2VQU
#
_cell.length_a   91.100
_cell.length_b   115.100
_cell.length_c   99.500
_cell.angle_alpha   90.00
_cell.angle_beta   113.40
_cell.angle_gamma   90.00
#
_symmetry.space_group_name_H-M   'P 1 21 1'
#
loop_
_entity.id
_entity.type
_entity.pdbx_description
1 polymer BETA-MANNOSIDASE
2 non-polymer 1,2-ETHANEDIOL
3 non-polymer (2R,3S,4R,5R)-5-(HYDROXYMETHYL)PIPERIDINE-2,3,4-TRIOL
4 non-polymer 'BROMIDE ION'
5 non-polymer 'CHLORIDE ION'
6 water water
#
_entity_poly.entity_id   1
_entity_poly.type   'polypeptide(L)'
_entity_poly.pdbx_seq_one_letter_code
;QGNDTSEVMLLDTGWEFSQSGTEKWMPATVPGTVHQDLISHELLPNPFYGMNEKKIQWVENEDWEYRTSFIVSEEQLNRD
GIQLIFEGLDTYADVYLNGSLLLKADNMFVGYTLPVKSVLRKGENHLYIYFHSPIRQTLPQYASNGFNYPADNDHHEKHL
SVFSRKAPYSYGWDWGIRMVTSGVWRPVTLRFYDIATISDYYVRQLSLTDENARLSNELIVNQIVPQKIPAEVRVNVSLN
GTTVTEVKQQVTLQPGINHITLPAEVTNPVRWMPNGWGTPTLYDFSAQIACGDRIVAEQSHRIGLRTIRVVNEKDKDGES
FYFEVNGIPMFAKGANYIPQDALLPNVTTERYQTLFRDMKEANMNMVRIWGGGTYENNLFYDLADENGILVWQDFMFACT
PYPSDPTFLKRVEAEAVYNIRRLRNHASLAMWCGNNEILEALKYWGFEKKFTPEVYQGLMHGYDKLFRELLPSTVKEFDS
DRFYVHSSPYLANWGRPESWGTGDSHNWGVWYGKKPFESLDTDLPRFMSEFGFQSFPEMKTIAAFAAPEDYQIESEVMNA
HQKSSIGNSLIRTYMERDYIIPESFEDFVYVGLVLQGQGMRHGLEAHRRNRPYCMGTLYAQLNDSWPVVSWSSIDYYGNW
KALHYQAKRAFAPVLINPIQQNDSLSVYLISDRLDTMEQMTLEMKVVDFDGKTLGKKIQVHSLEVPANTSKCVYRAKLDG
WLTPEDCRRSFLKLILKDKSGHQVAESVHFFRKTKDLQLPPTSVSYQMKQTDGKCELTLFSSMLAKDIFIETPLQGARYS
DNFFDLLPGERKKVIITSPRIKKGEELPVNIKHIRETYKEHHHHHH
;
_entity_poly.pdbx_strand_id   A,B
#
# COMPACT_ATOMS: atom_id res chain seq x y z
N ASN A 3 -17.03 -15.79 -0.12
CA ASN A 3 -16.97 -17.02 0.72
C ASN A 3 -18.21 -17.92 0.56
N ASP A 4 -18.92 -18.15 1.66
CA ASP A 4 -19.96 -19.18 1.73
C ASP A 4 -20.98 -18.78 2.80
N THR A 5 -21.89 -19.68 3.16
CA THR A 5 -22.99 -19.34 4.04
C THR A 5 -22.64 -19.42 5.52
N SER A 6 -21.42 -19.81 5.85
CA SER A 6 -21.01 -19.90 7.26
C SER A 6 -20.93 -18.52 7.87
N GLU A 7 -21.06 -18.43 9.19
CA GLU A 7 -20.79 -17.21 9.92
C GLU A 7 -19.61 -17.40 10.89
N VAL A 8 -18.72 -16.41 10.94
CA VAL A 8 -17.62 -16.48 11.89
C VAL A 8 -17.73 -15.42 12.99
N MET A 9 -17.51 -15.86 14.23
CA MET A 9 -17.46 -14.98 15.37
CA MET A 9 -17.46 -14.98 15.38
C MET A 9 -16.03 -14.98 15.87
N LEU A 10 -15.45 -13.78 15.95
CA LEU A 10 -14.10 -13.62 16.47
C LEU A 10 -14.08 -13.41 17.97
N LEU A 11 -13.52 -14.38 18.68
CA LEU A 11 -13.37 -14.28 20.12
C LEU A 11 -12.09 -13.50 20.50
N ASP A 12 -12.17 -12.18 20.30
CA ASP A 12 -11.02 -11.29 20.42
C ASP A 12 -11.24 -10.09 21.34
N THR A 13 -12.38 -10.11 22.04
CA THR A 13 -12.72 -9.04 22.99
C THR A 13 -13.32 -9.61 24.28
N GLY A 14 -13.20 -8.86 25.37
CA GLY A 14 -13.85 -9.20 26.63
C GLY A 14 -13.15 -10.27 27.44
N TRP A 15 -11.90 -10.50 27.12
CA TRP A 15 -11.10 -11.51 27.80
C TRP A 15 -10.57 -10.94 29.11
N GLU A 16 -10.46 -11.79 30.12
CA GLU A 16 -9.78 -11.39 31.33
C GLU A 16 -8.78 -12.46 31.68
N PHE A 17 -7.82 -12.08 32.50
CA PHE A 17 -6.83 -13.02 33.00
C PHE A 17 -6.60 -12.91 34.51
N SER A 18 -6.00 -13.98 35.06
CA SER A 18 -5.72 -14.11 36.48
C SER A 18 -4.46 -14.90 36.78
N GLN A 19 -3.63 -14.38 37.70
CA GLN A 19 -2.62 -15.21 38.30
C GLN A 19 -3.37 -16.23 39.13
N SER A 20 -3.06 -17.50 38.90
CA SER A 20 -3.81 -18.58 39.54
C SER A 20 -3.65 -18.61 41.02
N GLY A 21 -4.82 -18.75 41.64
CA GLY A 21 -4.90 -18.93 43.07
C GLY A 21 -4.97 -17.58 43.72
N THR A 22 -5.21 -16.54 42.92
CA THR A 22 -5.30 -15.20 43.46
C THR A 22 -6.74 -14.66 43.46
N GLU A 23 -7.58 -15.20 42.57
CA GLU A 23 -9.00 -14.80 42.43
CA GLU A 23 -8.99 -14.78 42.48
C GLU A 23 -9.18 -13.36 41.95
N LYS A 24 -8.08 -12.76 41.49
CA LYS A 24 -8.10 -11.38 40.97
C LYS A 24 -8.06 -11.38 39.44
N TRP A 25 -9.07 -10.77 38.83
CA TRP A 25 -9.14 -10.71 37.38
C TRP A 25 -8.91 -9.28 36.88
N MET A 26 -8.25 -9.17 35.74
CA MET A 26 -7.98 -7.89 35.08
CA MET A 26 -8.01 -7.88 35.09
C MET A 26 -8.24 -8.05 33.59
N PRO A 27 -8.59 -6.96 32.88
CA PRO A 27 -8.81 -7.09 31.42
C PRO A 27 -7.58 -7.64 30.64
N ALA A 28 -7.80 -8.42 29.59
CA ALA A 28 -6.69 -8.99 28.80
C ALA A 28 -6.90 -8.80 27.32
N THR A 29 -5.80 -8.91 26.57
CA THR A 29 -5.86 -8.73 25.11
C THR A 29 -5.50 -10.06 24.48
N VAL A 30 -6.36 -10.53 23.57
CA VAL A 30 -6.20 -11.84 22.98
C VAL A 30 -6.46 -11.63 21.51
N PRO A 31 -5.57 -12.14 20.64
CA PRO A 31 -4.32 -12.87 20.93
C PRO A 31 -3.32 -12.06 21.76
N GLY A 32 -2.47 -12.72 22.52
CA GLY A 32 -1.61 -12.02 23.47
C GLY A 32 -0.83 -12.96 24.32
N THR A 33 -0.24 -12.40 25.37
CA THR A 33 0.68 -13.13 26.23
C THR A 33 0.42 -12.67 27.64
N VAL A 34 0.71 -13.53 28.61
CA VAL A 34 0.62 -13.15 30.02
C VAL A 34 1.48 -11.90 30.29
N HIS A 35 2.70 -11.91 29.76
CA HIS A 35 3.67 -10.82 29.97
C HIS A 35 3.14 -9.46 29.51
N GLN A 36 2.60 -9.40 28.29
CA GLN A 36 1.99 -8.17 27.79
C GLN A 36 0.76 -7.74 28.63
N ASP A 37 -0.02 -8.71 29.09
CA ASP A 37 -1.21 -8.41 29.91
C ASP A 37 -0.80 -7.76 31.24
N LEU A 38 0.27 -8.25 31.84
CA LEU A 38 0.80 -7.71 33.09
C LEU A 38 1.41 -6.32 32.86
N ILE A 39 2.36 -6.24 31.93
CA ILE A 39 2.91 -4.94 31.46
C ILE A 39 1.82 -3.86 31.29
N SER A 40 0.73 -4.23 30.63
CA SER A 40 -0.39 -3.32 30.37
C SER A 40 -1.13 -2.87 31.63
N HIS A 41 -0.84 -3.47 32.77
CA HIS A 41 -1.46 -3.00 34.03
C HIS A 41 -0.37 -2.51 34.99
N GLU A 42 0.85 -2.40 34.46
CA GLU A 42 2.06 -1.98 35.18
C GLU A 42 2.49 -2.99 36.28
N LEU A 43 2.37 -4.26 35.94
CA LEU A 43 2.61 -5.32 36.89
C LEU A 43 3.93 -6.00 36.58
N LEU A 44 4.58 -5.48 35.52
CA LEU A 44 5.97 -5.77 35.23
C LEU A 44 6.65 -4.50 34.76
N PRO A 45 7.96 -4.36 35.03
CA PRO A 45 8.73 -3.27 34.46
C PRO A 45 8.94 -3.52 32.96
N ASN A 46 9.42 -2.54 32.21
CA ASN A 46 9.75 -2.77 30.77
C ASN A 46 10.73 -3.86 30.76
N PRO A 47 10.34 -5.02 30.18
CA PRO A 47 11.19 -6.19 30.27
C PRO A 47 12.49 -5.97 29.52
N PHE A 48 12.50 -5.02 28.56
CA PHE A 48 13.66 -4.76 27.68
C PHE A 48 14.68 -3.73 28.19
N TYR A 49 14.32 -3.04 29.27
N TYR A 49 14.33 -2.97 29.23
CA TYR A 49 15.14 -1.96 29.89
CA TYR A 49 15.29 -1.99 29.74
C TYR A 49 16.20 -2.50 30.86
C TYR A 49 16.22 -2.56 30.79
N GLY A 50 17.46 -2.10 30.72
CA GLY A 50 18.43 -2.27 31.79
C GLY A 50 18.80 -3.62 32.31
N MET A 51 18.58 -3.85 33.59
CA MET A 51 18.90 -5.14 34.21
C MET A 51 17.61 -5.93 34.49
N ASN A 52 16.48 -5.37 34.03
CA ASN A 52 15.11 -5.87 34.21
C ASN A 52 14.78 -7.29 33.75
N GLU A 53 15.68 -7.96 33.03
CA GLU A 53 15.47 -9.38 32.69
C GLU A 53 15.22 -10.23 33.94
N LYS A 54 16.07 -10.06 34.95
CA LYS A 54 15.94 -10.82 36.21
C LYS A 54 14.62 -10.46 36.96
N LYS A 55 14.12 -9.25 36.76
CA LYS A 55 12.91 -8.73 37.41
C LYS A 55 11.58 -9.29 36.88
N ILE A 56 11.63 -10.06 35.81
CA ILE A 56 10.38 -10.50 35.17
C ILE A 56 10.27 -12.02 35.15
N GLN A 57 11.32 -12.71 35.56
CA GLN A 57 11.41 -14.15 35.52
C GLN A 57 10.33 -14.89 36.32
N TRP A 58 9.87 -14.29 37.43
CA TRP A 58 8.94 -14.93 38.35
C TRP A 58 7.66 -15.40 37.65
N VAL A 59 7.36 -14.79 36.50
CA VAL A 59 6.11 -15.04 35.79
C VAL A 59 6.02 -16.49 35.34
N GLU A 60 7.18 -17.06 35.01
CA GLU A 60 7.27 -18.42 34.49
C GLU A 60 7.03 -19.47 35.57
N ASN A 61 7.08 -19.05 36.82
CA ASN A 61 6.77 -19.96 37.93
C ASN A 61 5.26 -19.99 38.32
N GLU A 62 4.48 -19.03 37.82
CA GLU A 62 3.07 -18.97 38.13
C GLU A 62 2.22 -19.68 37.07
N ASP A 63 1.00 -20.09 37.47
CA ASP A 63 0.01 -20.58 36.51
C ASP A 63 -0.88 -19.42 36.20
N TRP A 64 -1.51 -19.45 35.01
CA TRP A 64 -2.29 -18.29 34.52
C TRP A 64 -3.62 -18.71 33.89
N GLU A 65 -4.69 -18.00 34.24
CA GLU A 65 -6.04 -18.32 33.79
C GLU A 65 -6.60 -17.21 32.96
N TYR A 66 -7.36 -17.62 31.94
CA TYR A 66 -8.00 -16.74 30.97
C TYR A 66 -9.46 -17.12 30.82
N ARG A 67 -10.31 -16.12 30.71
CA ARG A 67 -11.73 -16.36 30.55
C ARG A 67 -12.34 -15.31 29.66
N THR A 68 -13.39 -15.72 28.95
CA THR A 68 -14.26 -14.87 28.16
C THR A 68 -15.67 -15.44 28.10
N SER A 69 -16.65 -14.60 27.77
CA SER A 69 -18.04 -15.01 27.58
C SER A 69 -18.52 -14.52 26.25
N PHE A 70 -19.49 -15.23 25.69
CA PHE A 70 -20.09 -14.85 24.43
C PHE A 70 -21.54 -15.32 24.32
N ILE A 71 -22.31 -14.63 23.47
CA ILE A 71 -23.71 -14.97 23.28
C ILE A 71 -23.90 -15.83 22.04
N VAL A 72 -24.76 -16.83 22.15
CA VAL A 72 -25.15 -17.62 21.00
C VAL A 72 -26.66 -17.53 20.88
N SER A 73 -27.14 -17.33 19.66
CA SER A 73 -28.56 -17.13 19.44
C SER A 73 -29.21 -18.47 19.16
N GLU A 74 -30.53 -18.53 19.33
CA GLU A 74 -31.31 -19.71 19.00
C GLU A 74 -31.09 -20.14 17.55
N GLU A 75 -30.98 -19.13 16.68
CA GLU A 75 -30.75 -19.34 15.25
C GLU A 75 -29.35 -19.92 14.94
N GLN A 76 -28.33 -19.45 15.65
CA GLN A 76 -26.96 -19.94 15.52
C GLN A 76 -26.84 -21.38 16.03
N LEU A 77 -27.52 -21.64 17.15
CA LEU A 77 -27.56 -22.95 17.76
C LEU A 77 -28.25 -23.97 16.86
N ASN A 78 -29.07 -23.47 15.95
CA ASN A 78 -29.70 -24.30 14.97
C ASN A 78 -28.93 -24.57 13.69
N ARG A 79 -27.74 -24.00 13.53
CA ARG A 79 -26.87 -24.35 12.39
C ARG A 79 -26.42 -25.80 12.56
N ASP A 80 -26.13 -26.48 11.46
CA ASP A 80 -25.78 -27.90 11.48
C ASP A 80 -24.54 -28.18 12.33
N GLY A 81 -23.52 -27.33 12.20
CA GLY A 81 -22.29 -27.53 12.96
C GLY A 81 -21.76 -26.23 13.49
N ILE A 82 -21.03 -26.33 14.59
CA ILE A 82 -20.38 -25.19 15.18
C ILE A 82 -19.01 -25.64 15.70
N GLN A 83 -18.00 -24.93 15.25
CA GLN A 83 -16.62 -25.31 15.34
C GLN A 83 -15.91 -24.16 16.06
N LEU A 84 -15.14 -24.44 17.11
CA LEU A 84 -14.26 -23.47 17.74
C LEU A 84 -12.83 -23.81 17.36
N ILE A 85 -12.07 -22.81 16.93
CA ILE A 85 -10.72 -23.03 16.42
C ILE A 85 -9.74 -22.17 17.21
N PHE A 86 -8.76 -22.85 17.82
CA PHE A 86 -7.58 -22.17 18.41
C PHE A 86 -6.38 -22.32 17.48
N GLU A 87 -5.98 -21.23 16.84
CA GLU A 87 -4.80 -21.24 15.95
C GLU A 87 -3.51 -21.41 16.74
N GLY A 88 -3.54 -21.09 18.04
CA GLY A 88 -2.35 -21.20 18.88
C GLY A 88 -2.57 -21.05 20.37
N LEU A 89 -2.10 -22.06 21.10
CA LEU A 89 -2.14 -22.05 22.54
C LEU A 89 -0.74 -22.34 23.07
N ASP A 90 -0.23 -21.43 23.90
CA ASP A 90 1.12 -21.57 24.44
C ASP A 90 1.05 -21.77 26.00
N THR A 91 1.23 -22.98 26.54
CA THR A 91 1.44 -24.21 25.79
C THR A 91 0.60 -25.35 26.41
N TYR A 92 0.76 -25.53 27.73
CA TYR A 92 -0.03 -26.53 28.48
C TYR A 92 -1.35 -25.85 28.92
N ALA A 93 -2.35 -25.93 28.04
CA ALA A 93 -3.63 -25.27 28.20
C ALA A 93 -4.81 -26.29 28.32
N ASP A 94 -5.48 -26.24 29.48
CA ASP A 94 -6.77 -26.97 29.66
C ASP A 94 -7.90 -26.06 29.30
N VAL A 95 -8.66 -26.43 28.29
CA VAL A 95 -9.69 -25.57 27.74
C VAL A 95 -11.07 -26.05 28.19
N TYR A 96 -11.80 -25.18 28.88
CA TYR A 96 -13.12 -25.53 29.37
C TYR A 96 -14.17 -24.69 28.68
N LEU A 97 -15.23 -25.34 28.22
CA LEU A 97 -16.40 -24.61 27.73
C LEU A 97 -17.69 -25.11 28.38
N ASN A 98 -18.41 -24.24 29.09
CA ASN A 98 -19.72 -24.63 29.69
C ASN A 98 -19.69 -25.98 30.46
N GLY A 99 -18.64 -26.18 31.24
CA GLY A 99 -18.49 -27.33 32.10
C GLY A 99 -17.80 -28.51 31.42
N SER A 100 -17.55 -28.38 30.12
CA SER A 100 -16.78 -29.43 29.35
C SER A 100 -15.28 -29.13 29.16
N LEU A 101 -14.42 -30.05 29.58
CA LEU A 101 -13.01 -30.06 29.16
C LEU A 101 -12.97 -30.40 27.68
N LEU A 102 -12.76 -29.40 26.83
CA LEU A 102 -12.71 -29.62 25.37
C LEU A 102 -11.37 -30.16 24.88
N LEU A 103 -10.30 -29.85 25.60
CA LEU A 103 -8.94 -30.03 25.09
C LEU A 103 -7.92 -29.82 26.19
N LYS A 104 -6.92 -30.71 26.25
CA LYS A 104 -5.69 -30.45 27.00
C LYS A 104 -4.59 -30.21 25.98
N ALA A 105 -4.33 -28.94 25.69
CA ALA A 105 -3.43 -28.57 24.58
C ALA A 105 -2.00 -28.74 25.09
N ASP A 106 -1.05 -29.11 24.23
CA ASP A 106 0.33 -29.32 24.68
C ASP A 106 1.38 -29.06 23.61
N ASN A 107 1.07 -28.19 22.66
CA ASN A 107 2.00 -27.97 21.58
C ASN A 107 1.69 -26.61 21.04
N MET A 108 2.59 -25.66 21.32
CA MET A 108 2.47 -24.31 20.80
C MET A 108 2.24 -24.21 19.29
N PHE A 109 2.78 -25.17 18.55
CA PHE A 109 2.86 -25.11 17.09
C PHE A 109 1.68 -25.75 16.34
N VAL A 110 0.61 -26.07 17.07
CA VAL A 110 -0.54 -26.80 16.54
C VAL A 110 -1.79 -25.98 16.62
N GLY A 111 -2.56 -26.01 15.53
CA GLY A 111 -3.86 -25.39 15.54
C GLY A 111 -4.89 -26.42 15.93
N TYR A 112 -5.78 -26.05 16.85
CA TYR A 112 -6.81 -27.01 17.29
C TYR A 112 -8.22 -26.67 16.75
N THR A 113 -8.87 -27.64 16.10
CA THR A 113 -10.25 -27.41 15.60
C THR A 113 -11.24 -28.29 16.38
N LEU A 114 -12.20 -27.66 17.07
CA LEU A 114 -13.00 -28.37 18.09
C LEU A 114 -14.51 -28.31 17.77
N PRO A 115 -15.19 -29.49 17.67
CA PRO A 115 -16.65 -29.46 17.44
C PRO A 115 -17.40 -29.08 18.72
N VAL A 116 -18.19 -28.00 18.70
CA VAL A 116 -18.75 -27.51 19.99
C VAL A 116 -20.30 -27.32 20.08
N LYS A 117 -21.01 -27.62 18.99
CA LYS A 117 -22.48 -27.42 18.95
C LYS A 117 -23.15 -28.03 20.17
N SER A 118 -22.79 -29.28 20.49
CA SER A 118 -23.57 -30.00 21.48
C SER A 118 -23.29 -29.47 22.86
N VAL A 119 -22.24 -28.65 23.04
CA VAL A 119 -21.92 -28.07 24.35
C VAL A 119 -22.35 -26.60 24.55
N LEU A 120 -22.65 -25.91 23.46
CA LEU A 120 -23.05 -24.51 23.52
C LEU A 120 -24.47 -24.39 24.05
N ARG A 121 -24.82 -23.19 24.49
CA ARG A 121 -26.09 -22.93 25.14
C ARG A 121 -26.65 -21.63 24.57
N LYS A 122 -27.96 -21.59 24.40
CA LYS A 122 -28.56 -20.35 23.93
C LYS A 122 -28.35 -19.34 25.05
N GLY A 123 -27.94 -18.12 24.68
CA GLY A 123 -27.61 -17.11 25.66
C GLY A 123 -26.12 -17.06 25.95
N GLU A 124 -25.78 -16.89 27.22
CA GLU A 124 -24.40 -16.70 27.60
C GLU A 124 -23.63 -18.04 27.62
N ASN A 125 -22.40 -17.99 27.12
CA ASN A 125 -21.48 -19.12 27.08
C ASN A 125 -20.17 -18.73 27.73
N HIS A 126 -19.56 -19.64 28.49
CA HIS A 126 -18.39 -19.31 29.29
C HIS A 126 -17.22 -20.19 28.89
N LEU A 127 -16.20 -19.54 28.32
CA LEU A 127 -14.92 -20.16 27.95
C LEU A 127 -13.83 -19.83 29.01
N TYR A 128 -13.25 -20.87 29.61
N TYR A 128 -13.12 -20.88 29.44
CA TYR A 128 -12.12 -20.70 30.53
CA TYR A 128 -12.14 -20.77 30.52
C TYR A 128 -10.93 -21.52 30.04
C TYR A 128 -10.88 -21.61 30.28
N ILE A 129 -9.73 -20.94 30.11
CA ILE A 129 -8.48 -21.63 29.78
C ILE A 129 -7.49 -21.54 30.95
N TYR A 130 -6.99 -22.70 31.37
CA TYR A 130 -5.99 -22.78 32.41
C TYR A 130 -4.63 -23.14 31.81
N PHE A 131 -3.69 -22.18 31.85
CA PHE A 131 -2.30 -22.41 31.42
C PHE A 131 -1.40 -22.80 32.59
N HIS A 132 -1.03 -24.07 32.63
CA HIS A 132 0.02 -24.52 33.54
C HIS A 132 1.34 -23.95 33.12
N SER A 133 2.12 -23.55 34.13
CA SER A 133 3.47 -23.14 33.93
C SER A 133 4.25 -24.22 33.17
N PRO A 134 4.91 -23.82 32.05
CA PRO A 134 5.73 -24.76 31.29
C PRO A 134 6.92 -25.22 32.13
N ILE A 135 7.30 -24.44 33.13
CA ILE A 135 8.41 -24.83 34.03
C ILE A 135 7.95 -25.90 35.05
N ARG A 136 6.91 -25.57 35.80
CA ARG A 136 6.34 -26.45 36.83
C ARG A 136 5.75 -27.71 36.21
N GLN A 137 5.15 -27.56 35.01
CA GLN A 137 4.69 -28.70 34.22
C GLN A 137 5.80 -29.71 33.87
N THR A 138 7.02 -29.22 33.62
CA THR A 138 8.12 -30.08 33.15
C THR A 138 9.22 -30.40 34.19
N LEU A 139 9.19 -29.74 35.34
CA LEU A 139 10.09 -30.12 36.45
C LEU A 139 10.05 -31.61 36.85
N PRO A 140 8.83 -32.21 36.94
CA PRO A 140 8.78 -33.65 37.25
C PRO A 140 9.35 -34.47 36.13
N GLN A 141 9.12 -33.98 34.91
CA GLN A 141 9.66 -34.61 33.73
C GLN A 141 11.21 -34.68 33.75
N TYR A 142 11.83 -33.54 34.09
CA TYR A 142 13.27 -33.40 34.21
C TYR A 142 13.83 -34.32 35.33
N ALA A 143 13.16 -34.31 36.47
CA ALA A 143 13.57 -35.12 37.61
C ALA A 143 13.64 -36.61 37.26
N SER A 144 12.73 -37.07 36.42
CA SER A 144 12.66 -38.46 36.02
C SER A 144 13.72 -38.82 34.97
N ASN A 145 14.30 -37.79 34.34
CA ASN A 145 15.19 -37.99 33.18
C ASN A 145 16.60 -38.50 33.53
N GLY A 146 17.10 -38.11 34.69
CA GLY A 146 18.40 -38.61 35.16
C GLY A 146 19.61 -37.87 34.58
N PHE A 147 19.37 -36.95 33.64
CA PHE A 147 20.39 -36.06 33.08
C PHE A 147 19.78 -34.76 32.55
N ASN A 148 20.64 -33.79 32.27
CA ASN A 148 20.26 -32.48 31.83
C ASN A 148 20.68 -32.42 30.35
N TYR A 149 19.71 -32.17 29.47
CA TYR A 149 20.01 -31.94 28.04
C TYR A 149 20.98 -30.75 27.87
N PRO A 150 22.02 -30.88 27.02
CA PRO A 150 23.01 -29.78 26.83
C PRO A 150 22.52 -28.57 25.99
N ALA A 151 21.44 -27.95 26.44
CA ALA A 151 20.84 -26.84 25.75
C ALA A 151 21.36 -25.54 26.35
N ASP A 152 22.58 -25.13 25.97
CA ASP A 152 23.19 -23.91 26.51
C ASP A 152 22.41 -22.63 26.30
N ASN A 153 21.58 -22.56 25.25
CA ASN A 153 20.74 -21.39 25.06
C ASN A 153 19.52 -21.25 26.00
N ASP A 154 19.21 -22.32 26.74
CA ASP A 154 18.09 -22.34 27.67
C ASP A 154 18.69 -21.78 28.99
N HIS A 155 18.34 -20.55 29.37
CA HIS A 155 19.07 -19.84 30.43
C HIS A 155 18.47 -20.13 31.80
N HIS A 156 18.76 -21.32 32.28
CA HIS A 156 18.28 -21.78 33.57
C HIS A 156 19.18 -22.90 33.89
N GLU A 157 19.29 -23.26 35.17
CA GLU A 157 20.08 -24.39 35.57
C GLU A 157 19.56 -25.71 34.97
N LYS A 158 18.23 -25.86 34.92
CA LYS A 158 17.60 -27.05 34.35
C LYS A 158 17.17 -26.73 32.93
N HIS A 159 17.53 -27.58 31.99
CA HIS A 159 17.20 -27.26 30.61
C HIS A 159 15.87 -27.91 30.18
N LEU A 160 14.79 -27.28 30.66
CA LEU A 160 13.40 -27.80 30.49
C LEU A 160 12.81 -27.58 29.09
N SER A 161 13.48 -26.73 28.31
CA SER A 161 12.98 -26.32 27.01
C SER A 161 12.70 -27.51 26.13
N VAL A 162 13.56 -28.51 26.24
CA VAL A 162 13.62 -29.61 25.27
C VAL A 162 12.41 -30.54 25.41
N PHE A 163 11.81 -30.52 26.60
CA PHE A 163 10.61 -31.31 26.93
C PHE A 163 9.33 -30.76 26.35
N SER A 164 9.34 -29.46 26.03
CA SER A 164 8.17 -28.71 25.56
C SER A 164 8.22 -28.29 24.09
N ARG A 165 7.14 -28.59 23.39
CA ARG A 165 6.93 -28.07 22.04
C ARG A 165 6.46 -26.65 22.16
N LYS A 166 7.45 -25.78 22.35
CA LYS A 166 7.25 -24.35 22.61
C LYS A 166 8.46 -23.61 21.99
N ALA A 167 8.28 -22.37 21.53
CA ALA A 167 9.34 -21.66 20.82
C ALA A 167 10.66 -21.74 21.63
N PRO A 168 11.70 -22.39 21.07
CA PRO A 168 12.93 -22.62 21.85
C PRO A 168 13.53 -21.33 22.43
N TYR A 169 13.44 -20.25 21.65
CA TYR A 169 14.06 -18.98 22.00
C TYR A 169 13.39 -18.33 23.22
N SER A 170 12.14 -18.71 23.52
CA SER A 170 11.43 -18.13 24.68
C SER A 170 12.18 -18.34 25.99
N TYR A 171 12.96 -19.39 26.07
CA TYR A 171 13.75 -19.73 27.25
C TYR A 171 15.10 -18.97 27.29
N GLY A 172 15.30 -18.09 26.31
CA GLY A 172 16.58 -17.41 26.07
C GLY A 172 17.32 -17.88 24.81
N TRP A 173 18.32 -17.09 24.36
CA TRP A 173 19.12 -17.50 23.22
C TRP A 173 20.36 -16.61 23.21
N ASP A 174 21.28 -16.82 22.29
CA ASP A 174 22.57 -16.07 22.38
C ASP A 174 22.45 -14.65 21.80
N TRP A 175 21.23 -14.29 21.38
CA TRP A 175 20.86 -12.94 21.06
C TRP A 175 19.59 -12.56 21.77
N GLY A 176 19.14 -13.38 22.73
CA GLY A 176 17.76 -13.16 23.27
C GLY A 176 17.55 -13.17 24.79
N ILE A 177 16.55 -12.42 25.21
CA ILE A 177 16.08 -12.34 26.60
C ILE A 177 15.20 -13.58 26.91
N ARG A 178 15.31 -14.09 28.14
CA ARG A 178 14.40 -15.11 28.63
C ARG A 178 13.05 -14.50 29.00
N MET A 179 12.01 -14.83 28.24
CA MET A 179 10.62 -14.56 28.60
C MET A 179 9.75 -15.80 28.29
N VAL A 180 9.76 -16.76 29.20
CA VAL A 180 9.05 -18.02 29.02
C VAL A 180 7.58 -17.69 29.27
N THR A 181 6.90 -17.31 28.19
CA THR A 181 5.55 -16.74 28.25
C THR A 181 4.46 -17.80 28.06
N SER A 182 3.20 -17.38 28.18
CA SER A 182 2.05 -18.27 28.07
C SER A 182 0.94 -17.49 27.45
N GLY A 183 -0.03 -18.18 26.86
CA GLY A 183 -1.23 -17.52 26.40
C GLY A 183 -1.85 -17.98 25.09
N VAL A 184 -2.93 -17.30 24.73
CA VAL A 184 -3.63 -17.56 23.47
C VAL A 184 -2.89 -16.72 22.44
N TRP A 185 -1.89 -17.32 21.81
CA TRP A 185 -0.92 -16.55 21.00
C TRP A 185 -1.35 -16.27 19.55
N ARG A 186 -2.42 -16.94 19.09
CA ARG A 186 -3.00 -16.73 17.74
C ARG A 186 -4.52 -16.75 17.87
N PRO A 187 -5.26 -16.41 16.79
CA PRO A 187 -6.67 -16.11 17.10
C PRO A 187 -7.60 -17.30 17.42
N VAL A 188 -8.71 -16.96 18.06
CA VAL A 188 -9.77 -17.90 18.35
C VAL A 188 -11.01 -17.56 17.50
N THR A 189 -11.53 -18.53 16.77
CA THR A 189 -12.76 -18.30 16.03
C THR A 189 -13.82 -19.35 16.33
N LEU A 190 -15.07 -18.90 16.25
CA LEU A 190 -16.21 -19.79 16.23
C LEU A 190 -16.84 -19.71 14.88
N ARG A 191 -16.97 -20.86 14.22
CA ARG A 191 -17.68 -20.93 12.94
C ARG A 191 -19.01 -21.72 13.01
N PHE A 192 -20.12 -21.04 12.67
CA PHE A 192 -21.48 -21.60 12.55
C PHE A 192 -21.75 -21.88 11.07
N TYR A 193 -22.01 -23.13 10.72
CA TYR A 193 -22.05 -23.53 9.31
C TYR A 193 -23.06 -24.63 9.06
N ASP A 194 -23.37 -24.85 7.79
CA ASP A 194 -24.22 -25.98 7.44
C ASP A 194 -23.47 -27.03 6.63
N ILE A 195 -23.92 -28.28 6.79
CA ILE A 195 -23.44 -29.46 6.03
C ILE A 195 -22.01 -29.90 6.36
N ALA A 196 -21.04 -29.04 6.03
CA ALA A 196 -19.63 -29.44 6.04
C ALA A 196 -18.69 -28.22 6.13
N THR A 197 -17.43 -28.49 6.48
CA THR A 197 -16.33 -27.51 6.26
C THR A 197 -15.23 -28.15 5.45
N ILE A 198 -14.39 -27.31 4.84
CA ILE A 198 -13.21 -27.82 4.09
C ILE A 198 -12.12 -27.80 5.16
N SER A 199 -11.69 -28.98 5.58
CA SER A 199 -10.64 -29.14 6.58
CA SER A 199 -10.66 -29.04 6.59
C SER A 199 -9.27 -28.87 5.96
N ASP A 200 -9.14 -29.17 4.66
CA ASP A 200 -7.89 -28.91 3.95
C ASP A 200 -8.15 -28.77 2.47
N TYR A 201 -7.42 -27.85 1.87
CA TYR A 201 -7.40 -27.69 0.42
C TYR A 201 -5.93 -27.58 0.01
N TYR A 202 -5.49 -28.60 -0.72
CA TYR A 202 -4.14 -28.71 -1.24
C TYR A 202 -4.13 -28.63 -2.77
N VAL A 203 -3.45 -27.60 -3.31
CA VAL A 203 -3.30 -27.43 -4.73
C VAL A 203 -1.97 -28.12 -5.11
N ARG A 204 -2.07 -29.34 -5.57
CA ARG A 204 -0.87 -30.08 -5.85
C ARG A 204 -0.46 -29.91 -7.32
N GLN A 205 0.70 -29.32 -7.55
CA GLN A 205 1.21 -29.19 -8.92
C GLN A 205 1.79 -30.51 -9.42
N LEU A 206 1.19 -31.06 -10.49
CA LEU A 206 1.63 -32.32 -11.08
C LEU A 206 2.76 -32.14 -12.10
N SER A 207 2.68 -31.09 -12.89
CA SER A 207 3.72 -30.79 -13.86
C SER A 207 3.51 -29.35 -14.30
N LEU A 208 4.62 -28.80 -14.80
CA LEU A 208 4.69 -27.44 -15.30
C LEU A 208 5.67 -27.36 -16.46
N THR A 209 5.19 -26.93 -17.61
CA THR A 209 6.01 -26.57 -18.76
C THR A 209 5.50 -25.19 -19.20
N ASP A 210 6.21 -24.53 -20.12
CA ASP A 210 5.73 -23.26 -20.69
C ASP A 210 4.31 -23.36 -21.27
N GLU A 211 3.97 -24.53 -21.85
CA GLU A 211 2.67 -24.78 -22.47
C GLU A 211 1.52 -25.14 -21.53
N ASN A 212 1.81 -25.81 -20.42
CA ASN A 212 0.72 -26.25 -19.57
C ASN A 212 1.12 -26.47 -18.13
N ALA A 213 0.27 -26.02 -17.20
CA ALA A 213 0.37 -26.45 -15.83
C ALA A 213 -0.77 -27.41 -15.54
N ARG A 214 -0.40 -28.57 -14.99
CA ARG A 214 -1.40 -29.54 -14.51
C ARG A 214 -1.45 -29.58 -12.98
N LEU A 215 -2.63 -29.29 -12.41
CA LEU A 215 -2.82 -29.28 -10.95
C LEU A 215 -3.82 -30.38 -10.52
N SER A 216 -3.70 -30.82 -9.29
CA SER A 216 -4.67 -31.72 -8.69
C SER A 216 -5.20 -31.04 -7.44
N ASN A 217 -6.47 -30.62 -7.46
CA ASN A 217 -7.08 -29.98 -6.30
C ASN A 217 -7.54 -31.05 -5.32
N GLU A 218 -6.85 -31.14 -4.18
N GLU A 218 -6.81 -31.19 -4.21
CA GLU A 218 -7.15 -32.16 -3.17
CA GLU A 218 -7.15 -32.14 -3.14
C GLU A 218 -7.86 -31.56 -1.96
C GLU A 218 -7.91 -31.45 -2.03
N LEU A 219 -9.13 -31.92 -1.78
CA LEU A 219 -9.96 -31.43 -0.68
C LEU A 219 -10.28 -32.50 0.37
N ILE A 220 -10.26 -32.10 1.63
CA ILE A 220 -10.72 -32.94 2.73
C ILE A 220 -11.89 -32.16 3.34
N VAL A 221 -13.06 -32.79 3.28
CA VAL A 221 -14.34 -32.18 3.62
C VAL A 221 -14.91 -32.95 4.79
N ASN A 222 -15.21 -32.23 5.86
CA ASN A 222 -15.71 -32.87 7.05
C ASN A 222 -17.19 -32.59 7.18
N GLN A 223 -18.01 -33.60 6.85
CA GLN A 223 -19.46 -33.48 6.83
C GLN A 223 -20.04 -33.81 8.21
N ILE A 224 -20.82 -32.87 8.73
CA ILE A 224 -21.24 -32.89 10.11
C ILE A 224 -22.68 -33.39 10.36
N VAL A 225 -23.43 -33.68 9.30
CA VAL A 225 -24.86 -34.09 9.42
C VAL A 225 -25.01 -35.62 9.24
N PRO A 226 -26.11 -36.22 9.71
CA PRO A 226 -26.19 -37.70 9.65
C PRO A 226 -26.54 -38.27 8.30
N GLN A 227 -27.13 -37.46 7.43
CA GLN A 227 -27.59 -37.90 6.13
C GLN A 227 -26.49 -37.78 5.09
N LYS A 228 -26.62 -38.55 3.99
CA LYS A 228 -25.82 -38.42 2.78
C LYS A 228 -26.34 -37.20 2.02
N ILE A 229 -25.45 -36.37 1.47
CA ILE A 229 -25.80 -35.03 0.97
C ILE A 229 -25.22 -34.85 -0.42
N PRO A 230 -26.08 -34.89 -1.47
CA PRO A 230 -25.57 -34.56 -2.78
C PRO A 230 -24.89 -33.14 -2.75
N ALA A 231 -23.76 -33.02 -3.42
CA ALA A 231 -23.06 -31.73 -3.49
C ALA A 231 -22.36 -31.65 -4.82
N GLU A 232 -22.01 -30.44 -5.26
CA GLU A 232 -21.14 -30.30 -6.40
C GLU A 232 -19.91 -29.56 -5.88
N VAL A 233 -18.71 -30.13 -6.12
CA VAL A 233 -17.45 -29.45 -5.79
C VAL A 233 -17.01 -28.64 -7.00
N ARG A 234 -16.73 -27.36 -6.77
CA ARG A 234 -16.29 -26.51 -7.86
C ARG A 234 -14.95 -25.87 -7.48
N VAL A 235 -14.04 -25.83 -8.45
CA VAL A 235 -12.81 -25.04 -8.37
C VAL A 235 -12.77 -23.96 -9.45
N ASN A 236 -12.53 -22.73 -9.02
CA ASN A 236 -12.33 -21.64 -9.93
C ASN A 236 -10.90 -21.14 -9.86
N VAL A 237 -10.24 -21.08 -11.02
CA VAL A 237 -8.90 -20.53 -11.14
C VAL A 237 -8.99 -19.19 -11.84
N SER A 238 -8.58 -18.13 -11.13
CA SER A 238 -8.62 -16.82 -11.71
CA SER A 238 -8.66 -16.76 -11.60
C SER A 238 -7.32 -16.04 -11.54
N LEU A 239 -7.17 -15.02 -12.38
CA LEU A 239 -6.03 -14.18 -12.33
C LEU A 239 -6.56 -12.77 -12.38
N ASN A 240 -6.22 -11.98 -11.36
CA ASN A 240 -6.59 -10.56 -11.35
C ASN A 240 -8.10 -10.33 -11.52
N GLY A 241 -8.91 -11.27 -11.07
CA GLY A 241 -10.40 -11.12 -11.04
C GLY A 241 -11.08 -11.74 -12.23
N THR A 242 -10.29 -12.36 -13.10
CA THR A 242 -10.79 -12.98 -14.32
C THR A 242 -10.54 -14.47 -14.31
N THR A 243 -11.62 -15.24 -14.48
CA THR A 243 -11.54 -16.70 -14.58
C THR A 243 -10.64 -17.18 -15.71
N VAL A 244 -9.80 -18.15 -15.40
CA VAL A 244 -8.87 -18.72 -16.35
C VAL A 244 -9.35 -20.12 -16.66
N THR A 245 -9.70 -20.86 -15.60
CA THR A 245 -10.25 -22.17 -15.77
C THR A 245 -11.20 -22.55 -14.62
N GLU A 246 -12.17 -23.39 -14.95
CA GLU A 246 -13.17 -23.74 -13.97
C GLU A 246 -13.53 -25.21 -14.16
N VAL A 247 -13.56 -25.95 -13.06
CA VAL A 247 -13.87 -27.37 -13.06
C VAL A 247 -14.88 -27.68 -11.94
N LYS A 248 -15.60 -28.80 -12.11
CA LYS A 248 -16.66 -29.20 -11.17
C LYS A 248 -16.78 -30.71 -11.09
N GLN A 249 -17.30 -31.21 -9.98
CA GLN A 249 -17.44 -32.64 -9.77
C GLN A 249 -18.67 -32.92 -8.93
N GLN A 250 -19.51 -33.86 -9.36
CA GLN A 250 -20.63 -34.30 -8.54
C GLN A 250 -20.18 -35.35 -7.54
N VAL A 251 -20.68 -35.19 -6.33
CA VAL A 251 -20.40 -36.16 -5.27
C VAL A 251 -21.61 -36.27 -4.41
N THR A 252 -21.62 -37.32 -3.60
CA THR A 252 -22.54 -37.39 -2.51
C THR A 252 -21.68 -37.52 -1.27
N LEU A 253 -21.77 -36.50 -0.41
CA LEU A 253 -20.90 -36.42 0.75
C LEU A 253 -21.45 -37.31 1.84
N GLN A 254 -20.59 -38.16 2.38
CA GLN A 254 -20.93 -39.03 3.49
C GLN A 254 -20.66 -38.33 4.83
N PRO A 255 -21.37 -38.76 5.88
CA PRO A 255 -21.03 -38.28 7.21
C PRO A 255 -19.53 -38.50 7.49
N GLY A 256 -18.89 -37.56 8.17
CA GLY A 256 -17.46 -37.71 8.38
C GLY A 256 -16.59 -37.15 7.26
N ILE A 257 -15.37 -37.71 7.15
CA ILE A 257 -14.36 -37.19 6.25
C ILE A 257 -14.63 -37.70 4.85
N ASN A 258 -14.51 -36.78 3.88
CA ASN A 258 -14.58 -37.09 2.47
C ASN A 258 -13.31 -36.61 1.78
N HIS A 259 -12.78 -37.42 0.87
CA HIS A 259 -11.65 -37.03 0.04
C HIS A 259 -12.11 -36.75 -1.38
N ILE A 260 -11.76 -35.57 -1.86
CA ILE A 260 -12.26 -35.08 -3.16
C ILE A 260 -11.03 -34.61 -3.92
N THR A 261 -10.88 -35.07 -5.17
CA THR A 261 -9.77 -34.74 -6.04
C THR A 261 -10.30 -34.26 -7.40
N LEU A 262 -10.03 -32.98 -7.72
CA LEU A 262 -10.40 -32.42 -9.02
C LEU A 262 -9.18 -31.92 -9.76
N PRO A 263 -8.85 -32.52 -10.91
CA PRO A 263 -7.80 -31.99 -11.77
C PRO A 263 -8.21 -30.65 -12.42
N ALA A 264 -7.22 -29.79 -12.62
CA ALA A 264 -7.41 -28.56 -13.38
C ALA A 264 -6.12 -28.25 -14.13
N GLU A 265 -6.24 -27.58 -15.26
CA GLU A 265 -5.02 -27.23 -16.01
C GLU A 265 -5.05 -25.75 -16.37
N VAL A 266 -3.86 -25.14 -16.42
CA VAL A 266 -3.73 -23.76 -16.87
C VAL A 266 -2.82 -23.79 -18.10
N THR A 267 -3.37 -23.53 -19.28
CA THR A 267 -2.55 -23.43 -20.50
C THR A 267 -1.71 -22.14 -20.50
N ASN A 268 -0.52 -22.23 -21.10
CA ASN A 268 0.44 -21.13 -21.14
C ASN A 268 0.50 -20.37 -19.82
N PRO A 269 0.83 -21.08 -18.72
CA PRO A 269 0.82 -20.51 -17.36
C PRO A 269 1.78 -19.36 -17.22
N VAL A 270 1.38 -18.34 -16.46
CA VAL A 270 2.26 -17.23 -16.07
C VAL A 270 3.01 -17.63 -14.79
N ARG A 271 4.29 -17.89 -14.95
CA ARG A 271 5.14 -18.37 -13.84
C ARG A 271 5.39 -17.37 -12.73
N TRP A 272 5.44 -17.89 -11.51
CA TRP A 272 5.93 -17.12 -10.36
C TRP A 272 7.46 -17.09 -10.43
N MET A 273 8.02 -15.89 -10.46
CA MET A 273 9.47 -15.73 -10.45
C MET A 273 9.99 -15.16 -9.10
N PRO A 274 11.22 -15.55 -8.72
CA PRO A 274 11.79 -14.96 -7.52
C PRO A 274 12.26 -13.50 -7.70
N ASN A 275 12.35 -12.78 -6.57
CA ASN A 275 12.74 -11.36 -6.58
C ASN A 275 14.04 -11.19 -7.38
N GLY A 276 14.01 -10.29 -8.36
CA GLY A 276 15.17 -10.04 -9.22
C GLY A 276 15.07 -10.68 -10.60
N TRP A 277 14.15 -11.63 -10.77
CA TRP A 277 14.06 -12.41 -12.02
C TRP A 277 12.70 -12.21 -12.67
N GLY A 278 11.87 -11.39 -12.07
CA GLY A 278 10.59 -11.06 -12.67
C GLY A 278 9.47 -10.85 -11.66
N THR A 279 8.26 -11.14 -12.12
CA THR A 279 7.06 -10.92 -11.33
CA THR A 279 7.07 -10.91 -11.33
C THR A 279 6.68 -12.17 -10.55
N PRO A 280 6.32 -11.99 -9.26
CA PRO A 280 5.87 -13.09 -8.38
C PRO A 280 4.35 -13.33 -8.54
N THR A 281 3.96 -13.65 -9.78
CA THR A 281 2.55 -13.86 -10.16
C THR A 281 1.84 -14.92 -9.31
N LEU A 282 0.69 -14.54 -8.76
CA LEU A 282 -0.14 -15.44 -7.95
C LEU A 282 -1.53 -15.58 -8.54
N TYR A 283 -1.91 -16.81 -8.93
CA TYR A 283 -3.27 -17.16 -9.27
C TYR A 283 -4.17 -17.22 -8.04
N ASP A 284 -5.46 -17.01 -8.23
CA ASP A 284 -6.39 -17.27 -7.15
C ASP A 284 -7.15 -18.58 -7.40
N PHE A 285 -6.94 -19.53 -6.49
CA PHE A 285 -7.60 -20.85 -6.57
C PHE A 285 -8.70 -20.89 -5.51
N SER A 286 -9.95 -21.02 -5.93
CA SER A 286 -11.06 -21.07 -5.00
C SER A 286 -11.84 -22.37 -5.17
N ALA A 287 -12.00 -23.11 -4.07
CA ALA A 287 -12.81 -24.32 -4.03
C ALA A 287 -14.06 -24.06 -3.22
N GLN A 288 -15.21 -24.44 -3.76
CA GLN A 288 -16.48 -24.27 -3.07
C GLN A 288 -17.22 -25.61 -3.02
N ILE A 289 -17.96 -25.82 -1.92
CA ILE A 289 -18.92 -26.92 -1.86
C ILE A 289 -20.35 -26.35 -1.99
N ALA A 290 -21.03 -26.74 -3.07
CA ALA A 290 -22.40 -26.26 -3.33
C ALA A 290 -23.40 -27.39 -3.10
N CYS A 291 -24.37 -27.13 -2.25
CA CYS A 291 -25.48 -28.02 -1.98
C CYS A 291 -26.72 -27.26 -2.40
N GLY A 292 -27.17 -27.58 -3.62
CA GLY A 292 -28.19 -26.79 -4.34
C GLY A 292 -28.67 -25.49 -3.70
N ARG A 294 -26.81 -23.36 -2.64
CA ARG A 294 -26.05 -22.58 -1.66
C ARG A 294 -24.63 -23.10 -1.57
N ILE A 295 -23.69 -22.19 -1.32
CA ILE A 295 -22.28 -22.53 -1.16
C ILE A 295 -22.11 -22.71 0.32
N VAL A 296 -22.07 -23.97 0.78
CA VAL A 296 -21.98 -24.21 2.22
C VAL A 296 -20.56 -23.97 2.78
N ALA A 297 -19.55 -24.12 1.91
CA ALA A 297 -18.13 -24.05 2.31
C ALA A 297 -17.29 -23.58 1.15
N GLU A 298 -16.28 -22.75 1.45
CA GLU A 298 -15.35 -22.28 0.43
C GLU A 298 -13.98 -22.04 1.08
N GLN A 299 -12.92 -22.30 0.32
CA GLN A 299 -11.56 -22.06 0.75
C GLN A 299 -10.74 -21.74 -0.51
N SER A 300 -9.95 -20.67 -0.39
CA SER A 300 -9.09 -20.24 -1.47
CA SER A 300 -9.10 -20.11 -1.44
C SER A 300 -7.62 -20.14 -1.04
N HIS A 301 -6.75 -20.21 -2.03
CA HIS A 301 -5.29 -20.05 -1.83
C HIS A 301 -4.77 -19.21 -2.97
N ARG A 302 -3.83 -18.34 -2.66
CA ARG A 302 -3.02 -17.77 -3.72
C ARG A 302 -1.95 -18.80 -4.11
N ILE A 303 -1.79 -19.05 -5.41
CA ILE A 303 -0.91 -20.11 -5.95
C ILE A 303 0.08 -19.60 -6.97
N GLY A 304 1.35 -19.94 -6.78
CA GLY A 304 2.38 -19.52 -7.66
C GLY A 304 2.83 -20.71 -8.45
N LEU A 305 2.87 -20.55 -9.78
CA LEU A 305 3.23 -21.67 -10.65
C LEU A 305 4.69 -21.63 -11.03
N ARG A 306 5.47 -22.55 -10.46
CA ARG A 306 6.90 -22.57 -10.61
C ARG A 306 7.39 -23.94 -10.20
N THR A 307 8.60 -24.27 -10.64
CA THR A 307 9.35 -25.42 -10.09
C THR A 307 10.46 -24.88 -9.22
N ILE A 308 10.64 -25.57 -8.09
CA ILE A 308 11.82 -25.40 -7.24
C ILE A 308 12.44 -26.78 -6.99
N ARG A 309 13.67 -26.94 -7.45
CA ARG A 309 14.46 -28.15 -7.15
C ARG A 309 15.67 -27.79 -6.30
N VAL A 310 15.88 -28.48 -5.18
CA VAL A 310 17.17 -28.37 -4.47
C VAL A 310 18.09 -29.49 -4.98
N VAL A 311 19.24 -29.08 -5.52
CA VAL A 311 20.19 -30.03 -6.10
C VAL A 311 21.28 -30.23 -5.08
N ASN A 312 21.38 -31.47 -4.59
CA ASN A 312 22.33 -31.82 -3.51
C ASN A 312 22.90 -33.20 -3.96
N GLU A 313 23.94 -33.13 -4.79
CA GLU A 313 24.55 -34.27 -5.49
C GLU A 313 26.07 -34.30 -5.31
N LYS A 314 26.62 -35.49 -5.14
CA LYS A 314 28.08 -35.67 -5.20
C LYS A 314 28.60 -35.07 -6.51
N ASP A 315 29.72 -34.36 -6.43
CA ASP A 315 30.39 -33.81 -7.60
C ASP A 315 31.88 -33.73 -7.30
N LYS A 316 32.68 -33.26 -8.26
CA LYS A 316 34.15 -33.26 -8.12
C LYS A 316 34.63 -32.40 -6.94
N ASP A 317 33.79 -31.47 -6.52
CA ASP A 317 34.14 -30.61 -5.42
C ASP A 317 33.68 -31.07 -4.02
N GLY A 318 32.85 -32.13 -4.01
CA GLY A 318 32.33 -32.72 -2.77
C GLY A 318 30.86 -33.07 -2.96
N GLU A 319 29.99 -32.28 -2.33
CA GLU A 319 28.53 -32.35 -2.59
C GLU A 319 27.95 -30.93 -2.74
N SER A 320 27.30 -30.69 -3.89
CA SER A 320 26.74 -29.39 -4.19
C SER A 320 25.53 -29.15 -3.31
N PHE A 321 25.09 -27.89 -3.28
CA PHE A 321 23.87 -27.57 -2.54
C PHE A 321 23.36 -26.30 -3.13
N TYR A 322 22.39 -26.41 -4.02
CA TYR A 322 21.86 -25.21 -4.66
C TYR A 322 20.39 -25.32 -5.09
N PHE A 323 19.84 -24.17 -5.42
CA PHE A 323 18.46 -24.10 -5.78
C PHE A 323 18.36 -23.81 -7.26
N GLU A 324 17.50 -24.59 -7.90
CA GLU A 324 17.12 -24.41 -9.30
CA GLU A 324 17.13 -24.40 -9.30
C GLU A 324 15.67 -23.92 -9.37
N VAL A 325 15.45 -22.72 -9.91
CA VAL A 325 14.09 -22.14 -9.95
C VAL A 325 13.63 -21.95 -11.41
N ASN A 326 12.49 -22.56 -11.74
CA ASN A 326 12.00 -22.57 -13.13
C ASN A 326 13.07 -23.06 -14.08
N GLY A 327 13.83 -24.07 -13.65
CA GLY A 327 14.91 -24.66 -14.43
C GLY A 327 16.24 -23.91 -14.46
N ILE A 328 16.33 -22.79 -13.75
CA ILE A 328 17.55 -21.99 -13.78
C ILE A 328 18.20 -22.02 -12.39
N PRO A 329 19.47 -22.46 -12.29
CA PRO A 329 20.17 -22.37 -10.99
C PRO A 329 20.16 -20.92 -10.54
N MET A 330 19.74 -20.71 -9.29
CA MET A 330 19.58 -19.40 -8.71
C MET A 330 20.48 -19.26 -7.49
N PHE A 331 21.45 -18.35 -7.59
CA PHE A 331 22.31 -18.03 -6.47
C PHE A 331 21.44 -17.32 -5.41
N ALA A 332 21.42 -17.92 -4.23
CA ALA A 332 20.54 -17.48 -3.12
C ALA A 332 21.24 -16.36 -2.42
N LYS A 333 20.48 -15.31 -2.11
CA LYS A 333 20.97 -14.10 -1.41
C LYS A 333 19.95 -13.74 -0.31
N GLY A 334 20.34 -13.82 0.94
CA GLY A 334 19.37 -13.55 1.97
C GLY A 334 20.00 -13.57 3.30
N ALA A 335 19.21 -14.02 4.27
CA ALA A 335 19.57 -13.99 5.67
C ALA A 335 18.68 -14.96 6.47
N ASN A 336 19.14 -15.26 7.69
CA ASN A 336 18.40 -15.98 8.71
C ASN A 336 17.45 -15.05 9.46
N TYR A 337 16.20 -15.45 9.48
CA TYR A 337 15.14 -14.72 10.14
C TYR A 337 14.88 -15.34 11.53
N ILE A 338 14.74 -14.48 12.53
CA ILE A 338 14.40 -14.92 13.88
C ILE A 338 13.08 -14.25 14.29
N PRO A 339 12.45 -14.72 15.37
CA PRO A 339 11.20 -14.06 15.76
C PRO A 339 11.43 -12.56 15.98
N GLN A 340 10.44 -11.75 15.67
CA GLN A 340 10.59 -10.32 15.66
C GLN A 340 10.36 -9.70 17.01
N ASP A 341 9.97 -10.52 18.00
CA ASP A 341 9.70 -10.00 19.33
C ASP A 341 9.76 -11.16 20.33
N ALA A 342 10.23 -10.85 21.57
CA ALA A 342 10.05 -11.74 22.70
C ALA A 342 8.58 -12.15 22.93
N LEU A 343 7.66 -11.25 22.61
CA LEU A 343 6.23 -11.50 22.75
C LEU A 343 5.60 -11.55 21.35
N LEU A 344 5.43 -12.77 20.82
CA LEU A 344 4.99 -12.94 19.40
C LEU A 344 3.74 -12.16 18.90
N PRO A 345 2.63 -12.15 19.70
CA PRO A 345 1.43 -11.41 19.29
C PRO A 345 1.61 -9.90 19.22
N ASN A 346 2.68 -9.36 19.80
CA ASN A 346 2.99 -7.91 19.69
C ASN A 346 3.43 -7.46 18.26
N VAL A 347 3.90 -8.43 17.47
CA VAL A 347 4.35 -8.16 16.11
C VAL A 347 3.14 -7.93 15.21
N THR A 348 3.05 -6.73 14.66
CA THR A 348 1.86 -6.28 13.98
C THR A 348 1.96 -6.59 12.47
N THR A 349 0.84 -6.48 11.78
CA THR A 349 0.79 -6.62 10.33
C THR A 349 1.82 -5.69 9.69
N GLU A 350 1.82 -4.43 10.17
CA GLU A 350 2.71 -3.41 9.64
C GLU A 350 4.17 -3.84 9.75
N ARG A 351 4.52 -4.40 10.90
CA ARG A 351 5.89 -4.82 11.19
C ARG A 351 6.34 -5.95 10.27
N TYR A 352 5.46 -6.94 10.05
CA TYR A 352 5.69 -7.94 8.99
C TYR A 352 5.83 -7.32 7.57
N GLN A 353 4.94 -6.40 7.19
CA GLN A 353 5.05 -5.81 5.85
C GLN A 353 6.37 -5.03 5.70
N THR A 354 6.75 -4.27 6.72
CA THR A 354 8.03 -3.54 6.75
C THR A 354 9.25 -4.44 6.59
N LEU A 355 9.26 -5.58 7.30
CA LEU A 355 10.37 -6.55 7.23
C LEU A 355 10.53 -7.09 5.83
N PHE A 356 9.40 -7.34 5.15
CA PHE A 356 9.50 -7.84 3.80
C PHE A 356 9.98 -6.80 2.83
N ARG A 357 9.55 -5.57 3.06
CA ARG A 357 10.08 -4.44 2.31
C ARG A 357 11.61 -4.35 2.49
N ASP A 358 12.11 -4.52 3.71
CA ASP A 358 13.57 -4.51 3.99
C ASP A 358 14.32 -5.61 3.22
N MET A 359 13.73 -6.79 3.11
CA MET A 359 14.36 -7.90 2.42
C MET A 359 14.36 -7.66 0.91
N LYS A 360 13.19 -7.27 0.38
CA LYS A 360 13.05 -6.94 -1.05
C LYS A 360 14.00 -5.81 -1.48
N GLU A 361 14.05 -4.74 -0.70
CA GLU A 361 14.84 -3.59 -1.06
C GLU A 361 16.34 -3.88 -0.96
N ALA A 362 16.72 -4.89 -0.16
CA ALA A 362 18.09 -5.33 -0.12
C ALA A 362 18.42 -6.37 -1.18
N ASN A 363 17.54 -6.55 -2.19
CA ASN A 363 17.80 -7.49 -3.29
C ASN A 363 17.84 -8.97 -2.91
N MET A 364 17.21 -9.32 -1.80
CA MET A 364 17.24 -10.68 -1.33
C MET A 364 16.22 -11.51 -2.11
N ASN A 365 16.49 -12.81 -2.23
CA ASN A 365 15.59 -13.75 -2.89
C ASN A 365 15.31 -14.98 -1.99
N MET A 366 15.86 -14.98 -0.77
CA MET A 366 15.66 -16.11 0.14
C MET A 366 15.73 -15.65 1.61
N VAL A 367 14.86 -16.23 2.46
CA VAL A 367 14.96 -16.08 3.95
C VAL A 367 14.91 -17.48 4.58
N ARG A 368 15.83 -17.77 5.51
CA ARG A 368 15.73 -18.97 6.31
C ARG A 368 14.95 -18.70 7.60
N ILE A 369 13.85 -19.45 7.78
CA ILE A 369 13.11 -19.38 9.04
C ILE A 369 13.78 -20.40 9.98
N TRP A 370 14.68 -19.87 10.79
CA TRP A 370 15.64 -20.65 11.55
C TRP A 370 14.92 -21.36 12.74
N GLY A 371 15.37 -22.56 13.05
CA GLY A 371 14.67 -23.56 13.90
C GLY A 371 14.54 -23.35 15.41
N GLY A 372 14.92 -22.18 15.93
CA GLY A 372 14.65 -21.87 17.34
C GLY A 372 13.55 -20.86 17.55
N GLY A 373 12.77 -20.56 16.51
CA GLY A 373 11.69 -19.60 16.65
C GLY A 373 10.30 -20.25 16.62
N THR A 374 9.48 -19.87 15.65
CA THR A 374 8.21 -20.54 15.36
C THR A 374 8.05 -20.83 13.87
N TYR A 375 7.13 -21.74 13.53
CA TYR A 375 6.62 -21.82 12.16
C TYR A 375 5.81 -20.55 12.03
N GLU A 376 6.19 -19.69 11.10
CA GLU A 376 5.64 -18.37 11.15
C GLU A 376 4.14 -18.32 10.83
N ASN A 377 3.56 -17.14 11.01
CA ASN A 377 2.14 -17.01 10.77
C ASN A 377 1.84 -16.99 9.25
N ASN A 378 0.58 -17.16 8.87
CA ASN A 378 0.21 -17.20 7.44
C ASN A 378 0.59 -15.92 6.68
N LEU A 379 0.47 -14.78 7.36
CA LEU A 379 0.84 -13.50 6.79
C LEU A 379 2.30 -13.49 6.32
N PHE A 380 3.21 -13.99 7.16
CA PHE A 380 4.64 -14.07 6.83
C PHE A 380 4.84 -14.72 5.45
N TYR A 381 4.28 -15.91 5.27
CA TYR A 381 4.36 -16.66 4.01
C TYR A 381 3.63 -15.99 2.82
N ASP A 382 2.48 -15.39 3.11
CA ASP A 382 1.76 -14.62 2.09
C ASP A 382 2.66 -13.51 1.52
N LEU A 383 3.35 -12.79 2.40
CA LEU A 383 4.26 -11.69 2.00
C LEU A 383 5.46 -12.21 1.23
N ALA A 384 6.03 -13.35 1.65
CA ALA A 384 7.10 -14.00 0.89
C ALA A 384 6.64 -14.35 -0.51
N ASP A 385 5.42 -14.93 -0.63
CA ASP A 385 4.75 -15.19 -1.93
C ASP A 385 4.73 -13.92 -2.78
N GLU A 386 4.18 -12.84 -2.25
CA GLU A 386 4.00 -11.66 -3.09
C GLU A 386 5.26 -10.79 -3.28
N ASN A 387 6.33 -11.06 -2.54
CA ASN A 387 7.61 -10.41 -2.74
C ASN A 387 8.66 -11.28 -3.45
N GLY A 388 8.30 -12.50 -3.83
CA GLY A 388 9.22 -13.35 -4.58
C GLY A 388 10.41 -13.84 -3.74
N ILE A 389 10.19 -14.07 -2.45
CA ILE A 389 11.29 -14.50 -1.59
C ILE A 389 11.09 -15.96 -1.27
N LEU A 390 12.08 -16.78 -1.61
CA LEU A 390 12.05 -18.21 -1.26
C LEU A 390 12.18 -18.42 0.22
N VAL A 391 11.50 -19.45 0.74
CA VAL A 391 11.53 -19.72 2.14
C VAL A 391 12.17 -21.05 2.45
N TRP A 392 13.25 -21.01 3.24
CA TRP A 392 13.87 -22.23 3.80
C TRP A 392 13.30 -22.42 5.24
N GLN A 393 12.49 -23.45 5.46
CA GLN A 393 11.77 -23.66 6.71
C GLN A 393 12.42 -24.73 7.54
N ASP A 394 13.03 -24.34 8.64
CA ASP A 394 13.47 -25.34 9.61
C ASP A 394 12.22 -25.80 10.38
N PHE A 395 12.24 -27.07 10.80
CA PHE A 395 11.43 -27.50 11.93
C PHE A 395 12.04 -26.88 13.20
N MET A 396 11.23 -26.73 14.25
CA MET A 396 11.61 -25.96 15.43
C MET A 396 12.41 -26.78 16.45
N PHE A 397 13.60 -27.20 16.01
CA PHE A 397 14.59 -27.88 16.83
C PHE A 397 15.97 -27.18 16.61
N ALA A 398 16.64 -26.76 17.69
CA ALA A 398 17.89 -25.97 17.49
C ALA A 398 18.90 -26.20 18.61
N CYS A 399 20.10 -26.64 18.22
CA CYS A 399 21.35 -26.63 19.04
C CYS A 399 21.51 -27.62 20.17
N THR A 400 20.52 -28.46 20.38
CA THR A 400 20.62 -29.49 21.42
C THR A 400 20.01 -30.76 20.89
N PRO A 401 20.54 -31.93 21.28
CA PRO A 401 19.68 -33.07 20.99
C PRO A 401 18.35 -32.93 21.79
N TYR A 402 17.31 -33.62 21.32
CA TYR A 402 15.97 -33.62 21.95
C TYR A 402 15.57 -35.04 22.36
N PRO A 403 14.56 -35.17 23.25
CA PRO A 403 14.01 -36.50 23.57
C PRO A 403 13.51 -37.16 22.31
N SER A 404 13.29 -38.47 22.34
CA SER A 404 12.75 -39.19 21.20
C SER A 404 11.87 -40.33 21.68
N ASP A 405 11.30 -40.18 22.87
CA ASP A 405 10.36 -41.15 23.38
C ASP A 405 9.07 -41.13 22.57
N PRO A 406 8.31 -42.24 22.61
CA PRO A 406 7.17 -42.31 21.70
C PRO A 406 6.17 -41.19 21.87
N THR A 407 5.85 -40.81 23.10
CA THR A 407 4.84 -39.75 23.20
C THR A 407 5.35 -38.35 22.78
N PHE A 408 6.64 -38.08 22.99
CA PHE A 408 7.22 -36.84 22.49
C PHE A 408 7.15 -36.83 20.95
N LEU A 409 7.46 -37.95 20.34
CA LEU A 409 7.47 -38.05 18.88
C LEU A 409 6.07 -38.00 18.28
N LYS A 410 5.08 -38.47 19.03
CA LYS A 410 3.69 -38.30 18.59
C LYS A 410 3.29 -36.85 18.60
N ARG A 411 3.73 -36.10 19.61
CA ARG A 411 3.57 -34.62 19.70
CA ARG A 411 3.49 -34.66 19.65
C ARG A 411 4.20 -33.90 18.50
N VAL A 412 5.43 -34.31 18.16
CA VAL A 412 6.16 -33.68 17.06
C VAL A 412 5.45 -34.02 15.74
N GLU A 413 5.00 -35.27 15.60
CA GLU A 413 4.27 -35.65 14.39
C GLU A 413 3.02 -34.77 14.14
N ALA A 414 2.21 -34.57 15.19
CA ALA A 414 1.08 -33.61 15.17
C ALA A 414 1.47 -32.23 14.64
N GLU A 415 2.59 -31.69 15.13
CA GLU A 415 3.00 -30.36 14.71
C GLU A 415 3.52 -30.35 13.27
N ALA A 416 4.18 -31.43 12.85
CA ALA A 416 4.72 -31.53 11.49
C ALA A 416 3.58 -31.65 10.48
N VAL A 417 2.62 -32.54 10.74
CA VAL A 417 1.47 -32.62 9.83
C VAL A 417 0.69 -31.29 9.78
N TYR A 418 0.42 -30.70 10.94
CA TYR A 418 -0.30 -29.40 10.97
C TYR A 418 0.41 -28.33 10.13
N ASN A 419 1.69 -28.08 10.41
CA ASN A 419 2.35 -26.99 9.70
C ASN A 419 2.69 -27.33 8.24
N ILE A 420 3.00 -28.61 7.93
CA ILE A 420 3.20 -28.93 6.54
C ILE A 420 1.92 -28.63 5.75
N ARG A 421 0.77 -29.12 6.20
CA ARG A 421 -0.49 -28.84 5.47
C ARG A 421 -0.87 -27.36 5.47
N ARG A 422 -0.56 -26.67 6.56
CA ARG A 422 -0.75 -25.21 6.63
C ARG A 422 0.07 -24.45 5.59
N LEU A 423 1.29 -24.94 5.29
CA LEU A 423 2.26 -24.12 4.56
C LEU A 423 2.49 -24.57 3.11
N ARG A 424 1.98 -25.75 2.76
CA ARG A 424 2.42 -26.40 1.51
C ARG A 424 1.81 -25.83 0.24
N ASN A 425 0.91 -24.87 0.38
CA ASN A 425 0.38 -24.13 -0.79
C ASN A 425 1.10 -22.83 -1.14
N HIS A 426 2.13 -22.48 -0.40
CA HIS A 426 2.81 -21.20 -0.65
C HIS A 426 3.87 -21.36 -1.70
N ALA A 427 3.75 -20.53 -2.75
CA ALA A 427 4.73 -20.48 -3.84
C ALA A 427 6.16 -20.34 -3.28
N SER A 428 6.26 -19.58 -2.20
CA SER A 428 7.54 -19.25 -1.55
C SER A 428 8.24 -20.40 -0.82
N LEU A 429 7.46 -21.38 -0.35
CA LEU A 429 8.05 -22.48 0.42
C LEU A 429 8.91 -23.32 -0.52
N ALA A 430 10.20 -23.44 -0.18
CA ALA A 430 11.23 -24.01 -1.04
C ALA A 430 11.86 -25.27 -0.48
N MET A 431 11.96 -25.38 0.84
CA MET A 431 12.51 -26.61 1.45
C MET A 431 12.22 -26.72 2.93
N TRP A 432 12.46 -27.92 3.48
CA TRP A 432 12.30 -28.22 4.89
C TRP A 432 13.66 -28.67 5.43
N CYS A 433 13.99 -28.22 6.63
CA CYS A 433 15.26 -28.62 7.26
C CYS A 433 14.98 -29.15 8.67
N GLY A 434 15.42 -30.38 8.95
CA GLY A 434 15.02 -31.02 10.23
C GLY A 434 15.36 -30.22 11.48
N ASN A 435 16.51 -29.55 11.49
CA ASN A 435 16.93 -28.81 12.68
C ASN A 435 18.10 -27.89 12.35
N ASN A 436 18.45 -27.03 13.32
CA ASN A 436 19.62 -26.21 13.28
C ASN A 436 20.68 -26.79 14.21
N GLU A 437 21.79 -27.20 13.60
CA GLU A 437 23.06 -27.42 14.37
C GLU A 437 23.12 -28.62 15.30
N ILE A 438 22.11 -29.50 15.23
CA ILE A 438 22.06 -30.61 16.20
C ILE A 438 23.05 -31.72 15.87
N LEU A 439 23.20 -32.11 14.61
CA LEU A 439 24.22 -33.15 14.35
C LEU A 439 25.63 -32.56 14.60
N GLU A 440 25.86 -31.33 14.14
CA GLU A 440 27.12 -30.61 14.49
C GLU A 440 27.40 -30.64 16.00
N ALA A 441 26.37 -30.30 16.76
CA ALA A 441 26.41 -30.36 18.24
C ALA A 441 26.75 -31.73 18.78
N LEU A 442 26.12 -32.76 18.25
CA LEU A 442 26.38 -34.13 18.73
C LEU A 442 27.80 -34.62 18.42
N LYS A 443 28.32 -34.21 17.26
CA LYS A 443 29.65 -34.64 16.83
C LYS A 443 30.82 -33.87 17.47
N TYR A 444 30.66 -32.57 17.68
CA TYR A 444 31.79 -31.65 17.81
C TYR A 444 31.72 -30.73 19.01
N TRP A 445 30.65 -30.80 19.80
CA TRP A 445 30.50 -29.83 20.89
C TRP A 445 30.89 -30.39 22.25
N GLY A 446 31.51 -31.57 22.26
CA GLY A 446 32.10 -32.11 23.50
C GLY A 446 31.12 -32.79 24.44
N PHE A 447 29.98 -33.24 23.90
CA PHE A 447 29.00 -34.00 24.69
C PHE A 447 29.50 -35.36 25.20
N GLU A 448 30.32 -36.04 24.40
CA GLU A 448 30.88 -37.37 24.72
CA GLU A 448 30.81 -37.38 24.75
C GLU A 448 31.60 -37.39 26.07
N LYS A 449 32.00 -36.21 26.54
CA LYS A 449 32.66 -36.05 27.87
C LYS A 449 31.70 -35.53 28.96
N LYS A 450 30.47 -35.19 28.58
CA LYS A 450 29.49 -34.60 29.48
C LYS A 450 28.43 -35.61 29.99
N PHE A 451 28.40 -36.80 29.36
CA PHE A 451 27.40 -37.83 29.62
C PHE A 451 28.05 -39.17 29.61
N THR A 452 27.35 -40.16 30.15
CA THR A 452 27.84 -41.55 30.10
C THR A 452 27.78 -42.04 28.66
N PRO A 453 28.52 -43.12 28.33
CA PRO A 453 28.43 -43.68 26.99
C PRO A 453 27.02 -44.10 26.63
N GLU A 454 26.32 -44.76 27.54
CA GLU A 454 25.00 -45.26 27.22
C GLU A 454 24.00 -44.12 26.88
N VAL A 455 24.08 -43.01 27.62
CA VAL A 455 23.24 -41.82 27.42
C VAL A 455 23.61 -41.14 26.09
N TYR A 456 24.91 -41.06 25.79
CA TYR A 456 25.33 -40.56 24.50
C TYR A 456 24.84 -41.43 23.34
N GLN A 457 24.93 -42.75 23.45
CA GLN A 457 24.36 -43.64 22.46
C GLN A 457 22.84 -43.39 22.32
N GLY A 458 22.19 -43.18 23.47
CA GLY A 458 20.76 -42.89 23.48
C GLY A 458 20.43 -41.64 22.69
N LEU A 459 21.25 -40.61 22.84
CA LEU A 459 21.07 -39.35 22.14
C LEU A 459 21.28 -39.52 20.63
N MET A 460 22.30 -40.31 20.25
CA MET A 460 22.62 -40.52 18.82
C MET A 460 21.52 -41.28 18.13
N HIS A 461 20.98 -42.27 18.82
CA HIS A 461 19.87 -43.03 18.27
C HIS A 461 18.60 -42.20 18.23
N GLY A 462 18.40 -41.33 19.22
CA GLY A 462 17.25 -40.38 19.27
C GLY A 462 17.24 -39.37 18.13
N TYR A 463 18.44 -38.95 17.72
CA TYR A 463 18.61 -38.06 16.59
C TYR A 463 18.01 -38.70 15.32
N ASP A 464 18.40 -39.94 15.06
CA ASP A 464 17.93 -40.65 13.87
C ASP A 464 16.40 -40.86 13.86
N LYS A 465 15.84 -41.24 15.00
CA LYS A 465 14.40 -41.48 15.11
C LYS A 465 13.61 -40.25 14.65
N LEU A 466 14.12 -39.08 14.98
CA LEU A 466 13.35 -37.89 14.76
C LEU A 466 13.71 -37.25 13.41
N PHE A 467 15.01 -37.06 13.20
CA PHE A 467 15.46 -36.25 12.09
C PHE A 467 15.79 -37.07 10.84
N ARG A 468 16.01 -38.39 10.99
CA ARG A 468 16.26 -39.27 9.81
C ARG A 468 15.09 -40.22 9.50
N GLU A 469 14.06 -40.21 10.34
CA GLU A 469 12.89 -41.09 10.13
C GLU A 469 11.58 -40.29 10.19
N LEU A 470 11.18 -39.86 11.38
CA LEU A 470 9.86 -39.19 11.53
C LEU A 470 9.72 -38.01 10.61
N LEU A 471 10.63 -37.03 10.73
CA LEU A 471 10.44 -35.79 9.94
C LEU A 471 10.52 -36.01 8.42
N PRO A 472 11.60 -36.69 7.92
CA PRO A 472 11.60 -36.95 6.49
C PRO A 472 10.38 -37.77 5.97
N SER A 473 9.89 -38.75 6.70
CA SER A 473 8.70 -39.53 6.22
CA SER A 473 8.71 -39.52 6.23
C SER A 473 7.46 -38.65 6.20
N THR A 474 7.37 -37.72 7.16
CA THR A 474 6.20 -36.83 7.25
C THR A 474 6.19 -35.89 6.04
N VAL A 475 7.37 -35.40 5.65
CA VAL A 475 7.51 -34.55 4.45
C VAL A 475 7.22 -35.38 3.21
N LYS A 476 7.74 -36.59 3.18
CA LYS A 476 7.54 -37.43 1.99
C LYS A 476 6.03 -37.66 1.81
N GLU A 477 5.31 -37.81 2.92
CA GLU A 477 3.86 -38.04 2.85
C GLU A 477 3.07 -36.79 2.44
N PHE A 478 3.35 -35.66 3.08
CA PHE A 478 2.48 -34.50 2.95
C PHE A 478 3.00 -33.38 2.05
N ASP A 479 4.26 -33.47 1.66
CA ASP A 479 4.88 -32.47 0.79
C ASP A 479 5.92 -33.15 -0.11
N SER A 480 5.43 -34.08 -0.94
CA SER A 480 6.31 -35.07 -1.55
C SER A 480 7.23 -34.50 -2.61
N ASP A 481 6.95 -33.30 -3.09
CA ASP A 481 7.77 -32.68 -4.14
C ASP A 481 8.72 -31.61 -3.55
N ARG A 482 8.80 -31.51 -2.21
CA ARG A 482 9.69 -30.50 -1.64
C ARG A 482 10.85 -31.20 -0.97
N PHE A 483 12.03 -30.57 -1.06
CA PHE A 483 13.29 -31.08 -0.45
C PHE A 483 13.27 -31.06 1.07
N TYR A 484 13.86 -32.10 1.65
CA TYR A 484 14.11 -32.14 3.07
C TYR A 484 15.57 -32.46 3.28
N VAL A 485 16.20 -31.85 4.29
CA VAL A 485 17.54 -32.27 4.73
C VAL A 485 17.51 -32.34 6.25
N HIS A 486 18.21 -33.32 6.83
CA HIS A 486 18.03 -33.56 8.26
C HIS A 486 18.51 -32.46 9.24
N SER A 487 19.48 -31.63 8.83
CA SER A 487 20.12 -30.65 9.69
C SER A 487 20.85 -29.65 8.83
N SER A 488 21.03 -28.45 9.38
CA SER A 488 21.84 -27.38 8.84
C SER A 488 22.86 -26.98 9.90
N PRO A 489 24.15 -27.09 9.60
CA PRO A 489 24.79 -27.63 8.40
C PRO A 489 24.73 -29.16 8.46
N TYR A 490 24.55 -29.83 7.34
CA TYR A 490 24.40 -31.27 7.43
C TYR A 490 25.67 -32.09 7.63
N LEU A 491 26.79 -31.56 7.15
CA LEU A 491 28.10 -32.25 7.29
C LEU A 491 29.27 -31.28 7.57
N ALA A 492 29.29 -30.15 6.86
CA ALA A 492 30.41 -29.23 6.98
C ALA A 492 30.49 -28.68 8.40
N ASN A 493 31.72 -28.58 8.89
CA ASN A 493 31.98 -27.96 10.18
C ASN A 493 33.07 -26.89 9.98
N TRP A 494 32.96 -25.77 10.70
CA TRP A 494 33.80 -24.60 10.40
C TRP A 494 35.29 -24.83 10.75
N GLY A 495 35.54 -25.77 11.67
CA GLY A 495 36.90 -26.11 12.17
C GLY A 495 37.59 -27.16 11.29
N ARG A 496 36.90 -27.66 10.27
CA ARG A 496 37.41 -28.80 9.48
C ARG A 496 37.30 -28.54 7.98
N PRO A 497 38.36 -27.92 7.37
CA PRO A 497 38.44 -27.54 5.94
C PRO A 497 38.13 -28.67 5.02
N GLU A 498 38.47 -29.89 5.43
CA GLU A 498 38.16 -31.10 4.63
C GLU A 498 36.65 -31.30 4.29
N SER A 499 35.78 -30.75 5.16
CA SER A 499 34.34 -30.92 5.08
C SER A 499 33.67 -29.76 4.34
N TRP A 500 34.39 -28.67 4.07
CA TRP A 500 33.77 -27.46 3.51
C TRP A 500 33.20 -27.62 2.10
N GLY A 501 33.66 -28.65 1.37
CA GLY A 501 33.15 -28.92 0.04
C GLY A 501 31.89 -29.78 0.06
N THR A 502 31.36 -30.03 1.25
CA THR A 502 30.25 -30.99 1.40
C THR A 502 28.99 -30.30 1.93
N GLY A 503 28.07 -29.96 1.02
CA GLY A 503 26.86 -29.26 1.43
C GLY A 503 27.04 -27.89 2.01
N ASP A 504 26.13 -27.53 2.94
CA ASP A 504 26.05 -26.17 3.43
C ASP A 504 26.96 -25.93 4.66
N SER A 505 27.39 -24.68 4.82
CA SER A 505 28.25 -24.31 5.97
C SER A 505 27.62 -23.27 6.86
N HIS A 506 27.83 -23.42 8.17
CA HIS A 506 27.77 -22.34 9.13
C HIS A 506 29.21 -21.96 9.51
N ASN A 507 29.80 -21.06 8.74
CA ASN A 507 31.19 -20.66 9.00
C ASN A 507 31.27 -19.68 10.15
N TRP A 508 31.50 -20.20 11.35
CA TRP A 508 31.68 -19.35 12.53
C TRP A 508 33.18 -19.20 12.87
N GLY A 509 34.02 -19.42 11.86
CA GLY A 509 35.44 -19.07 11.92
C GLY A 509 35.59 -17.57 12.17
N VAL A 510 34.84 -16.78 11.40
CA VAL A 510 34.70 -15.37 11.67
C VAL A 510 33.74 -15.32 12.85
N TRP A 511 34.07 -14.47 13.80
CA TRP A 511 33.41 -14.39 15.14
C TRP A 511 34.02 -15.41 16.11
N TYR A 512 33.43 -16.61 16.29
CA TYR A 512 33.99 -17.55 17.29
C TYR A 512 35.44 -18.03 17.05
N GLY A 513 35.83 -18.30 15.82
CA GLY A 513 37.23 -18.69 15.61
C GLY A 513 38.16 -17.52 15.42
N LYS A 514 37.65 -16.30 15.58
CA LYS A 514 38.41 -15.04 15.49
C LYS A 514 39.12 -14.74 14.17
N LYS A 515 38.77 -15.46 13.12
CA LYS A 515 39.39 -15.30 11.82
C LYS A 515 39.09 -13.92 11.26
N PRO A 516 40.08 -13.33 10.56
CA PRO A 516 39.90 -12.01 9.95
C PRO A 516 38.84 -12.13 8.86
N PHE A 517 38.11 -11.05 8.55
CA PHE A 517 37.14 -11.11 7.42
C PHE A 517 37.76 -11.61 6.11
N GLU A 518 39.05 -11.35 5.95
CA GLU A 518 39.75 -11.76 4.73
C GLU A 518 39.76 -13.29 4.59
N SER A 519 39.58 -14.00 5.72
CA SER A 519 39.46 -15.46 5.64
C SER A 519 38.26 -15.91 4.80
N LEU A 520 37.26 -15.03 4.59
CA LEU A 520 36.06 -15.41 3.83
C LEU A 520 36.41 -15.54 2.36
N ASP A 521 37.56 -15.01 1.97
CA ASP A 521 38.00 -15.09 0.57
C ASP A 521 38.58 -16.47 0.26
N THR A 522 39.17 -17.11 1.27
CA THR A 522 39.78 -18.40 1.06
C THR A 522 38.98 -19.59 1.57
N ASP A 523 38.15 -19.35 2.61
CA ASP A 523 37.46 -20.43 3.31
C ASP A 523 36.01 -20.52 2.78
N LEU A 524 35.88 -21.20 1.66
CA LEU A 524 34.67 -21.06 0.89
C LEU A 524 33.75 -22.23 1.04
N PRO A 525 32.43 -21.96 1.12
CA PRO A 525 31.46 -23.05 1.22
C PRO A 525 30.77 -23.37 -0.13
N ARG A 526 30.05 -24.49 -0.21
CA ARG A 526 29.19 -24.80 -1.38
C ARG A 526 27.91 -24.00 -1.31
N PHE A 527 27.56 -23.64 -0.08
CA PHE A 527 26.43 -22.79 0.24
C PHE A 527 26.63 -22.32 1.69
N MET A 528 26.62 -21.01 1.91
CA MET A 528 26.71 -20.45 3.25
C MET A 528 25.30 -20.24 3.86
N SER A 529 24.86 -21.14 4.74
CA SER A 529 23.52 -20.98 5.42
C SER A 529 23.59 -20.17 6.72
N GLU A 530 24.83 -20.02 7.23
CA GLU A 530 25.09 -19.03 8.28
C GLU A 530 26.51 -18.53 8.27
N PHE A 531 26.69 -17.21 8.42
CA PHE A 531 27.95 -16.62 8.91
C PHE A 531 27.59 -15.23 9.45
N GLY A 532 28.38 -14.68 10.37
CA GLY A 532 27.92 -13.46 10.96
C GLY A 532 28.92 -12.69 11.79
N PHE A 533 28.54 -11.47 12.14
CA PHE A 533 29.39 -10.66 12.98
C PHE A 533 28.49 -9.69 13.72
N GLN A 534 28.78 -9.49 15.00
CA GLN A 534 27.93 -8.66 15.85
C GLN A 534 28.21 -7.17 15.74
N SER A 535 27.19 -6.38 16.08
CA SER A 535 27.35 -4.97 16.39
C SER A 535 26.38 -4.47 17.45
N PHE A 536 26.82 -3.49 18.23
CA PHE A 536 25.93 -2.67 19.04
C PHE A 536 24.98 -1.98 18.07
N PRO A 537 23.68 -1.95 18.39
CA PRO A 537 22.80 -1.07 17.61
C PRO A 537 23.08 0.42 17.84
N GLU A 538 22.55 1.29 16.97
CA GLU A 538 22.85 2.73 17.05
C GLU A 538 22.31 3.32 18.34
N MET A 539 22.72 4.56 18.62
CA MET A 539 22.47 5.17 19.91
C MET A 539 20.99 5.34 20.28
N LYS A 540 20.13 5.64 19.31
CA LYS A 540 18.73 5.83 19.67
C LYS A 540 18.12 4.53 20.24
N THR A 541 18.65 3.39 19.80
CA THR A 541 18.25 2.06 20.31
C THR A 541 18.87 1.77 21.68
N ILE A 542 20.18 2.03 21.81
CA ILE A 542 20.85 2.00 23.11
C ILE A 542 20.10 2.83 24.13
N ALA A 543 19.76 4.06 23.79
CA ALA A 543 18.97 4.93 24.67
C ALA A 543 17.60 4.35 25.03
N ALA A 544 17.19 3.26 24.35
CA ALA A 544 15.95 2.59 24.73
C ALA A 544 16.13 1.57 25.87
N PHE A 545 17.40 1.15 26.04
N PHE A 545 17.28 0.95 26.05
CA PHE A 545 17.84 0.04 26.94
CA PHE A 545 17.34 0.10 27.21
C PHE A 545 19.06 0.26 27.89
C PHE A 545 18.10 0.76 28.34
N ALA A 546 19.73 1.41 27.81
N ALA A 546 18.40 2.03 28.17
CA ALA A 546 20.88 1.67 28.68
CA ALA A 546 19.35 2.69 29.05
C ALA A 546 20.93 3.15 29.02
C ALA A 546 19.23 4.21 29.17
N ALA A 547 21.58 3.48 30.13
N ALA A 547 19.51 4.70 30.38
CA ALA A 547 21.79 4.86 30.58
CA ALA A 547 19.69 6.11 30.66
C ALA A 547 23.23 5.31 30.30
C ALA A 547 21.12 6.48 30.27
N PRO A 548 23.49 6.62 30.29
N PRO A 548 21.34 7.76 29.91
CA PRO A 548 24.88 7.05 30.05
CA PRO A 548 22.65 8.13 29.37
C PRO A 548 25.94 6.42 30.93
C PRO A 548 23.78 7.81 30.34
N GLU A 549 25.62 6.10 32.18
N GLU A 549 23.51 7.94 31.63
CA GLU A 549 26.56 5.47 33.10
CA GLU A 549 24.54 7.68 32.61
C GLU A 549 26.94 4.08 32.64
C GLU A 549 24.87 6.19 32.57
N ASP A 550 26.11 3.50 31.79
N ASP A 550 24.33 5.53 31.54
CA ASP A 550 26.29 2.11 31.39
CA ASP A 550 24.42 4.08 31.36
C ASP A 550 27.03 2.04 30.04
C ASP A 550 25.21 3.67 30.11
N TYR A 551 27.39 3.21 29.54
N TYR A 551 25.71 4.66 29.36
CA TYR A 551 28.09 3.32 28.26
CA TYR A 551 26.32 4.42 28.06
C TYR A 551 29.58 2.88 28.28
C TYR A 551 27.83 4.13 28.06
N GLN A 552 29.85 1.63 28.68
N GLN A 552 28.20 2.98 28.58
CA GLN A 552 31.19 1.04 28.46
CA GLN A 552 29.46 2.35 28.17
C GLN A 552 31.00 -0.34 27.82
C GLN A 552 29.27 0.87 27.91
N ILE A 553 31.95 -0.79 27.02
N ILE A 553 30.12 0.36 27.02
CA ILE A 553 31.76 -2.02 26.28
CA ILE A 553 30.06 -1.02 26.58
C ILE A 553 31.45 -3.24 27.15
C ILE A 553 29.74 -1.86 27.79
N GLU A 554 31.88 -3.26 28.42
N GLU A 554 30.41 -1.53 28.86
CA GLU A 554 31.62 -4.43 29.30
CA GLU A 554 30.05 -2.15 30.08
C GLU A 554 31.10 -4.09 30.71
C GLU A 554 29.44 -1.13 31.08
N SER A 555 30.24 -3.09 30.80
N SER A 555 28.12 -1.20 31.20
CA SER A 555 29.61 -2.76 32.09
CA SER A 555 27.39 -0.78 32.38
C SER A 555 28.54 -3.80 32.21
C SER A 555 26.58 -2.03 32.68
N GLU A 556 27.88 -3.80 33.36
N GLU A 556 25.96 -2.10 33.84
CA GLU A 556 26.94 -4.85 33.64
CA GLU A 556 25.19 -3.30 34.14
C GLU A 556 25.88 -4.84 32.55
C GLU A 556 24.02 -3.37 33.16
N VAL A 557 25.47 -3.65 32.17
N VAL A 557 23.26 -2.28 33.13
CA VAL A 557 24.33 -3.49 31.26
CA VAL A 557 22.18 -2.15 32.17
C VAL A 557 24.63 -3.94 29.84
C VAL A 557 22.66 -2.65 30.80
N MET A 558 25.78 -3.55 29.29
N MET A 558 23.88 -2.29 30.42
CA MET A 558 26.06 -4.02 27.94
CA MET A 558 24.36 -2.58 29.07
C MET A 558 26.20 -5.54 27.87
C MET A 558 24.55 -4.06 28.69
N ASN A 559 26.61 -6.16 28.98
N ASN A 559 25.04 -4.92 29.58
CA ASN A 559 27.19 -7.54 28.99
CA ASN A 559 25.48 -6.22 29.04
C ASN A 559 26.44 -8.91 28.89
C ASN A 559 25.08 -7.60 29.62
N ALA A 560 25.15 -9.06 29.14
N ALA A 560 23.92 -7.77 30.25
CA ALA A 560 24.19 -8.09 29.68
CA ALA A 560 22.79 -6.87 30.25
C ALA A 560 23.10 -7.98 28.65
C ALA A 560 22.00 -7.09 28.96
N HIS A 561 23.34 -7.12 27.68
N HIS A 561 22.46 -6.47 27.88
CA HIS A 561 22.64 -7.16 26.43
CA HIS A 561 21.89 -6.66 26.57
C HIS A 561 23.63 -7.77 25.47
C HIS A 561 22.91 -7.27 25.58
N GLN A 562 24.52 -8.55 26.05
N GLN A 562 23.51 -8.40 25.99
CA GLN A 562 25.37 -9.43 25.26
CA GLN A 562 24.58 -9.13 25.25
C GLN A 562 25.19 -10.83 25.74
C GLN A 562 24.59 -10.62 25.72
N LYS A 563 24.74 -11.65 24.82
CA LYS A 563 24.45 -13.05 25.16
C LYS A 563 25.34 -14.15 24.53
N SER A 564 26.34 -13.76 23.72
CA SER A 564 27.22 -14.77 23.08
C SER A 564 28.33 -15.15 24.07
N SER A 565 28.88 -16.35 23.87
CA SER A 565 29.87 -16.97 24.76
C SER A 565 31.26 -16.29 24.65
N ILE A 566 31.43 -15.43 23.66
CA ILE A 566 32.51 -14.44 23.64
C ILE A 566 31.86 -13.16 23.11
N GLY A 567 32.11 -11.99 23.71
CA GLY A 567 31.20 -10.89 23.38
C GLY A 567 31.69 -9.53 22.90
N ASN A 568 31.36 -8.53 23.69
CA ASN A 568 31.77 -7.14 23.42
C ASN A 568 33.27 -6.99 23.18
N SER A 569 34.08 -7.76 23.93
CA SER A 569 35.55 -7.77 23.73
C SER A 569 35.95 -8.18 22.31
N LEU A 570 35.26 -9.17 21.73
CA LEU A 570 35.54 -9.55 20.36
C LEU A 570 35.31 -8.40 19.41
N ILE A 571 34.31 -7.56 19.69
CA ILE A 571 34.05 -6.43 18.77
C ILE A 571 35.29 -5.51 18.78
N ARG A 572 35.81 -5.20 19.98
CA ARG A 572 37.03 -4.37 20.08
C ARG A 572 38.24 -5.01 19.38
N THR A 573 38.46 -6.31 19.61
CA THR A 573 39.53 -7.07 18.96
C THR A 573 39.49 -6.94 17.46
N TYR A 574 38.33 -7.15 16.84
CA TYR A 574 38.21 -7.03 15.42
C TYR A 574 38.32 -5.59 14.94
N MET A 575 37.72 -4.65 15.68
CA MET A 575 37.79 -3.21 15.35
C MET A 575 39.22 -2.70 15.19
N GLU A 576 40.06 -3.11 16.14
CA GLU A 576 41.45 -2.68 16.24
C GLU A 576 42.24 -3.13 15.02
N ARG A 577 41.84 -4.25 14.41
CA ARG A 577 42.50 -4.70 13.18
C ARG A 577 42.36 -3.74 12.03
N ASP A 578 41.31 -2.92 12.02
CA ASP A 578 40.97 -2.19 10.80
C ASP A 578 40.65 -0.71 11.00
N TYR A 579 40.47 -0.33 12.26
CA TYR A 579 40.04 1.02 12.60
C TYR A 579 40.80 1.46 13.82
N ILE A 580 40.89 2.76 13.97
CA ILE A 580 41.37 3.31 15.21
C ILE A 580 40.19 3.26 16.18
N ILE A 581 40.41 2.65 17.35
CA ILE A 581 39.34 2.53 18.34
C ILE A 581 39.02 3.91 18.95
N PRO A 582 37.76 4.38 18.76
CA PRO A 582 37.44 5.69 19.30
C PRO A 582 37.42 5.70 20.81
N GLU A 583 37.71 6.86 21.39
CA GLU A 583 37.67 7.03 22.82
C GLU A 583 36.27 7.19 23.41
N SER A 584 35.30 7.67 22.65
CA SER A 584 33.94 7.79 23.19
C SER A 584 33.07 6.61 22.79
N PHE A 585 32.12 6.32 23.68
CA PHE A 585 31.15 5.24 23.47
C PHE A 585 30.34 5.44 22.18
N GLU A 586 29.76 6.62 22.01
N GLU A 586 29.76 6.63 22.00
N GLU A 586 29.74 6.62 22.02
CA GLU A 586 28.95 6.90 20.81
CA GLU A 586 28.94 6.89 20.80
CA GLU A 586 28.96 6.93 20.80
C GLU A 586 29.77 6.72 19.53
C GLU A 586 29.76 6.78 19.50
C GLU A 586 29.79 6.68 19.55
N ASP A 587 31.02 7.16 19.55
CA ASP A 587 31.92 6.95 18.41
C ASP A 587 32.26 5.49 18.19
N PHE A 588 32.48 4.77 19.29
CA PHE A 588 32.75 3.34 19.24
C PHE A 588 31.52 2.60 18.63
N VAL A 589 30.32 2.95 19.08
CA VAL A 589 29.08 2.39 18.47
C VAL A 589 29.01 2.65 16.95
N TYR A 590 29.24 3.88 16.51
CA TYR A 590 29.27 4.21 15.05
C TYR A 590 30.27 3.39 14.22
N VAL A 591 31.51 3.30 14.69
CA VAL A 591 32.53 2.53 13.97
C VAL A 591 32.22 1.00 13.98
N GLY A 592 31.64 0.51 15.08
CA GLY A 592 31.25 -0.90 15.20
C GLY A 592 30.18 -1.23 14.16
N LEU A 593 29.29 -0.28 13.85
CA LEU A 593 28.33 -0.48 12.77
C LEU A 593 29.06 -0.55 11.42
N VAL A 594 29.94 0.41 11.18
CA VAL A 594 30.72 0.45 9.96
C VAL A 594 31.51 -0.85 9.82
N LEU A 595 32.23 -1.24 10.88
CA LEU A 595 32.98 -2.52 10.96
C LEU A 595 32.16 -3.76 10.52
N GLN A 596 31.04 -4.00 11.21
CA GLN A 596 30.17 -5.14 10.89
C GLN A 596 29.74 -5.05 9.41
N GLY A 597 29.34 -3.86 8.96
CA GLY A 597 29.00 -3.70 7.55
C GLY A 597 30.06 -4.04 6.54
N GLN A 598 31.29 -3.59 6.78
CA GLN A 598 32.38 -3.71 5.77
C GLN A 598 32.90 -5.12 5.74
N GLY A 599 33.10 -5.69 6.92
CA GLY A 599 33.59 -7.09 7.05
C GLY A 599 32.61 -8.11 6.50
N MET A 600 31.36 -8.00 6.94
CA MET A 600 30.31 -8.87 6.41
C MET A 600 30.11 -8.74 4.90
N ARG A 601 30.02 -7.54 4.33
CA ARG A 601 29.88 -7.44 2.88
C ARG A 601 31.07 -8.05 2.12
N HIS A 602 32.25 -7.99 2.74
CA HIS A 602 33.42 -8.66 2.13
C HIS A 602 33.15 -10.15 1.92
N GLY A 603 32.46 -10.79 2.88
CA GLY A 603 32.10 -12.21 2.74
C GLY A 603 31.04 -12.42 1.69
N LEU A 604 29.99 -11.59 1.74
CA LEU A 604 28.89 -11.69 0.77
C LEU A 604 29.41 -11.66 -0.67
N GLU A 605 30.31 -10.68 -0.91
CA GLU A 605 31.04 -10.52 -2.17
C GLU A 605 31.87 -11.77 -2.53
N ALA A 606 32.59 -12.33 -1.56
CA ALA A 606 33.40 -13.53 -1.79
C ALA A 606 32.55 -14.73 -2.22
N HIS A 607 31.37 -14.84 -1.61
CA HIS A 607 30.48 -15.94 -1.94
C HIS A 607 29.94 -15.77 -3.34
N ARG A 608 29.43 -14.60 -3.68
CA ARG A 608 28.96 -14.38 -5.07
C ARG A 608 30.11 -14.52 -6.10
N ARG A 609 31.27 -14.00 -5.73
CA ARG A 609 32.42 -13.99 -6.67
C ARG A 609 32.81 -15.41 -7.04
N ASN A 610 32.61 -16.33 -6.10
CA ASN A 610 33.02 -17.71 -6.23
C ASN A 610 31.94 -18.66 -6.65
N ARG A 611 30.91 -18.15 -7.32
CA ARG A 611 29.98 -18.96 -8.06
C ARG A 611 30.72 -19.54 -9.28
N PRO A 612 30.47 -20.82 -9.64
CA PRO A 612 29.46 -21.77 -9.10
C PRO A 612 29.86 -22.69 -7.95
N TYR A 613 31.12 -22.63 -7.51
CA TYR A 613 31.57 -23.41 -6.37
C TYR A 613 30.63 -23.13 -5.17
N CYS A 614 30.37 -21.84 -4.95
CA CYS A 614 29.41 -21.38 -3.93
C CYS A 614 28.14 -20.90 -4.65
N MET A 615 26.99 -21.36 -4.17
CA MET A 615 25.71 -21.07 -4.79
C MET A 615 24.73 -20.37 -3.82
N GLY A 616 25.23 -19.89 -2.69
CA GLY A 616 24.36 -19.02 -1.89
C GLY A 616 24.97 -18.51 -0.63
N THR A 617 24.42 -17.43 -0.13
CA THR A 617 24.85 -16.95 1.14
C THR A 617 23.64 -16.37 1.88
N LEU A 618 23.45 -16.84 3.11
CA LEU A 618 22.39 -16.36 4.00
C LEU A 618 23.10 -15.99 5.26
N TYR A 619 23.27 -14.68 5.50
CA TYR A 619 23.93 -14.31 6.75
C TYR A 619 23.06 -14.47 8.01
N ALA A 620 23.75 -14.75 9.14
CA ALA A 620 23.19 -14.67 10.44
C ALA A 620 23.46 -13.21 10.91
N GLN A 621 22.47 -12.34 11.05
CA GLN A 621 21.05 -12.63 10.96
C GLN A 621 20.32 -11.36 10.49
N LEU A 622 19.08 -11.50 10.06
CA LEU A 622 18.36 -10.35 9.54
C LEU A 622 18.02 -9.35 10.66
N ASN A 623 17.50 -9.88 11.77
CA ASN A 623 16.63 -9.09 12.65
C ASN A 623 16.83 -9.36 14.14
N ASP A 624 16.18 -8.55 14.98
CA ASP A 624 16.26 -8.74 16.43
C ASP A 624 14.90 -8.90 17.09
N SER A 625 14.85 -9.64 18.20
CA SER A 625 13.61 -9.82 18.99
C SER A 625 13.43 -8.83 20.14
N TRP A 626 14.52 -8.09 20.45
CA TRP A 626 14.56 -7.10 21.54
C TRP A 626 15.80 -6.21 21.34
N PRO A 627 15.92 -5.10 22.12
CA PRO A 627 17.14 -4.27 21.99
C PRO A 627 18.32 -5.01 22.56
N VAL A 628 19.33 -5.26 21.74
CA VAL A 628 20.42 -6.15 22.10
C VAL A 628 21.57 -5.89 21.11
N VAL A 629 22.76 -6.30 21.53
CA VAL A 629 23.96 -6.39 20.72
C VAL A 629 23.96 -7.74 20.00
N SER A 630 23.80 -7.74 18.69
CA SER A 630 23.67 -9.03 17.98
C SER A 630 24.29 -9.01 16.60
N TRP A 631 24.19 -10.15 15.92
CA TRP A 631 24.62 -10.29 14.57
C TRP A 631 23.63 -9.68 13.57
N SER A 632 22.55 -9.06 14.05
CA SER A 632 21.50 -8.54 13.16
C SER A 632 21.95 -7.42 12.24
N SER A 633 21.28 -7.30 11.09
CA SER A 633 21.49 -6.18 10.15
C SER A 633 20.42 -5.11 10.29
N ILE A 634 19.30 -5.44 10.94
CA ILE A 634 18.26 -4.43 11.30
C ILE A 634 17.94 -4.63 12.80
N ASP A 635 18.06 -3.56 13.60
CA ASP A 635 17.80 -3.67 15.05
C ASP A 635 16.30 -3.83 15.33
N TYR A 636 15.97 -4.02 16.61
CA TYR A 636 14.61 -4.26 17.06
C TYR A 636 13.62 -3.19 16.58
N TYR A 637 14.06 -1.91 16.54
CA TYR A 637 13.17 -0.81 16.14
C TYR A 637 13.04 -0.57 14.64
N GLY A 638 13.64 -1.47 13.87
CA GLY A 638 13.59 -1.44 12.40
C GLY A 638 14.67 -0.56 11.75
N ASN A 639 15.62 -0.09 12.54
CA ASN A 639 16.67 0.79 12.00
C ASN A 639 17.66 -0.08 11.27
N TRP A 640 17.89 0.25 10.00
CA TRP A 640 18.89 -0.45 9.19
C TRP A 640 20.24 -0.06 9.75
N LYS A 641 21.00 -1.07 10.14
CA LYS A 641 22.42 -0.91 10.42
C LYS A 641 23.16 -0.70 9.10
N ALA A 642 24.44 -0.34 9.20
CA ALA A 642 25.37 -0.40 8.04
C ALA A 642 25.27 -1.67 7.21
N LEU A 643 25.27 -2.78 7.93
CA LEU A 643 25.20 -4.09 7.28
C LEU A 643 24.00 -4.16 6.35
N HIS A 644 22.87 -3.57 6.70
CA HIS A 644 21.73 -3.71 5.79
C HIS A 644 21.98 -3.00 4.43
N TYR A 645 22.48 -1.78 4.49
CA TYR A 645 22.81 -1.05 3.25
C TYR A 645 23.90 -1.81 2.50
N GLN A 646 24.85 -2.43 3.22
CA GLN A 646 25.96 -3.15 2.57
C GLN A 646 25.47 -4.44 1.91
N ALA A 647 24.54 -5.12 2.60
CA ALA A 647 23.95 -6.33 2.00
C ALA A 647 23.21 -5.95 0.72
N LYS A 648 22.41 -4.89 0.76
CA LYS A 648 21.78 -4.34 -0.43
C LYS A 648 22.78 -4.20 -1.62
N ARG A 649 23.89 -3.52 -1.33
CA ARG A 649 24.94 -3.29 -2.31
C ARG A 649 25.60 -4.58 -2.79
N ALA A 650 25.96 -5.44 -1.87
CA ALA A 650 26.57 -6.71 -2.18
C ALA A 650 25.67 -7.66 -2.97
N PHE A 651 24.35 -7.48 -2.84
CA PHE A 651 23.36 -8.35 -3.52
C PHE A 651 22.77 -7.72 -4.77
N ALA A 652 23.19 -6.50 -5.09
CA ALA A 652 22.73 -5.87 -6.35
C ALA A 652 22.83 -6.85 -7.51
N PRO A 653 21.79 -6.88 -8.35
CA PRO A 653 21.80 -7.85 -9.47
C PRO A 653 23.09 -7.85 -10.31
N VAL A 654 23.67 -6.68 -10.51
CA VAL A 654 24.95 -6.51 -11.19
C VAL A 654 25.90 -5.77 -10.26
N LEU A 655 27.06 -6.38 -10.04
CA LEU A 655 28.02 -5.82 -9.11
C LEU A 655 29.42 -5.85 -9.70
N ILE A 656 30.09 -4.71 -9.62
CA ILE A 656 31.53 -4.62 -9.88
C ILE A 656 32.20 -4.95 -8.55
N ASN A 657 32.97 -6.03 -8.55
CA ASN A 657 33.70 -6.46 -7.36
C ASN A 657 35.25 -6.42 -7.56
N PRO A 658 35.88 -5.32 -7.13
CA PRO A 658 37.37 -5.22 -6.98
C PRO A 658 37.80 -5.96 -5.71
N ILE A 659 38.73 -6.89 -5.84
CA ILE A 659 39.26 -7.72 -4.74
C ILE A 659 40.80 -7.68 -4.79
N GLN A 660 41.40 -7.24 -3.69
CA GLN A 660 42.84 -7.03 -3.62
C GLN A 660 43.47 -8.03 -2.66
N GLN A 661 44.44 -8.78 -3.16
CA GLN A 661 45.15 -9.75 -2.33
C GLN A 661 46.58 -9.85 -2.86
N ASN A 662 47.52 -10.14 -1.96
CA ASN A 662 48.92 -10.36 -2.33
C ASN A 662 49.39 -9.19 -3.20
N ASP A 663 49.09 -7.97 -2.75
CA ASP A 663 49.55 -6.72 -3.36
C ASP A 663 49.11 -6.54 -4.85
N SER A 664 47.94 -7.08 -5.17
CA SER A 664 47.43 -7.05 -6.53
C SER A 664 45.90 -6.94 -6.62
N LEU A 665 45.41 -6.21 -7.63
CA LEU A 665 43.97 -5.98 -7.79
C LEU A 665 43.36 -6.81 -8.92
N SER A 666 42.33 -7.60 -8.59
CA SER A 666 41.38 -8.15 -9.61
C SER A 666 40.03 -7.44 -9.58
N VAL A 667 39.43 -7.28 -10.76
CA VAL A 667 38.05 -6.81 -10.80
C VAL A 667 37.16 -7.89 -11.44
N TYR A 668 36.12 -8.30 -10.70
CA TYR A 668 35.17 -9.25 -11.23
C TYR A 668 33.87 -8.53 -11.55
N LEU A 669 33.21 -8.98 -12.58
CA LEU A 669 31.86 -8.55 -12.89
C LEU A 669 30.93 -9.73 -12.55
N ILE A 670 29.97 -9.45 -11.68
CA ILE A 670 29.09 -10.48 -11.14
C ILE A 670 27.66 -10.09 -11.49
N SER A 671 26.96 -11.02 -12.14
CA SER A 671 25.58 -10.81 -12.58
C SER A 671 24.67 -11.95 -12.18
N ASP A 672 23.53 -11.60 -11.58
CA ASP A 672 22.39 -12.52 -11.36
C ASP A 672 21.22 -12.23 -12.32
N ARG A 673 21.48 -11.44 -13.36
CA ARG A 673 20.46 -11.15 -14.39
C ARG A 673 20.23 -12.40 -15.21
N LEU A 674 19.04 -12.51 -15.80
CA LEU A 674 18.69 -13.64 -16.62
C LEU A 674 19.13 -13.42 -18.07
N ASP A 675 19.45 -12.17 -18.43
CA ASP A 675 19.97 -11.87 -19.76
C ASP A 675 21.48 -11.54 -19.74
N THR A 676 22.19 -11.89 -20.82
CA THR A 676 23.59 -11.47 -21.00
C THR A 676 23.72 -9.98 -21.33
N MET A 677 24.74 -9.32 -20.77
CA MET A 677 25.08 -7.95 -21.14
C MET A 677 26.26 -7.97 -22.11
N GLU A 678 26.08 -7.34 -23.27
CA GLU A 678 27.11 -7.32 -24.34
C GLU A 678 27.71 -5.93 -24.58
N GLN A 679 28.92 -5.90 -25.15
CA GLN A 679 29.62 -4.64 -25.50
C GLN A 679 29.75 -3.66 -24.33
N MET A 680 30.22 -4.16 -23.18
CA MET A 680 30.29 -3.34 -21.98
C MET A 680 31.69 -2.78 -21.80
N THR A 681 31.76 -1.67 -21.07
CA THR A 681 33.00 -0.97 -20.75
C THR A 681 33.17 -0.81 -19.24
N LEU A 682 34.20 -1.43 -18.70
CA LEU A 682 34.66 -1.07 -17.36
C LEU A 682 35.60 0.12 -17.47
N GLU A 683 35.36 1.13 -16.64
CA GLU A 683 36.23 2.30 -16.52
C GLU A 683 36.55 2.65 -15.06
N MET A 684 37.83 2.92 -14.79
CA MET A 684 38.35 3.12 -13.44
C MET A 684 39.33 4.30 -13.37
N LYS A 685 39.35 5.00 -12.25
CA LYS A 685 40.38 5.99 -12.00
C LYS A 685 40.69 6.12 -10.52
N VAL A 686 41.94 6.52 -10.25
CA VAL A 686 42.41 6.77 -8.92
C VAL A 686 42.19 8.25 -8.64
N VAL A 687 41.56 8.56 -7.51
CA VAL A 687 41.24 9.91 -7.17
C VAL A 687 41.79 10.08 -5.79
N ASP A 688 42.43 11.20 -5.49
CA ASP A 688 42.91 11.41 -4.12
C ASP A 688 41.79 11.95 -3.21
N PHE A 689 42.06 12.05 -1.92
CA PHE A 689 41.05 12.47 -0.98
C PHE A 689 40.61 13.94 -1.15
N ASP A 690 41.34 14.71 -1.97
CA ASP A 690 40.98 16.11 -2.25
C ASP A 690 40.15 16.24 -3.52
N GLY A 691 40.03 15.15 -4.28
CA GLY A 691 39.25 15.14 -5.53
C GLY A 691 40.03 15.07 -6.82
N LYS A 692 41.35 15.09 -6.71
CA LYS A 692 42.21 15.18 -7.88
C LYS A 692 42.57 13.78 -8.33
N THR A 693 42.42 13.55 -9.63
CA THR A 693 42.73 12.29 -10.26
C THR A 693 44.24 12.10 -10.24
N LEU A 694 44.66 10.86 -9.95
CA LEU A 694 46.05 10.44 -10.03
C LEU A 694 46.17 9.62 -11.30
N GLY A 695 47.17 9.92 -12.13
CA GLY A 695 47.34 9.28 -13.44
C GLY A 695 46.19 9.55 -14.38
N LYS A 696 45.88 8.57 -15.22
CA LYS A 696 44.75 8.69 -16.15
C LYS A 696 43.71 7.58 -15.95
N LYS A 697 42.52 7.80 -16.49
CA LYS A 697 41.46 6.79 -16.55
C LYS A 697 41.97 5.52 -17.19
N ILE A 698 41.63 4.38 -16.60
CA ILE A 698 41.86 3.05 -17.18
C ILE A 698 40.54 2.59 -17.81
N GLN A 699 40.62 2.05 -19.02
CA GLN A 699 39.42 1.57 -19.72
C GLN A 699 39.56 0.17 -20.28
N VAL A 700 38.66 -0.72 -19.86
CA VAL A 700 38.54 -2.07 -20.42
C VAL A 700 37.24 -2.14 -21.22
N HIS A 701 37.36 -2.18 -22.54
CA HIS A 701 36.22 -2.21 -23.44
C HIS A 701 35.89 -3.63 -23.89
N SER A 702 34.77 -3.75 -24.61
CA SER A 702 34.38 -5.01 -25.25
C SER A 702 34.01 -6.14 -24.27
N LEU A 703 33.51 -5.77 -23.09
CA LEU A 703 33.22 -6.76 -22.04
C LEU A 703 31.83 -7.35 -22.13
N GLU A 704 31.73 -8.65 -21.87
CA GLU A 704 30.44 -9.23 -21.72
C GLU A 704 30.24 -9.83 -20.32
N VAL A 705 29.01 -9.68 -19.83
CA VAL A 705 28.62 -10.17 -18.51
C VAL A 705 27.50 -11.17 -18.79
N PRO A 706 27.84 -12.47 -18.90
CA PRO A 706 26.80 -13.46 -19.16
C PRO A 706 25.86 -13.60 -17.97
N ALA A 707 24.62 -13.97 -18.26
CA ALA A 707 23.61 -14.22 -17.25
C ALA A 707 24.18 -15.12 -16.17
N ASN A 708 23.89 -14.81 -14.91
CA ASN A 708 24.19 -15.73 -13.83
C ASN A 708 25.64 -16.22 -13.75
N THR A 709 26.59 -15.29 -13.87
CA THR A 709 28.02 -15.61 -13.79
C THR A 709 28.80 -14.56 -12.96
N SER A 710 29.97 -14.98 -12.47
CA SER A 710 30.99 -14.13 -11.88
C SER A 710 32.26 -14.33 -12.72
N LYS A 711 32.83 -13.25 -13.23
CA LYS A 711 33.99 -13.39 -14.16
C LYS A 711 35.02 -12.28 -13.96
N CYS A 712 36.30 -12.65 -14.01
CA CYS A 712 37.39 -11.66 -13.89
C CYS A 712 37.60 -10.96 -15.24
N VAL A 713 37.63 -9.62 -15.21
CA VAL A 713 37.82 -8.79 -16.41
C VAL A 713 39.07 -7.87 -16.36
N TYR A 714 39.78 -7.89 -15.25
CA TYR A 714 40.89 -6.99 -15.03
C TYR A 714 41.77 -7.41 -13.87
N ARG A 715 43.09 -7.41 -14.10
CA ARG A 715 44.08 -7.69 -13.04
C ARG A 715 45.25 -6.74 -13.19
N ALA A 716 45.79 -6.26 -12.08
CA ALA A 716 47.01 -5.44 -12.10
C ALA A 716 47.74 -5.48 -10.76
N LYS A 717 49.06 -5.69 -10.78
CA LYS A 717 49.87 -5.57 -9.56
C LYS A 717 49.86 -4.12 -9.11
N LEU A 718 49.93 -3.89 -7.80
CA LEU A 718 50.05 -2.52 -7.30
C LEU A 718 51.45 -1.95 -7.56
N ASP A 719 52.48 -2.79 -7.49
CA ASP A 719 53.87 -2.32 -7.65
C ASP A 719 54.13 -1.74 -9.04
N GLY A 720 54.56 -0.47 -9.07
CA GLY A 720 54.77 0.23 -10.34
C GLY A 720 53.54 1.00 -10.79
N TRP A 721 52.39 0.74 -10.16
CA TRP A 721 51.16 1.51 -10.43
C TRP A 721 50.91 2.57 -9.34
N LEU A 722 50.86 2.14 -8.08
CA LEU A 722 50.66 3.05 -6.94
C LEU A 722 51.77 2.79 -5.91
N THR A 723 52.16 3.84 -5.21
CA THR A 723 53.20 3.74 -4.18
C THR A 723 52.51 3.47 -2.83
N PRO A 724 53.26 3.01 -1.79
CA PRO A 724 52.59 2.81 -0.51
C PRO A 724 51.89 4.08 -0.07
N GLU A 725 52.50 5.22 -0.35
CA GLU A 725 51.94 6.52 0.04
C GLU A 725 50.61 6.82 -0.65
N ASP A 726 50.51 6.49 -1.93
CA ASP A 726 49.28 6.76 -2.67
C ASP A 726 48.15 5.88 -2.15
N CYS A 727 48.50 4.65 -1.78
CA CYS A 727 47.52 3.65 -1.29
C CYS A 727 46.83 4.11 -0.03
N ARG A 728 47.53 4.95 0.74
CA ARG A 728 47.02 5.57 1.94
C ARG A 728 46.19 6.84 1.74
N ARG A 729 46.22 7.42 0.54
CA ARG A 729 45.75 8.80 0.33
C ARG A 729 44.85 8.93 -0.94
N SER A 730 44.52 7.79 -1.53
CA SER A 730 43.58 7.75 -2.65
C SER A 730 42.57 6.57 -2.60
N PHE A 731 41.65 6.59 -3.56
CA PHE A 731 40.70 5.48 -3.77
C PHE A 731 40.51 5.17 -5.26
N LEU A 732 40.01 3.97 -5.54
CA LEU A 732 39.69 3.54 -6.91
C LEU A 732 38.19 3.66 -7.16
N LYS A 733 37.84 4.41 -8.20
CA LYS A 733 36.47 4.59 -8.58
C LYS A 733 36.25 3.71 -9.80
N LEU A 734 35.18 2.93 -9.78
CA LEU A 734 34.89 1.99 -10.83
C LEU A 734 33.45 2.16 -11.28
N ILE A 735 33.26 2.09 -12.59
CA ILE A 735 31.98 2.27 -13.26
C ILE A 735 31.90 1.26 -14.40
N LEU A 736 30.72 0.68 -14.57
CA LEU A 736 30.44 -0.20 -15.68
C LEU A 736 29.34 0.42 -16.51
N LYS A 737 29.56 0.45 -17.81
CA LYS A 737 28.58 1.05 -18.71
C LYS A 737 28.43 0.32 -20.02
N ASP A 738 27.24 0.47 -20.62
CA ASP A 738 26.92 -0.15 -21.90
C ASP A 738 27.58 0.60 -23.09
N LYS A 739 27.33 0.10 -24.30
CA LYS A 739 27.95 0.62 -25.53
C LYS A 739 27.79 2.15 -25.63
N SER A 740 26.59 2.63 -25.31
CA SER A 740 26.24 4.05 -25.45
C SER A 740 26.71 4.94 -24.29
N GLY A 741 27.36 4.35 -23.28
CA GLY A 741 27.85 5.12 -22.14
C GLY A 741 26.89 5.24 -20.97
N HIS A 742 25.81 4.45 -20.95
CA HIS A 742 24.87 4.43 -19.82
C HIS A 742 25.38 3.54 -18.69
N GLN A 743 25.46 4.11 -17.49
CA GLN A 743 26.05 3.41 -16.34
C GLN A 743 25.08 2.38 -15.82
N VAL A 744 25.55 1.17 -15.62
CA VAL A 744 24.71 0.14 -15.05
C VAL A 744 25.15 -0.25 -13.63
N ALA A 745 26.41 0.03 -13.30
CA ALA A 745 26.96 -0.35 -12.00
C ALA A 745 28.14 0.54 -11.65
N GLU A 746 28.33 0.78 -10.36
CA GLU A 746 29.55 1.41 -9.89
C GLU A 746 30.00 0.90 -8.53
N SER A 747 31.30 1.00 -8.29
CA SER A 747 31.85 0.70 -6.98
CA SER A 747 31.89 0.66 -6.99
C SER A 747 32.96 1.68 -6.59
N VAL A 748 33.34 1.67 -5.31
CA VAL A 748 34.57 2.32 -4.88
CA VAL A 748 34.56 2.34 -4.86
C VAL A 748 35.48 1.32 -4.19
N HIS A 749 36.79 1.45 -4.41
CA HIS A 749 37.79 0.56 -3.76
C HIS A 749 38.85 1.33 -2.95
N PHE A 750 39.16 0.84 -1.75
CA PHE A 750 40.25 1.42 -0.96
C PHE A 750 41.39 0.41 -0.88
N PHE A 751 42.64 0.91 -0.89
CA PHE A 751 43.79 0.02 -1.06
C PHE A 751 44.44 -0.34 0.26
N ARG A 752 44.00 0.34 1.32
CA ARG A 752 44.49 0.08 2.67
C ARG A 752 43.33 -0.03 3.65
N LYS A 753 43.59 -0.60 4.82
CA LYS A 753 42.65 -0.62 5.94
C LYS A 753 42.39 0.81 6.34
N THR A 754 41.18 1.05 6.81
CA THR A 754 40.74 2.41 7.15
C THR A 754 41.67 3.09 8.19
N LYS A 755 42.15 2.31 9.16
CA LYS A 755 43.05 2.84 10.17
C LYS A 755 44.38 3.36 9.58
N ASP A 756 44.73 2.88 8.38
CA ASP A 756 45.98 3.23 7.70
C ASP A 756 45.81 4.30 6.65
N LEU A 757 44.58 4.80 6.52
CA LEU A 757 44.27 5.88 5.60
C LEU A 757 44.61 7.23 6.23
N GLN A 758 45.16 8.11 5.40
CA GLN A 758 45.46 9.48 5.80
C GLN A 758 44.26 10.33 5.39
N LEU A 759 43.20 10.15 6.17
CA LEU A 759 41.95 10.87 6.06
C LEU A 759 42.12 12.30 6.49
N PRO A 760 41.73 13.25 5.65
CA PRO A 760 41.78 14.67 5.97
C PRO A 760 40.66 15.13 6.89
N PRO A 761 40.95 16.02 7.85
CA PRO A 761 39.85 16.66 8.56
C PRO A 761 38.90 17.34 7.56
N THR A 762 37.60 17.30 7.88
CA THR A 762 36.61 17.72 6.89
C THR A 762 35.22 17.95 7.49
N SER A 763 34.44 18.77 6.80
CA SER A 763 33.09 19.11 7.23
C SER A 763 32.07 18.69 6.16
N VAL A 764 31.18 17.79 6.54
CA VAL A 764 30.02 17.48 5.71
C VAL A 764 28.93 18.52 5.99
N SER A 765 28.80 19.50 5.09
CA SER A 765 27.70 20.44 5.16
C SER A 765 26.49 19.86 4.40
N TYR A 766 25.30 20.29 4.77
CA TYR A 766 24.10 19.86 4.04
C TYR A 766 23.05 20.96 3.95
N GLN A 767 22.21 20.86 2.94
CA GLN A 767 21.01 21.67 2.82
C GLN A 767 19.82 20.73 3.04
N MET A 768 18.80 21.20 3.77
CA MET A 768 17.60 20.41 4.08
C MET A 768 16.33 21.03 3.54
N LYS A 769 15.51 20.20 2.90
CA LYS A 769 14.18 20.57 2.41
C LYS A 769 13.12 19.65 3.03
N GLN A 770 12.58 20.04 4.19
CA GLN A 770 11.68 19.17 4.99
C GLN A 770 10.19 19.46 4.79
N THR A 771 9.44 18.39 4.53
CA THR A 771 7.98 18.46 4.40
C THR A 771 7.34 17.35 5.23
N ASP A 772 6.02 17.22 5.14
CA ASP A 772 5.35 16.13 5.87
C ASP A 772 5.81 14.80 5.31
N GLY A 773 6.31 13.95 6.20
CA GLY A 773 6.72 12.59 5.86
C GLY A 773 8.11 12.50 5.26
N LYS A 774 8.60 13.61 4.74
CA LYS A 774 9.79 13.64 3.88
C LYS A 774 10.88 14.62 4.33
N CYS A 775 12.12 14.16 4.24
CA CYS A 775 13.25 15.03 4.47
C CYS A 775 14.30 14.82 3.38
N GLU A 776 14.53 15.84 2.57
CA GLU A 776 15.57 15.79 1.54
C GLU A 776 16.80 16.57 1.96
N LEU A 777 17.94 15.89 1.94
CA LEU A 777 19.23 16.49 2.26
C LEU A 777 20.14 16.39 1.05
N THR A 778 20.88 17.46 0.78
CA THR A 778 21.98 17.41 -0.17
C THR A 778 23.25 17.63 0.64
N LEU A 779 24.18 16.69 0.53
CA LEU A 779 25.41 16.71 1.34
C LEU A 779 26.60 17.10 0.46
N PHE A 780 27.47 17.91 1.03
CA PHE A 780 28.68 18.28 0.32
C PHE A 780 29.90 18.21 1.22
N SER A 781 30.97 17.63 0.70
CA SER A 781 32.31 17.78 1.29
C SER A 781 33.35 17.93 0.17
N SER A 782 34.19 18.97 0.26
CA SER A 782 35.30 19.13 -0.71
C SER A 782 36.28 17.92 -0.71
N MET A 783 36.45 17.31 0.47
CA MET A 783 37.32 16.16 0.68
C MET A 783 36.54 14.88 1.05
N LEU A 784 37.14 13.72 0.80
CA LEU A 784 36.51 12.47 1.27
C LEU A 784 36.11 12.51 2.76
N ALA A 785 34.87 12.08 3.00
CA ALA A 785 34.40 11.75 4.36
C ALA A 785 34.04 10.28 4.33
N LYS A 786 34.65 9.54 5.25
CA LYS A 786 34.66 8.09 5.14
C LYS A 786 33.47 7.48 5.90
N ASP A 787 32.78 6.52 5.29
CA ASP A 787 31.66 5.79 5.89
C ASP A 787 30.73 6.69 6.69
N ILE A 788 30.10 7.65 6.04
CA ILE A 788 29.33 8.63 6.82
C ILE A 788 28.05 7.94 7.35
N PHE A 789 27.67 8.31 8.57
CA PHE A 789 26.41 7.91 9.18
C PHE A 789 25.59 9.20 9.37
N ILE A 790 24.47 9.31 8.66
CA ILE A 790 23.48 10.36 8.90
C ILE A 790 22.56 9.84 9.99
N GLU A 791 22.76 10.36 11.21
CA GLU A 791 22.02 9.96 12.40
C GLU A 791 20.89 10.95 12.75
N THR A 792 19.71 10.39 13.01
CA THR A 792 18.53 11.14 13.44
C THR A 792 17.89 10.48 14.65
N PRO A 793 17.19 11.24 15.50
CA PRO A 793 16.58 10.56 16.65
C PRO A 793 15.24 9.84 16.38
N LEU A 794 14.66 10.04 15.19
CA LEU A 794 13.36 9.42 14.85
C LEU A 794 13.49 7.92 14.68
N GLN A 795 12.98 7.16 15.65
CA GLN A 795 12.99 5.71 15.56
C GLN A 795 12.32 5.25 14.28
N GLY A 796 12.97 4.30 13.61
CA GLY A 796 12.45 3.70 12.39
C GLY A 796 12.52 4.51 11.11
N ALA A 797 13.07 5.72 11.18
CA ALA A 797 13.23 6.58 9.98
C ALA A 797 13.96 5.78 8.88
N ARG A 798 13.50 5.93 7.64
CA ARG A 798 14.05 5.22 6.48
C ARG A 798 14.84 6.15 5.60
N TYR A 799 15.88 5.62 4.97
CA TYR A 799 16.85 6.42 4.23
C TYR A 799 17.06 5.83 2.86
N SER A 800 17.13 6.69 1.84
CA SER A 800 17.47 6.28 0.49
C SER A 800 18.86 5.62 0.45
N ASP A 801 19.80 6.19 1.21
CA ASP A 801 21.14 5.63 1.38
C ASP A 801 21.73 6.14 2.69
N ASN A 802 22.70 5.40 3.23
CA ASN A 802 23.35 5.75 4.49
C ASN A 802 24.58 4.86 4.59
N PHE A 803 25.54 5.20 5.45
CA PHE A 803 26.76 4.37 5.60
C PHE A 803 27.50 4.16 4.28
N PHE A 804 27.81 5.30 3.67
CA PHE A 804 28.45 5.36 2.37
C PHE A 804 29.58 6.39 2.43
N ASP A 805 30.55 6.28 1.57
CA ASP A 805 31.61 7.31 1.47
C ASP A 805 31.11 8.47 0.65
N LEU A 806 31.24 9.67 1.22
CA LEU A 806 30.90 10.92 0.53
C LEU A 806 32.18 11.38 -0.19
N LEU A 807 32.18 11.20 -1.50
CA LEU A 807 33.37 11.47 -2.32
C LEU A 807 33.64 12.98 -2.48
N PRO A 808 34.93 13.33 -2.64
CA PRO A 808 35.38 14.74 -2.65
C PRO A 808 34.70 15.52 -3.76
N GLY A 809 34.06 16.64 -3.41
CA GLY A 809 33.41 17.49 -4.38
C GLY A 809 32.02 17.09 -4.84
N GLU A 810 31.68 15.82 -4.67
CA GLU A 810 30.55 15.20 -5.39
C GLU A 810 29.29 15.18 -4.58
N ARG A 811 28.32 16.00 -4.97
CA ARG A 811 27.13 16.25 -4.17
C ARG A 811 26.33 14.96 -4.09
N LYS A 812 25.54 14.82 -3.03
CA LYS A 812 24.85 13.57 -2.77
C LYS A 812 23.51 13.87 -2.15
N LYS A 813 22.47 13.34 -2.79
CA LYS A 813 21.08 13.44 -2.34
C LYS A 813 20.68 12.23 -1.47
N VAL A 814 20.21 12.49 -0.27
CA VAL A 814 19.64 11.46 0.60
C VAL A 814 18.20 11.85 1.03
N ILE A 815 17.26 10.93 0.86
CA ILE A 815 15.90 11.23 1.32
C ILE A 815 15.59 10.42 2.59
N ILE A 816 15.16 11.08 3.66
CA ILE A 816 14.75 10.40 4.89
C ILE A 816 13.22 10.46 5.00
N THR A 817 12.58 9.30 5.14
CA THR A 817 11.13 9.25 5.29
C THR A 817 10.73 8.69 6.62
N SER A 818 9.58 9.15 7.11
CA SER A 818 9.00 8.76 8.39
C SER A 818 7.63 9.46 8.48
N PRO A 819 6.56 8.72 8.88
CA PRO A 819 5.24 9.38 9.06
C PRO A 819 5.32 10.48 10.13
N ARG A 820 6.26 10.34 11.06
CA ARG A 820 6.49 11.29 12.15
C ARG A 820 7.32 12.53 11.76
N ILE A 821 7.56 12.76 10.46
CA ILE A 821 8.23 14.00 10.02
C ILE A 821 7.19 15.08 9.69
N LYS A 822 7.19 16.17 10.46
CA LYS A 822 6.23 17.28 10.24
C LYS A 822 6.91 18.48 9.59
N LYS A 823 6.24 19.11 8.61
CA LYS A 823 6.73 20.40 8.06
C LYS A 823 6.71 21.50 9.13
N GLY A 824 7.66 22.42 9.05
CA GLY A 824 8.13 23.13 10.25
C GLY A 824 9.02 22.10 10.94
N GLU A 825 8.97 22.03 12.27
CA GLU A 825 9.68 21.02 13.10
C GLU A 825 10.93 20.31 12.51
N GLU A 826 11.95 21.10 12.11
CA GLU A 826 13.19 20.63 11.47
C GLU A 826 13.82 19.39 12.12
N LEU A 827 14.01 18.33 11.32
CA LEU A 827 14.50 17.03 11.79
C LEU A 827 15.95 17.13 12.27
N PRO A 828 16.21 16.73 13.54
CA PRO A 828 17.60 16.75 13.99
C PRO A 828 18.43 15.78 13.18
N VAL A 829 19.62 16.23 12.80
CA VAL A 829 20.51 15.47 11.95
C VAL A 829 21.93 15.64 12.47
N ASN A 830 22.58 14.51 12.74
CA ASN A 830 23.96 14.48 13.17
C ASN A 830 24.77 13.65 12.17
N ILE A 831 25.73 14.28 11.49
CA ILE A 831 26.51 13.53 10.49
C ILE A 831 27.90 13.08 11.03
N LYS A 832 28.13 11.77 11.10
CA LYS A 832 29.39 11.26 11.62
C LYS A 832 30.21 10.69 10.48
N HIS A 833 31.53 10.74 10.62
CA HIS A 833 32.43 10.09 9.68
C HIS A 833 33.76 9.71 10.38
N ILE A 834 34.53 8.85 9.75
CA ILE A 834 35.59 8.14 10.44
C ILE A 834 36.61 9.13 11.05
N ARG A 835 37.08 10.08 10.24
CA ARG A 835 38.12 11.01 10.70
C ARG A 835 37.74 11.78 11.99
N GLU A 836 36.46 12.06 12.15
CA GLU A 836 35.95 12.69 13.37
C GLU A 836 36.13 11.89 14.68
N THR A 837 36.35 10.58 14.58
CA THR A 837 36.32 9.72 15.78
C THR A 837 37.61 9.69 16.61
N TYR A 838 38.65 10.29 16.06
CA TYR A 838 39.98 10.32 16.65
C TYR A 838 40.69 11.65 16.35
N LYS A 839 41.65 12.01 17.19
CA LYS A 839 42.41 13.28 17.04
C LYS A 839 43.67 13.15 16.19
N ASN B 3 10.04 -0.70 -23.92
CA ASN B 3 9.04 -1.00 -24.98
C ASN B 3 9.58 -1.00 -26.42
N ASP B 4 10.55 -0.11 -26.66
CA ASP B 4 11.16 0.09 -27.99
C ASP B 4 12.59 0.56 -27.85
N THR B 5 13.22 0.96 -28.97
CA THR B 5 14.62 1.28 -28.92
C THR B 5 14.83 2.73 -28.60
N SER B 6 13.76 3.51 -28.41
CA SER B 6 13.94 4.92 -28.16
C SER B 6 14.53 5.06 -26.77
N GLU B 7 15.17 6.18 -26.53
CA GLU B 7 15.68 6.50 -25.21
C GLU B 7 14.95 7.74 -24.74
N VAL B 8 14.49 7.73 -23.51
CA VAL B 8 13.86 8.91 -22.93
C VAL B 8 14.74 9.48 -21.82
N MET B 9 14.77 10.80 -21.73
CA MET B 9 15.52 11.49 -20.73
C MET B 9 14.52 12.42 -20.07
N LEU B 10 14.39 12.29 -18.75
CA LEU B 10 13.43 13.08 -18.00
C LEU B 10 14.07 14.38 -17.58
N LEU B 11 13.49 15.52 -17.94
CA LEU B 11 14.11 16.78 -17.53
C LEU B 11 13.45 17.24 -16.26
N ASP B 12 13.74 16.53 -15.17
CA ASP B 12 13.09 16.76 -13.90
C ASP B 12 14.01 17.25 -12.76
N THR B 13 15.27 17.53 -13.06
CA THR B 13 16.20 18.03 -12.04
C THR B 13 17.03 19.20 -12.57
N GLY B 14 17.69 19.91 -11.65
CA GLY B 14 18.57 21.01 -12.03
C GLY B 14 17.91 22.26 -12.55
N TRP B 15 16.61 22.42 -12.31
CA TRP B 15 15.88 23.62 -12.76
C TRP B 15 16.05 24.72 -11.73
N GLU B 16 16.06 25.97 -12.19
CA GLU B 16 16.00 27.15 -11.32
C GLU B 16 14.98 28.09 -11.87
N PHE B 17 14.57 29.06 -11.07
CA PHE B 17 13.58 30.00 -11.49
C PHE B 17 13.97 31.37 -11.03
N SER B 18 13.31 32.38 -11.58
CA SER B 18 13.66 33.74 -11.29
C SER B 18 12.47 34.63 -11.58
N GLN B 19 12.19 35.55 -10.67
CA GLN B 19 11.28 36.62 -10.97
C GLN B 19 11.99 37.46 -12.03
N SER B 20 11.31 37.69 -13.15
CA SER B 20 11.90 38.40 -14.27
C SER B 20 12.27 39.80 -13.83
N GLY B 21 13.48 40.22 -14.20
CA GLY B 21 13.91 41.59 -13.94
C GLY B 21 14.74 41.74 -12.69
N THR B 22 14.84 40.66 -11.91
CA THR B 22 15.63 40.65 -10.68
C THR B 22 17.00 39.99 -10.86
N GLU B 23 17.12 39.10 -11.85
CA GLU B 23 18.38 38.42 -12.18
C GLU B 23 18.86 37.45 -11.08
N LYS B 24 17.97 37.18 -10.12
CA LYS B 24 18.27 36.33 -8.97
C LYS B 24 17.61 34.97 -9.20
N TRP B 25 18.40 33.91 -9.12
CA TRP B 25 17.98 32.54 -9.39
C TRP B 25 18.07 31.67 -8.16
N MET B 26 17.08 30.80 -8.01
CA MET B 26 17.00 29.89 -6.88
CA MET B 26 16.94 29.92 -6.86
C MET B 26 16.46 28.57 -7.38
N PRO B 27 16.78 27.47 -6.66
CA PRO B 27 16.32 26.17 -7.16
C PRO B 27 14.80 26.10 -7.33
N ALA B 28 14.37 25.32 -8.31
CA ALA B 28 12.95 25.09 -8.57
C ALA B 28 12.71 23.60 -8.65
N THR B 29 11.45 23.19 -8.49
CA THR B 29 11.04 21.82 -8.64
C THR B 29 10.13 21.74 -9.86
N VAL B 30 10.39 20.75 -10.72
CA VAL B 30 9.68 20.62 -11.98
C VAL B 30 9.40 19.13 -12.18
N PRO B 31 8.12 18.77 -12.46
CA PRO B 31 7.01 19.72 -12.62
C PRO B 31 6.64 20.49 -11.33
N GLY B 32 6.09 21.68 -11.48
CA GLY B 32 5.78 22.47 -10.29
C GLY B 32 5.17 23.78 -10.64
N THR B 33 5.14 24.69 -9.68
CA THR B 33 4.49 25.98 -9.88
C THR B 33 5.35 27.07 -9.30
N VAL B 34 5.14 28.29 -9.79
CA VAL B 34 5.81 29.45 -9.30
C VAL B 34 5.53 29.61 -7.79
N HIS B 35 4.27 29.47 -7.39
CA HIS B 35 3.86 29.61 -5.98
C HIS B 35 4.52 28.57 -5.10
N GLN B 36 4.61 27.30 -5.54
CA GLN B 36 5.31 26.30 -4.71
C GLN B 36 6.84 26.57 -4.60
N ASP B 37 7.45 26.94 -5.72
CA ASP B 37 8.86 27.31 -5.70
C ASP B 37 9.13 28.44 -4.69
N LEU B 38 8.28 29.46 -4.71
CA LEU B 38 8.30 30.58 -3.77
C LEU B 38 8.09 30.14 -2.33
N ILE B 39 7.08 29.32 -2.09
CA ILE B 39 6.85 28.70 -0.78
C ILE B 39 8.05 27.89 -0.28
N SER B 40 8.69 27.12 -1.16
CA SER B 40 9.82 26.29 -0.78
C SER B 40 11.03 27.09 -0.24
N HIS B 41 11.06 28.38 -0.56
CA HIS B 41 12.16 29.26 -0.21
C HIS B 41 11.67 30.29 0.79
N GLU B 42 10.48 30.04 1.34
CA GLU B 42 9.79 30.96 2.28
C GLU B 42 9.60 32.39 1.73
N LEU B 43 9.40 32.49 0.42
CA LEU B 43 9.16 33.77 -0.21
C LEU B 43 7.67 34.06 -0.38
N LEU B 44 6.87 33.07 0.02
CA LEU B 44 5.43 33.23 0.28
C LEU B 44 5.07 32.60 1.63
N PRO B 45 4.12 33.21 2.36
CA PRO B 45 3.56 32.58 3.56
C PRO B 45 2.61 31.47 3.14
N ASN B 46 2.25 30.58 4.07
CA ASN B 46 1.23 29.55 3.81
C ASN B 46 0.05 30.18 3.10
N PRO B 47 -0.15 29.87 1.81
CA PRO B 47 -1.24 30.59 1.11
C PRO B 47 -2.65 30.30 1.66
N PHE B 48 -2.78 29.16 2.34
CA PHE B 48 -4.08 28.67 2.80
C PHE B 48 -4.41 29.17 4.21
N TYR B 49 -3.46 29.85 4.86
CA TYR B 49 -3.68 30.24 6.25
C TYR B 49 -4.41 31.55 6.43
N GLY B 50 -5.36 31.56 7.36
CA GLY B 50 -6.05 32.80 7.78
C GLY B 50 -6.42 33.77 6.68
N MET B 51 -5.76 34.93 6.68
CA MET B 51 -6.04 35.99 5.68
C MET B 51 -4.93 36.07 4.60
N ASN B 52 -4.14 35.03 4.45
CA ASN B 52 -3.00 35.06 3.52
C ASN B 52 -3.36 35.13 2.02
N GLU B 53 -4.64 34.98 1.65
CA GLU B 53 -4.99 35.02 0.22
C GLU B 53 -4.66 36.38 -0.43
N LYS B 54 -4.99 37.47 0.24
CA LYS B 54 -4.64 38.83 -0.20
C LYS B 54 -3.13 38.99 -0.33
N LYS B 55 -2.41 38.28 0.53
CA LYS B 55 -0.96 38.41 0.69
C LYS B 55 -0.13 37.79 -0.44
N ILE B 56 -0.76 36.93 -1.25
CA ILE B 56 0.00 36.19 -2.28
C ILE B 56 -0.38 36.61 -3.69
N GLN B 57 -1.30 37.58 -3.82
CA GLN B 57 -1.81 37.97 -5.14
C GLN B 57 -0.76 38.62 -6.05
N TRP B 58 0.25 39.22 -5.43
CA TRP B 58 1.30 39.93 -6.17
C TRP B 58 1.96 39.07 -7.26
N VAL B 59 2.12 37.76 -7.00
CA VAL B 59 2.76 36.81 -7.92
C VAL B 59 2.20 36.89 -9.33
N GLU B 60 0.88 37.04 -9.44
CA GLU B 60 0.17 36.99 -10.74
C GLU B 60 0.47 38.20 -11.61
N ASN B 61 1.01 39.25 -11.00
CA ASN B 61 1.46 40.43 -11.74
C ASN B 61 2.89 40.40 -12.26
N GLU B 62 3.66 39.37 -11.93
CA GLU B 62 5.05 39.33 -12.40
C GLU B 62 5.19 38.32 -13.52
N ASP B 63 6.30 38.41 -14.25
CA ASP B 63 6.73 37.40 -15.21
C ASP B 63 7.74 36.54 -14.49
N TRP B 64 7.88 35.30 -14.95
CA TRP B 64 8.70 34.33 -14.24
C TRP B 64 9.49 33.52 -15.23
N GLU B 65 10.77 33.30 -14.93
CA GLU B 65 11.70 32.62 -15.83
C GLU B 65 12.20 31.31 -15.21
N TYR B 66 12.35 30.29 -16.04
CA TYR B 66 12.81 28.97 -15.63
C TYR B 66 13.91 28.53 -16.56
N ARG B 67 14.88 27.81 -16.02
CA ARG B 67 15.99 27.34 -16.82
C ARG B 67 16.50 26.03 -16.27
N THR B 68 16.91 25.17 -17.19
CA THR B 68 17.72 24.04 -16.85
C THR B 68 18.85 23.81 -17.89
N SER B 69 19.86 23.01 -17.53
CA SER B 69 20.83 22.51 -18.52
CA SER B 69 20.80 22.52 -18.55
C SER B 69 20.88 21.00 -18.53
N PHE B 70 21.38 20.41 -19.62
CA PHE B 70 21.47 18.97 -19.74
C PHE B 70 22.56 18.60 -20.74
N ILE B 71 23.12 17.39 -20.60
CA ILE B 71 24.20 16.92 -21.51
C ILE B 71 23.63 16.00 -22.57
N VAL B 72 24.04 16.20 -23.83
CA VAL B 72 23.72 15.27 -24.91
C VAL B 72 25.03 14.66 -25.46
N SER B 73 25.06 13.33 -25.59
CA SER B 73 26.28 12.60 -25.94
C SER B 73 26.38 12.59 -27.47
N GLU B 74 27.50 12.12 -28.02
CA GLU B 74 27.62 11.94 -29.47
C GLU B 74 26.68 10.83 -29.98
N GLU B 75 26.52 9.76 -29.20
CA GLU B 75 25.59 8.68 -29.57
C GLU B 75 24.15 9.20 -29.70
N GLN B 76 23.75 10.03 -28.72
CA GLN B 76 22.42 10.61 -28.70
C GLN B 76 22.21 11.55 -29.87
N LEU B 77 23.23 12.33 -30.23
CA LEU B 77 23.13 13.21 -31.38
C LEU B 77 23.03 12.48 -32.69
N ASN B 78 23.48 11.23 -32.72
CA ASN B 78 23.34 10.43 -33.91
C ASN B 78 22.07 9.63 -34.10
N ARG B 79 21.11 9.74 -33.17
CA ARG B 79 19.80 9.10 -33.40
C ARG B 79 19.14 9.83 -34.54
N ASP B 80 18.22 9.17 -35.24
CA ASP B 80 17.51 9.75 -36.39
C ASP B 80 16.68 10.98 -36.03
N GLY B 81 16.01 10.95 -34.87
CA GLY B 81 15.12 12.04 -34.46
C GLY B 81 15.29 12.32 -32.97
N ILE B 82 15.07 13.57 -32.58
CA ILE B 82 15.07 13.91 -31.14
C ILE B 82 13.92 14.91 -30.87
N GLN B 83 13.03 14.58 -29.91
CA GLN B 83 11.86 15.41 -29.61
C GLN B 83 11.96 15.94 -28.19
N LEU B 84 11.61 17.21 -28.01
CA LEU B 84 11.38 17.74 -26.67
C LEU B 84 9.87 17.82 -26.44
N ILE B 85 9.41 17.26 -25.32
CA ILE B 85 7.97 17.08 -25.12
C ILE B 85 7.54 17.81 -23.83
N PHE B 86 6.59 18.73 -23.98
CA PHE B 86 6.02 19.44 -22.82
C PHE B 86 4.60 18.92 -22.64
N GLU B 87 4.38 18.07 -21.65
CA GLU B 87 3.00 17.64 -21.30
C GLU B 87 2.10 18.79 -20.82
N GLY B 88 2.68 19.91 -20.38
CA GLY B 88 1.91 21.05 -19.90
C GLY B 88 2.71 22.28 -19.52
N LEU B 89 2.35 23.41 -20.11
CA LEU B 89 2.91 24.72 -19.81
C LEU B 89 1.75 25.67 -19.41
N ASP B 90 1.88 26.29 -18.25
CA ASP B 90 0.83 27.17 -17.73
C ASP B 90 1.41 28.58 -17.68
N THR B 91 1.13 29.46 -18.64
CA THR B 91 0.34 29.27 -19.87
C THR B 91 1.01 29.97 -21.08
N TYR B 92 1.26 31.24 -20.93
CA TYR B 92 1.98 32.01 -21.98
C TYR B 92 3.48 31.87 -21.81
N ALA B 93 4.03 30.81 -22.43
CA ALA B 93 5.43 30.41 -22.27
C ALA B 93 6.23 30.45 -23.59
N ASP B 94 7.29 31.24 -23.62
CA ASP B 94 8.25 31.26 -24.75
C ASP B 94 9.36 30.32 -24.41
N VAL B 95 9.53 29.25 -25.22
CA VAL B 95 10.46 28.19 -24.86
C VAL B 95 11.72 28.35 -25.75
N TYR B 96 12.86 28.61 -25.11
CA TYR B 96 14.13 28.85 -25.84
C TYR B 96 15.11 27.72 -25.55
N LEU B 97 15.71 27.19 -26.60
CA LEU B 97 16.69 26.14 -26.48
C LEU B 97 17.91 26.45 -27.37
N ASN B 98 19.09 26.66 -26.75
CA ASN B 98 20.37 26.91 -27.50
C ASN B 98 20.21 28.03 -28.50
N GLY B 99 19.41 29.02 -28.13
CA GLY B 99 19.25 30.21 -28.96
C GLY B 99 18.07 30.19 -29.93
N SER B 100 17.35 29.09 -29.99
CA SER B 100 16.18 28.92 -30.88
C SER B 100 14.92 29.16 -30.07
N LEU B 101 14.04 30.04 -30.56
CA LEU B 101 12.69 30.08 -30.02
C LEU B 101 11.93 28.87 -30.56
N LEU B 102 11.75 27.85 -29.72
CA LEU B 102 11.02 26.63 -30.14
C LEU B 102 9.48 26.75 -30.26
N LEU B 103 8.89 27.61 -29.44
CA LEU B 103 7.47 27.54 -29.19
C LEU B 103 7.05 28.77 -28.43
N LYS B 104 5.97 29.44 -28.88
CA LYS B 104 5.24 30.38 -28.01
C LYS B 104 3.95 29.65 -27.56
N ALA B 105 4.01 29.04 -26.38
CA ALA B 105 2.87 28.20 -25.92
C ALA B 105 1.76 29.13 -25.43
N ASP B 106 0.49 28.75 -25.57
CA ASP B 106 -0.63 29.63 -25.20
C ASP B 106 -1.86 28.84 -24.75
N ASN B 107 -1.63 27.64 -24.22
CA ASN B 107 -2.77 26.77 -23.84
C ASN B 107 -2.33 25.75 -22.79
N MET B 108 -2.77 25.98 -21.57
CA MET B 108 -2.39 25.13 -20.46
C MET B 108 -2.76 23.65 -20.69
N PHE B 109 -3.76 23.41 -21.54
CA PHE B 109 -4.38 22.10 -21.70
C PHE B 109 -3.81 21.32 -22.90
N VAL B 110 -2.78 21.89 -23.55
CA VAL B 110 -2.15 21.25 -24.74
C VAL B 110 -0.79 20.67 -24.36
N GLY B 111 -0.52 19.45 -24.82
CA GLY B 111 0.80 18.86 -24.75
C GLY B 111 1.52 19.21 -26.05
N TYR B 112 2.76 19.68 -25.95
CA TYR B 112 3.56 20.07 -27.12
C TYR B 112 4.73 19.12 -27.36
N THR B 113 4.88 18.69 -28.61
CA THR B 113 5.97 17.82 -29.03
C THR B 113 6.80 18.54 -30.08
N LEU B 114 8.09 18.80 -29.79
CA LEU B 114 8.92 19.70 -30.61
C LEU B 114 10.16 18.98 -31.15
N PRO B 115 10.35 18.99 -32.48
CA PRO B 115 11.59 18.40 -33.02
C PRO B 115 12.80 19.27 -32.72
N VAL B 116 13.81 18.72 -32.06
CA VAL B 116 14.97 19.54 -31.66
C VAL B 116 16.37 18.98 -32.09
N LYS B 117 16.43 17.87 -32.82
CA LYS B 117 17.74 17.27 -33.18
C LYS B 117 18.72 18.35 -33.69
N SER B 118 18.28 19.18 -34.64
CA SER B 118 19.20 20.10 -35.26
C SER B 118 19.53 21.35 -34.43
N VAL B 119 18.80 21.59 -33.34
CA VAL B 119 19.23 22.67 -32.45
C VAL B 119 20.07 22.13 -31.28
N LEU B 120 20.11 20.81 -31.11
CA LEU B 120 20.87 20.26 -29.98
C LEU B 120 22.36 20.33 -30.27
N ARG B 121 23.18 20.34 -29.22
CA ARG B 121 24.65 20.37 -29.31
C ARG B 121 25.25 19.24 -28.45
N LYS B 122 26.42 18.72 -28.84
CA LYS B 122 27.15 17.77 -28.00
C LYS B 122 27.66 18.51 -26.77
N GLY B 123 27.57 17.86 -25.62
CA GLY B 123 27.90 18.53 -24.40
C GLY B 123 26.67 19.23 -23.84
N GLU B 124 26.91 20.38 -23.22
CA GLU B 124 25.91 21.15 -22.50
C GLU B 124 24.88 21.83 -23.43
N ASN B 125 23.61 21.79 -22.99
CA ASN B 125 22.48 22.41 -23.72
C ASN B 125 21.65 23.20 -22.72
N HIS B 126 21.10 24.32 -23.16
CA HIS B 126 20.46 25.27 -22.23
C HIS B 126 19.04 25.50 -22.68
N LEU B 127 18.10 25.23 -21.77
CA LEU B 127 16.67 25.41 -21.99
C LEU B 127 16.25 26.55 -21.06
N TYR B 128 15.59 27.56 -21.62
CA TYR B 128 15.13 28.70 -20.84
CA TYR B 128 15.13 28.70 -20.84
C TYR B 128 13.68 28.92 -21.24
N ILE B 129 12.81 29.16 -20.23
CA ILE B 129 11.38 29.40 -20.54
C ILE B 129 10.94 30.65 -19.82
N TYR B 130 10.33 31.56 -20.59
CA TYR B 130 9.85 32.83 -20.08
C TYR B 130 8.33 32.70 -19.98
N PHE B 131 7.80 32.73 -18.75
CA PHE B 131 6.33 32.77 -18.54
C PHE B 131 5.85 34.22 -18.35
N HIS B 132 5.17 34.75 -19.38
CA HIS B 132 4.50 36.04 -19.25
C HIS B 132 3.33 35.89 -18.30
N SER B 133 3.15 36.90 -17.45
CA SER B 133 2.00 36.94 -16.59
C SER B 133 0.70 36.77 -17.40
N PRO B 134 -0.19 35.85 -16.95
CA PRO B 134 -1.45 35.68 -17.66
C PRO B 134 -2.35 36.92 -17.52
N ILE B 135 -2.10 37.74 -16.50
CA ILE B 135 -2.83 38.99 -16.30
C ILE B 135 -2.35 40.08 -17.26
N ARG B 136 -1.06 40.39 -17.17
CA ARG B 136 -0.42 41.36 -18.07
C ARG B 136 -0.55 40.94 -19.51
N GLN B 137 -0.53 39.64 -19.78
CA GLN B 137 -0.72 39.23 -21.16
C GLN B 137 -2.10 39.59 -21.73
N THR B 138 -3.14 39.54 -20.90
CA THR B 138 -4.50 39.73 -21.41
C THR B 138 -5.10 41.08 -21.02
N LEU B 139 -4.39 41.87 -20.21
CA LEU B 139 -4.82 43.25 -20.00
C LEU B 139 -5.09 44.03 -21.30
N PRO B 140 -4.18 43.96 -22.30
CA PRO B 140 -4.52 44.69 -23.51
C PRO B 140 -5.71 44.11 -24.25
N GLN B 141 -5.84 42.78 -24.22
CA GLN B 141 -6.98 42.09 -24.87
C GLN B 141 -8.30 42.56 -24.28
N TYR B 142 -8.35 42.54 -22.97
CA TYR B 142 -9.49 43.05 -22.20
C TYR B 142 -9.79 44.53 -22.57
N ALA B 143 -8.78 45.39 -22.48
CA ALA B 143 -8.91 46.80 -22.92
C ALA B 143 -9.50 46.90 -24.35
N SER B 144 -9.13 45.98 -25.24
CA SER B 144 -9.68 46.00 -26.59
C SER B 144 -11.14 45.56 -26.70
N ASN B 145 -11.64 44.85 -25.69
CA ASN B 145 -12.91 44.15 -25.85
C ASN B 145 -14.16 45.01 -25.80
N GLY B 146 -14.14 46.09 -25.03
CA GLY B 146 -15.26 47.01 -24.89
C GLY B 146 -16.39 46.53 -23.99
N PHE B 147 -16.17 45.43 -23.27
CA PHE B 147 -17.09 44.95 -22.19
C PHE B 147 -16.36 43.92 -21.35
N ASN B 148 -16.92 43.65 -20.15
CA ASN B 148 -16.32 42.74 -19.20
C ASN B 148 -17.21 41.50 -19.14
N TYR B 149 -16.69 40.34 -19.58
CA TYR B 149 -17.43 39.09 -19.50
C TYR B 149 -17.94 38.91 -18.08
N PRO B 150 -19.14 38.37 -17.92
CA PRO B 150 -19.65 38.18 -16.54
C PRO B 150 -19.19 36.87 -15.84
N ALA B 151 -17.88 36.73 -15.68
CA ALA B 151 -17.33 35.64 -14.91
C ALA B 151 -17.26 36.02 -13.44
N ASP B 152 -18.34 35.86 -12.69
CA ASP B 152 -18.31 36.27 -11.29
C ASP B 152 -17.39 35.40 -10.43
N ASN B 153 -17.06 34.20 -10.94
CA ASN B 153 -16.09 33.36 -10.26
C ASN B 153 -14.62 33.78 -10.47
N ASP B 154 -14.39 34.73 -11.38
CA ASP B 154 -13.07 35.30 -11.64
C ASP B 154 -12.87 36.46 -10.65
N HIS B 155 -12.11 36.24 -9.58
CA HIS B 155 -12.12 37.18 -8.45
C HIS B 155 -11.18 38.38 -8.66
N HIS B 156 -11.59 39.30 -9.53
CA HIS B 156 -10.77 40.45 -9.89
C HIS B 156 -11.74 41.36 -10.54
N GLU B 157 -11.50 42.68 -10.52
CA GLU B 157 -12.32 43.66 -11.25
C GLU B 157 -12.52 43.27 -12.71
N LYS B 158 -11.42 42.83 -13.32
CA LYS B 158 -11.37 42.54 -14.75
C LYS B 158 -11.40 41.05 -14.89
N HIS B 159 -12.32 40.54 -15.68
CA HIS B 159 -12.49 39.07 -15.78
C HIS B 159 -11.72 38.56 -16.99
N LEU B 160 -10.42 38.36 -16.74
CA LEU B 160 -9.39 38.02 -17.74
C LEU B 160 -9.36 36.52 -18.09
N SER B 161 -9.92 35.74 -17.18
CA SER B 161 -9.90 34.29 -17.27
C SER B 161 -10.37 33.83 -18.65
N VAL B 162 -11.44 34.46 -19.15
CA VAL B 162 -12.12 34.01 -20.40
C VAL B 162 -11.22 34.07 -21.66
N PHE B 163 -10.23 34.96 -21.63
CA PHE B 163 -9.32 35.09 -22.75
C PHE B 163 -8.24 34.01 -22.80
N SER B 164 -7.96 33.39 -21.65
CA SER B 164 -6.90 32.40 -21.56
C SER B 164 -7.41 30.96 -21.47
N ARG B 165 -6.73 30.07 -22.18
CA ARG B 165 -7.01 28.67 -22.03
C ARG B 165 -6.13 28.19 -20.87
N LYS B 166 -6.66 28.39 -19.67
CA LYS B 166 -5.99 28.17 -18.43
C LYS B 166 -7.10 27.75 -17.44
N ALA B 167 -6.77 26.88 -16.49
CA ALA B 167 -7.73 26.35 -15.49
C ALA B 167 -8.56 27.45 -14.88
N PRO B 168 -9.89 27.50 -15.20
CA PRO B 168 -10.79 28.60 -14.75
C PRO B 168 -10.70 28.86 -13.26
N TYR B 169 -10.72 27.79 -12.45
CA TYR B 169 -10.71 27.92 -10.99
C TYR B 169 -9.44 28.60 -10.45
N SER B 170 -8.39 28.73 -11.28
CA SER B 170 -7.12 29.35 -10.80
C SER B 170 -7.36 30.83 -10.45
N TYR B 171 -8.35 31.42 -11.10
CA TYR B 171 -8.78 32.79 -10.94
C TYR B 171 -9.72 33.00 -9.73
N GLY B 172 -9.98 31.92 -8.99
CA GLY B 172 -10.98 31.89 -7.94
C GLY B 172 -12.12 30.98 -8.33
N TRP B 173 -12.91 30.59 -7.34
CA TRP B 173 -14.19 29.95 -7.58
C TRP B 173 -15.05 30.16 -6.30
N ASP B 174 -16.29 29.69 -6.33
CA ASP B 174 -17.22 29.85 -5.19
C ASP B 174 -16.97 28.81 -4.11
N TRP B 175 -15.96 27.97 -4.33
CA TRP B 175 -15.32 27.19 -3.24
C TRP B 175 -13.80 27.37 -3.21
N GLY B 176 -13.26 28.32 -3.98
CA GLY B 176 -11.80 28.31 -4.23
C GLY B 176 -11.04 29.63 -4.00
N ILE B 177 -9.78 29.48 -3.57
CA ILE B 177 -8.80 30.57 -3.46
C ILE B 177 -8.32 30.96 -4.85
N ARG B 178 -8.03 32.26 -5.01
CA ARG B 178 -7.42 32.72 -6.25
C ARG B 178 -5.90 32.57 -6.14
N MET B 179 -5.38 31.67 -6.99
CA MET B 179 -3.94 31.48 -7.13
CA MET B 179 -3.95 31.45 -7.12
C MET B 179 -3.59 31.29 -8.61
N VAL B 180 -3.56 32.42 -9.31
CA VAL B 180 -3.25 32.48 -10.77
C VAL B 180 -1.75 32.18 -10.93
N THR B 181 -1.45 30.88 -10.98
CA THR B 181 -0.07 30.44 -10.97
C THR B 181 0.44 30.30 -12.40
N SER B 182 1.67 29.81 -12.52
CA SER B 182 2.39 29.65 -13.77
C SER B 182 3.41 28.55 -13.59
N GLY B 183 3.92 28.06 -14.70
CA GLY B 183 4.96 27.08 -14.62
C GLY B 183 4.87 25.86 -15.52
N VAL B 184 5.84 24.98 -15.35
CA VAL B 184 5.90 23.72 -16.09
C VAL B 184 5.13 22.73 -15.25
N TRP B 185 3.83 22.55 -15.55
CA TRP B 185 2.92 21.91 -14.59
C TRP B 185 2.78 20.42 -14.84
N ARG B 186 3.34 19.95 -15.95
CA ARG B 186 3.42 18.52 -16.23
C ARG B 186 4.78 18.20 -16.85
N PRO B 187 5.13 16.90 -16.98
CA PRO B 187 6.56 16.58 -17.20
C PRO B 187 7.12 17.03 -18.58
N VAL B 188 8.44 17.14 -18.61
CA VAL B 188 9.21 17.51 -19.81
C VAL B 188 10.15 16.35 -20.03
N THR B 189 10.16 15.83 -21.25
CA THR B 189 10.96 14.69 -21.58
C THR B 189 11.66 14.93 -22.92
N LEU B 190 12.80 14.31 -23.05
CA LEU B 190 13.50 14.26 -24.32
C LEU B 190 13.51 12.84 -24.83
N ARG B 191 13.13 12.67 -26.07
CA ARG B 191 12.98 11.32 -26.65
C ARG B 191 13.94 11.17 -27.84
N PHE B 192 14.89 10.25 -27.72
CA PHE B 192 15.86 9.97 -28.80
C PHE B 192 15.48 8.71 -29.51
N TYR B 193 15.32 8.74 -30.82
CA TYR B 193 14.69 7.61 -31.48
C TYR B 193 15.17 7.39 -32.92
N ASP B 194 14.90 6.22 -33.45
CA ASP B 194 15.22 5.98 -34.84
C ASP B 194 13.96 5.86 -35.65
N ILE B 195 14.05 6.34 -36.90
CA ILE B 195 13.04 6.08 -37.94
C ILE B 195 11.73 6.86 -37.76
N ALA B 196 11.02 6.61 -36.64
CA ALA B 196 9.65 7.10 -36.48
C ALA B 196 9.23 7.00 -35.01
N THR B 197 8.17 7.74 -34.69
CA THR B 197 7.44 7.63 -33.43
C THR B 197 5.98 7.32 -33.78
N ILE B 198 5.28 6.62 -32.89
CA ILE B 198 3.83 6.51 -33.00
C ILE B 198 3.24 7.77 -32.32
N SER B 199 2.73 8.74 -33.09
CA SER B 199 2.20 9.94 -32.45
CA SER B 199 2.17 9.97 -32.52
C SER B 199 0.81 9.71 -31.85
N ASP B 200 0.12 8.67 -32.33
CA ASP B 200 -1.19 8.28 -31.77
C ASP B 200 -1.51 6.80 -32.05
N TYR B 201 -2.16 6.18 -31.07
CA TYR B 201 -2.69 4.83 -31.22
C TYR B 201 -4.05 4.82 -30.59
N TYR B 202 -5.03 4.50 -31.42
CA TYR B 202 -6.42 4.55 -31.04
C TYR B 202 -7.01 3.18 -31.26
N VAL B 203 -7.43 2.53 -30.17
CA VAL B 203 -8.12 1.26 -30.33
C VAL B 203 -9.62 1.50 -30.48
N ARG B 204 -10.12 1.38 -31.70
CA ARG B 204 -11.50 1.68 -31.98
C ARG B 204 -12.35 0.44 -31.92
N GLN B 205 -13.32 0.44 -30.99
CA GLN B 205 -14.21 -0.70 -30.86
C GLN B 205 -15.29 -0.60 -31.95
N LEU B 206 -15.29 -1.58 -32.84
CA LEU B 206 -16.26 -1.58 -33.96
C LEU B 206 -17.57 -2.21 -33.56
N SER B 207 -17.50 -3.38 -32.96
CA SER B 207 -18.67 -4.00 -32.38
C SER B 207 -18.30 -4.85 -31.17
N LEU B 208 -19.29 -5.12 -30.33
CA LEU B 208 -19.09 -5.98 -29.19
C LEU B 208 -20.31 -6.83 -28.90
N THR B 209 -20.14 -8.15 -28.90
CA THR B 209 -21.17 -9.06 -28.46
C THR B 209 -20.51 -10.03 -27.47
N ASP B 210 -21.30 -10.86 -26.78
CA ASP B 210 -20.77 -11.94 -25.95
C ASP B 210 -19.81 -12.87 -26.68
N GLU B 211 -20.03 -13.02 -27.98
CA GLU B 211 -19.25 -13.94 -28.80
C GLU B 211 -17.98 -13.33 -29.37
N ASN B 212 -18.00 -12.04 -29.67
CA ASN B 212 -16.92 -11.42 -30.38
C ASN B 212 -16.78 -9.90 -30.21
N ALA B 213 -15.54 -9.47 -30.01
CA ALA B 213 -15.23 -8.06 -30.02
C ALA B 213 -14.47 -7.79 -31.32
N ARG B 214 -14.94 -6.86 -32.14
CA ARG B 214 -14.15 -6.45 -33.30
C ARG B 214 -13.52 -5.08 -33.12
N LEU B 215 -12.18 -5.05 -33.20
CA LEU B 215 -11.44 -3.82 -33.03
C LEU B 215 -10.70 -3.35 -34.29
N SER B 216 -10.54 -2.05 -34.38
CA SER B 216 -9.70 -1.46 -35.39
C SER B 216 -8.61 -0.65 -34.72
N ASN B 217 -7.37 -1.06 -34.97
CA ASN B 217 -6.21 -0.43 -34.37
C ASN B 217 -5.76 0.62 -35.33
N GLU B 218 -5.91 1.88 -34.93
CA GLU B 218 -5.61 3.02 -35.77
C GLU B 218 -4.32 3.66 -35.32
N LEU B 219 -3.30 3.62 -36.16
CA LEU B 219 -1.99 4.18 -35.80
C LEU B 219 -1.63 5.37 -36.67
N ILE B 220 -1.17 6.44 -36.04
CA ILE B 220 -0.55 7.53 -36.76
C ILE B 220 0.95 7.50 -36.46
N VAL B 221 1.74 7.22 -37.49
CA VAL B 221 3.21 7.11 -37.34
C VAL B 221 3.93 8.27 -38.05
N ASN B 222 4.74 9.04 -37.30
CA ASN B 222 5.52 10.12 -37.89
C ASN B 222 6.95 9.69 -38.15
N GLN B 223 7.31 9.56 -39.42
CA GLN B 223 8.63 9.13 -39.82
C GLN B 223 9.52 10.32 -40.06
N ILE B 224 10.67 10.31 -39.40
CA ILE B 224 11.59 11.44 -39.41
C ILE B 224 12.67 11.32 -40.52
N VAL B 225 12.87 10.13 -41.05
CA VAL B 225 13.90 9.93 -42.09
C VAL B 225 13.34 10.10 -43.51
N PRO B 226 14.19 10.54 -44.48
CA PRO B 226 13.73 10.93 -45.81
C PRO B 226 13.46 9.80 -46.78
N GLN B 227 13.99 8.61 -46.49
CA GLN B 227 13.84 7.47 -47.40
C GLN B 227 12.59 6.63 -47.12
N LYS B 228 12.09 5.89 -48.12
CA LYS B 228 11.02 4.93 -47.87
C LYS B 228 11.56 3.81 -46.98
N ILE B 229 10.77 3.39 -45.99
CA ILE B 229 11.24 2.41 -45.00
C ILE B 229 10.33 1.19 -44.92
N PRO B 230 10.86 0.00 -45.27
CA PRO B 230 10.07 -1.22 -45.09
C PRO B 230 9.91 -1.52 -43.59
N ALA B 231 8.69 -1.88 -43.20
CA ALA B 231 8.40 -2.11 -41.79
C ALA B 231 7.25 -3.07 -41.63
N GLU B 232 7.13 -3.61 -40.41
CA GLU B 232 6.03 -4.46 -40.06
C GLU B 232 5.34 -3.92 -38.82
N VAL B 233 4.04 -3.66 -38.93
CA VAL B 233 3.25 -3.24 -37.75
C VAL B 233 2.71 -4.46 -37.06
N ARG B 234 2.96 -4.55 -35.76
CA ARG B 234 2.49 -5.68 -34.98
C ARG B 234 1.59 -5.17 -33.86
N VAL B 235 0.43 -5.77 -33.75
CA VAL B 235 -0.45 -5.53 -32.60
C VAL B 235 -0.62 -6.79 -31.79
N ASN B 236 -0.21 -6.70 -30.53
CA ASN B 236 -0.44 -7.78 -29.61
C ASN B 236 -1.52 -7.39 -28.61
N VAL B 237 -2.52 -8.25 -28.49
CA VAL B 237 -3.60 -8.14 -27.53
C VAL B 237 -3.44 -9.28 -26.51
N SER B 238 -3.23 -8.89 -25.24
CA SER B 238 -3.03 -9.82 -24.15
CA SER B 238 -3.11 -9.87 -24.19
C SER B 238 -4.00 -9.52 -22.97
N LEU B 239 -4.23 -10.53 -22.14
CA LEU B 239 -5.07 -10.42 -20.96
C LEU B 239 -4.32 -11.08 -19.86
N ASN B 240 -4.02 -10.31 -18.81
CA ASN B 240 -3.30 -10.81 -17.65
C ASN B 240 -2.05 -11.66 -17.99
N GLY B 241 -1.25 -11.16 -18.93
CA GLY B 241 0.12 -11.71 -19.16
C GLY B 241 0.11 -12.82 -20.21
N THR B 242 -1.06 -13.08 -20.77
CA THR B 242 -1.17 -14.06 -21.83
C THR B 242 -1.76 -13.53 -23.14
N THR B 243 -1.03 -13.75 -24.25
CA THR B 243 -1.52 -13.39 -25.59
C THR B 243 -2.86 -14.04 -25.91
N VAL B 244 -3.83 -13.21 -26.30
CA VAL B 244 -5.11 -13.73 -26.81
C VAL B 244 -5.19 -13.56 -28.34
N THR B 245 -4.64 -12.47 -28.87
CA THR B 245 -4.55 -12.27 -30.33
C THR B 245 -3.35 -11.43 -30.78
N GLU B 246 -2.85 -11.77 -31.96
CA GLU B 246 -1.70 -11.10 -32.54
CA GLU B 246 -1.69 -11.07 -32.53
C GLU B 246 -1.94 -10.87 -34.02
N VAL B 247 -1.79 -9.64 -34.47
CA VAL B 247 -2.01 -9.33 -35.86
C VAL B 247 -0.79 -8.55 -36.32
N LYS B 248 -0.47 -8.66 -37.60
CA LYS B 248 0.65 -7.92 -38.20
C LYS B 248 0.33 -7.51 -39.63
N GLN B 249 1.09 -6.56 -40.14
CA GLN B 249 0.85 -6.04 -41.48
C GLN B 249 2.18 -5.46 -41.97
N GLN B 250 2.53 -5.79 -43.21
CA GLN B 250 3.67 -5.17 -43.93
C GLN B 250 3.27 -3.80 -44.38
N VAL B 251 4.14 -2.82 -44.18
CA VAL B 251 3.90 -1.47 -44.71
C VAL B 251 5.21 -0.86 -45.18
N THR B 252 5.11 0.14 -46.04
CA THR B 252 6.25 0.98 -46.34
C THR B 252 5.93 2.33 -45.78
N LEU B 253 6.76 2.80 -44.85
CA LEU B 253 6.56 4.13 -44.27
C LEU B 253 7.23 5.20 -45.13
N GLN B 254 6.50 6.29 -45.33
CA GLN B 254 6.99 7.42 -46.08
C GLN B 254 7.38 8.53 -45.11
N PRO B 255 8.20 9.48 -45.57
CA PRO B 255 8.51 10.59 -44.64
C PRO B 255 7.26 11.31 -44.16
N GLY B 256 7.27 11.68 -42.87
CA GLY B 256 6.15 12.43 -42.30
C GLY B 256 5.04 11.50 -41.84
N ILE B 257 3.80 11.96 -42.00
CA ILE B 257 2.65 11.30 -41.42
C ILE B 257 2.21 10.06 -42.21
N ASN B 258 1.99 8.98 -41.47
CA ASN B 258 1.53 7.73 -42.01
C ASN B 258 0.32 7.27 -41.20
N HIS B 259 -0.73 6.84 -41.89
CA HIS B 259 -1.95 6.30 -41.28
C HIS B 259 -2.04 4.81 -41.57
N ILE B 260 -1.95 4.03 -40.49
CA ILE B 260 -2.01 2.59 -40.58
C ILE B 260 -3.25 2.12 -39.78
N THR B 261 -4.01 1.19 -40.36
CA THR B 261 -5.14 0.58 -39.66
C THR B 261 -5.03 -0.95 -39.76
N LEU B 262 -5.05 -1.61 -38.60
CA LEU B 262 -5.03 -3.09 -38.47
C LEU B 262 -6.23 -3.57 -37.68
N PRO B 263 -7.10 -4.40 -38.31
CA PRO B 263 -8.17 -5.08 -37.54
C PRO B 263 -7.60 -6.05 -36.51
N ALA B 264 -8.30 -6.23 -35.39
CA ALA B 264 -8.10 -7.37 -34.46
C ALA B 264 -9.44 -7.83 -33.90
N GLU B 265 -9.59 -9.11 -33.62
CA GLU B 265 -10.80 -9.57 -32.95
C GLU B 265 -10.45 -10.34 -31.67
N VAL B 266 -11.33 -10.20 -30.68
CA VAL B 266 -11.23 -10.98 -29.45
C VAL B 266 -12.49 -11.79 -29.34
N THR B 267 -12.31 -13.12 -29.33
CA THR B 267 -13.39 -14.09 -29.25
C THR B 267 -13.79 -14.22 -27.81
N ASN B 268 -15.10 -14.32 -27.58
CA ASN B 268 -15.62 -14.50 -26.20
C ASN B 268 -15.04 -13.44 -25.22
N PRO B 269 -15.17 -12.16 -25.58
CA PRO B 269 -14.43 -11.12 -24.81
C PRO B 269 -14.83 -11.07 -23.32
N VAL B 270 -13.89 -10.71 -22.47
CA VAL B 270 -14.22 -10.59 -21.06
C VAL B 270 -14.47 -9.09 -20.84
N ARG B 271 -15.70 -8.76 -20.46
CA ARG B 271 -16.12 -7.38 -20.50
C ARG B 271 -15.63 -6.58 -19.30
N TRP B 272 -15.47 -5.27 -19.50
CA TRP B 272 -15.18 -4.34 -18.42
C TRP B 272 -16.54 -4.00 -17.82
N MET B 273 -16.63 -4.12 -16.50
N MET B 273 -16.68 -4.13 -16.50
CA MET B 273 -17.82 -3.80 -15.74
CA MET B 273 -17.93 -3.81 -15.82
C MET B 273 -17.59 -2.52 -14.93
C MET B 273 -17.68 -2.69 -14.81
N PRO B 274 -18.67 -1.79 -14.64
CA PRO B 274 -18.56 -0.68 -13.70
C PRO B 274 -18.64 -1.19 -12.25
N ASN B 275 -18.09 -0.38 -11.36
CA ASN B 275 -17.99 -0.69 -9.96
C ASN B 275 -19.34 -1.21 -9.48
N GLY B 276 -19.34 -2.42 -8.93
CA GLY B 276 -20.56 -2.97 -8.38
C GLY B 276 -21.14 -4.06 -9.27
N TRP B 277 -20.75 -4.10 -10.53
CA TRP B 277 -21.26 -5.08 -11.48
C TRP B 277 -20.19 -6.11 -11.91
N GLY B 278 -19.10 -6.16 -11.18
CA GLY B 278 -18.08 -7.12 -11.46
C GLY B 278 -16.71 -6.51 -11.65
N THR B 279 -15.87 -7.23 -12.39
CA THR B 279 -14.47 -6.89 -12.61
C THR B 279 -14.31 -5.82 -13.67
N PRO B 280 -13.50 -4.79 -13.36
CA PRO B 280 -13.20 -3.79 -14.42
C PRO B 280 -12.06 -4.32 -15.33
N THR B 281 -12.36 -5.36 -16.10
CA THR B 281 -11.38 -6.08 -16.92
C THR B 281 -10.69 -5.21 -17.95
N LEU B 282 -9.36 -5.26 -17.95
CA LEU B 282 -8.51 -4.49 -18.83
C LEU B 282 -7.54 -5.40 -19.60
N TYR B 283 -7.71 -5.42 -20.91
CA TYR B 283 -6.78 -6.08 -21.82
C TYR B 283 -5.58 -5.15 -22.07
N ASP B 284 -4.44 -5.71 -22.40
CA ASP B 284 -3.31 -4.89 -22.81
C ASP B 284 -3.18 -4.95 -24.33
N PHE B 285 -3.32 -3.80 -24.97
CA PHE B 285 -3.09 -3.67 -26.42
C PHE B 285 -1.78 -2.98 -26.67
N SER B 286 -0.88 -3.66 -27.37
CA SER B 286 0.43 -3.06 -27.64
C SER B 286 0.66 -2.98 -29.16
N ALA B 287 1.04 -1.81 -29.65
CA ALA B 287 1.31 -1.64 -31.08
C ALA B 287 2.79 -1.41 -31.25
N GLN B 288 3.40 -2.15 -32.19
CA GLN B 288 4.84 -2.00 -32.43
C GLN B 288 5.13 -1.68 -33.91
N ILE B 289 6.19 -0.91 -34.13
CA ILE B 289 6.76 -0.70 -35.49
C ILE B 289 8.11 -1.41 -35.51
N ALA B 290 8.17 -2.49 -36.31
CA ALA B 290 9.39 -3.26 -36.43
C ALA B 290 10.07 -2.93 -37.76
N CYS B 291 11.31 -2.46 -37.65
CA CYS B 291 12.21 -2.24 -38.79
C CYS B 291 13.39 -3.17 -38.66
N GLY B 292 13.37 -4.22 -39.47
CA GLY B 292 14.23 -5.36 -39.27
C GLY B 292 13.79 -6.03 -38.00
N ASP B 293 14.72 -6.28 -37.10
CA ASP B 293 14.34 -6.83 -35.83
C ASP B 293 14.45 -5.73 -34.73
N ARG B 294 14.47 -4.46 -35.16
CA ARG B 294 14.45 -3.33 -34.22
C ARG B 294 12.99 -2.88 -34.02
N ILE B 295 12.49 -2.94 -32.79
CA ILE B 295 11.24 -2.25 -32.41
C ILE B 295 11.56 -0.76 -32.19
N VAL B 296 11.37 0.03 -33.25
CA VAL B 296 11.78 1.42 -33.24
C VAL B 296 10.80 2.27 -32.45
N ALA B 297 9.52 1.88 -32.49
CA ALA B 297 8.44 2.57 -31.78
C ALA B 297 7.42 1.57 -31.23
N GLU B 298 6.95 1.85 -30.01
CA GLU B 298 5.93 0.98 -29.43
C GLU B 298 4.99 1.82 -28.56
N GLN B 299 3.70 1.53 -28.62
CA GLN B 299 2.73 2.20 -27.74
C GLN B 299 1.72 1.22 -27.20
N SER B 300 1.37 1.35 -25.91
CA SER B 300 0.38 0.49 -25.30
C SER B 300 -0.77 1.28 -24.72
N HIS B 301 -1.91 0.60 -24.66
CA HIS B 301 -3.06 1.05 -23.90
C HIS B 301 -3.72 -0.14 -23.20
N ARG B 302 -4.21 0.13 -22.00
CA ARG B 302 -5.12 -0.75 -21.35
C ARG B 302 -6.53 -0.49 -21.93
N ILE B 303 -7.22 -1.55 -22.28
CA ILE B 303 -8.46 -1.46 -23.01
C ILE B 303 -9.55 -2.24 -22.27
N GLY B 304 -10.66 -1.56 -22.04
CA GLY B 304 -11.86 -2.18 -21.52
C GLY B 304 -12.86 -2.41 -22.63
N LEU B 305 -13.33 -3.62 -22.75
CA LEU B 305 -14.29 -3.98 -23.81
C LEU B 305 -15.67 -3.88 -23.18
N ARG B 306 -16.43 -2.87 -23.58
CA ARG B 306 -17.76 -2.61 -23.02
C ARG B 306 -18.46 -1.67 -24.01
N THR B 307 -19.78 -1.60 -23.88
CA THR B 307 -20.52 -0.56 -24.58
C THR B 307 -21.06 0.37 -23.53
N ILE B 308 -21.04 1.65 -23.86
CA ILE B 308 -21.68 2.67 -23.05
C ILE B 308 -22.54 3.44 -24.03
N ARG B 309 -23.81 3.57 -23.70
CA ARG B 309 -24.70 4.36 -24.53
C ARG B 309 -25.41 5.34 -23.61
N VAL B 310 -25.36 6.63 -23.96
CA VAL B 310 -26.12 7.65 -23.27
C VAL B 310 -27.44 7.76 -24.02
N VAL B 311 -28.55 7.50 -23.31
CA VAL B 311 -29.89 7.57 -23.90
C VAL B 311 -30.51 8.89 -23.47
N ASN B 312 -30.77 9.74 -24.46
CA ASN B 312 -31.37 11.05 -24.24
C ASN B 312 -32.45 11.14 -25.33
N GLU B 313 -33.67 10.77 -24.96
CA GLU B 313 -34.79 10.62 -25.89
C GLU B 313 -36.05 11.22 -25.31
N LYS B 314 -36.87 11.86 -26.16
CA LYS B 314 -38.24 12.22 -25.80
C LYS B 314 -39.00 10.99 -25.35
N ASP B 315 -39.74 11.16 -24.27
CA ASP B 315 -40.53 10.11 -23.68
C ASP B 315 -41.74 10.76 -22.98
N LYS B 316 -42.60 9.95 -22.38
CA LYS B 316 -43.86 10.44 -21.80
C LYS B 316 -43.65 11.49 -20.71
N ASP B 317 -42.46 11.48 -20.12
CA ASP B 317 -42.11 12.35 -19.00
C ASP B 317 -41.32 13.59 -19.35
N GLY B 318 -40.89 13.67 -20.60
CA GLY B 318 -40.12 14.80 -21.09
C GLY B 318 -39.02 14.31 -22.02
N GLU B 319 -37.78 14.37 -21.51
CA GLU B 319 -36.60 13.80 -22.21
C GLU B 319 -35.75 13.07 -21.21
N SER B 320 -35.55 11.78 -21.44
CA SER B 320 -34.75 10.92 -20.58
C SER B 320 -33.26 11.33 -20.60
N PHE B 321 -32.52 10.84 -19.61
CA PHE B 321 -31.09 11.07 -19.62
C PHE B 321 -30.43 9.99 -18.82
N TYR B 322 -29.91 8.95 -19.48
CA TYR B 322 -29.38 7.82 -18.69
C TYR B 322 -28.30 7.00 -19.38
N PHE B 323 -27.54 6.26 -18.57
CA PHE B 323 -26.43 5.46 -19.04
C PHE B 323 -26.86 4.00 -19.16
N GLU B 324 -26.49 3.41 -20.28
CA GLU B 324 -26.70 2.01 -20.50
C GLU B 324 -25.32 1.39 -20.68
N VAL B 325 -24.95 0.49 -19.78
CA VAL B 325 -23.62 -0.10 -19.81
C VAL B 325 -23.71 -1.60 -20.07
N ASN B 326 -22.98 -2.06 -21.10
CA ASN B 326 -23.12 -3.45 -21.57
C ASN B 326 -24.57 -3.84 -21.75
N GLY B 327 -25.34 -2.88 -22.26
CA GLY B 327 -26.73 -3.09 -22.58
C GLY B 327 -27.73 -2.95 -21.46
N ILE B 328 -27.24 -2.68 -20.26
CA ILE B 328 -28.06 -2.62 -19.06
C ILE B 328 -28.15 -1.17 -18.53
N PRO B 329 -29.39 -0.63 -18.37
CA PRO B 329 -29.49 0.70 -17.77
C PRO B 329 -28.90 0.70 -16.36
N MET B 330 -27.99 1.64 -16.12
CA MET B 330 -27.21 1.72 -14.91
C MET B 330 -27.51 3.05 -14.26
N PHE B 331 -28.22 3.00 -13.16
CA PHE B 331 -28.43 4.19 -12.32
C PHE B 331 -27.08 4.72 -11.84
N ALA B 332 -26.80 5.99 -12.13
CA ALA B 332 -25.50 6.62 -11.81
C ALA B 332 -25.46 7.12 -10.38
N LYS B 333 -24.35 6.84 -9.69
CA LYS B 333 -24.14 7.16 -8.30
C LYS B 333 -22.73 7.72 -8.13
N GLY B 334 -22.64 9.02 -7.86
CA GLY B 334 -21.35 9.63 -7.76
C GLY B 334 -21.39 11.07 -7.40
N ALA B 335 -20.43 11.79 -7.93
CA ALA B 335 -20.17 13.15 -7.49
C ALA B 335 -19.38 13.94 -8.51
N ASN B 336 -19.41 15.27 -8.34
CA ASN B 336 -18.61 16.19 -9.16
C ASN B 336 -17.22 16.36 -8.56
N TYR B 337 -16.20 16.16 -9.40
CA TYR B 337 -14.81 16.22 -8.98
C TYR B 337 -14.28 17.57 -9.43
N ILE B 338 -13.55 18.24 -8.53
CA ILE B 338 -12.91 19.54 -8.77
C ILE B 338 -11.40 19.28 -8.58
N PRO B 339 -10.50 20.21 -9.01
CA PRO B 339 -9.08 19.97 -8.78
C PRO B 339 -8.76 19.71 -7.30
N GLN B 340 -7.74 18.86 -7.04
CA GLN B 340 -7.45 18.48 -5.63
C GLN B 340 -6.63 19.51 -4.89
N ASP B 341 -6.15 20.49 -5.63
CA ASP B 341 -5.24 21.48 -5.04
C ASP B 341 -5.26 22.73 -5.86
N ALA B 342 -5.05 23.87 -5.20
CA ALA B 342 -4.72 25.14 -5.88
C ALA B 342 -3.42 25.03 -6.72
N LEU B 343 -2.50 24.16 -6.30
CA LEU B 343 -1.23 23.92 -7.05
C LEU B 343 -1.20 22.49 -7.54
N LEU B 344 -1.61 22.31 -8.80
CA LEU B 344 -1.82 20.98 -9.39
C LEU B 344 -0.65 20.00 -9.26
N PRO B 345 0.60 20.46 -9.52
CA PRO B 345 1.74 19.52 -9.39
C PRO B 345 1.99 19.06 -7.96
N ASN B 346 1.42 19.73 -6.95
CA ASN B 346 1.54 19.24 -5.56
C ASN B 346 0.76 17.96 -5.28
N VAL B 347 -0.18 17.63 -6.17
CA VAL B 347 -0.98 16.44 -5.99
C VAL B 347 -0.23 15.15 -6.38
N THR B 348 0.11 14.35 -5.39
CA THR B 348 0.95 13.17 -5.59
C THR B 348 0.16 12.00 -6.16
N THR B 349 0.88 10.98 -6.62
CA THR B 349 0.29 9.70 -7.00
C THR B 349 -0.58 9.10 -5.89
N GLU B 350 -0.07 9.13 -4.67
CA GLU B 350 -0.74 8.60 -3.52
C GLU B 350 -2.08 9.27 -3.28
N ARG B 351 -2.11 10.60 -3.42
CA ARG B 351 -3.35 11.37 -3.28
C ARG B 351 -4.42 10.99 -4.31
N TYR B 352 -4.01 10.73 -5.55
CA TYR B 352 -4.96 10.32 -6.62
C TYR B 352 -5.53 8.95 -6.26
N GLN B 353 -4.64 8.01 -5.86
CA GLN B 353 -5.05 6.67 -5.49
C GLN B 353 -6.01 6.72 -4.27
N THR B 354 -5.72 7.57 -3.31
CA THR B 354 -6.59 7.68 -2.13
C THR B 354 -7.97 8.19 -2.52
N LEU B 355 -7.99 9.20 -3.36
CA LEU B 355 -9.28 9.73 -3.78
C LEU B 355 -10.11 8.66 -4.53
N PHE B 356 -9.48 7.86 -5.39
CA PHE B 356 -10.22 6.76 -6.01
C PHE B 356 -10.71 5.69 -5.04
N ARG B 357 -9.92 5.39 -4.02
CA ARG B 357 -10.35 4.51 -2.95
C ARG B 357 -11.60 5.07 -2.28
N ASP B 358 -11.57 6.36 -1.95
CA ASP B 358 -12.72 7.09 -1.41
C ASP B 358 -14.01 7.00 -2.28
N MET B 359 -13.88 7.16 -3.59
CA MET B 359 -15.03 6.93 -4.46
C MET B 359 -15.49 5.47 -4.48
N LYS B 360 -14.54 4.57 -4.64
CA LYS B 360 -14.85 3.14 -4.70
C LYS B 360 -15.55 2.68 -3.42
N GLU B 361 -15.00 3.06 -2.28
CA GLU B 361 -15.51 2.64 -0.96
C GLU B 361 -16.88 3.27 -0.67
N ALA B 362 -17.20 4.36 -1.36
CA ALA B 362 -18.55 4.94 -1.20
C ALA B 362 -19.54 4.36 -2.21
N ASN B 363 -19.17 3.28 -2.89
CA ASN B 363 -20.09 2.62 -3.84
C ASN B 363 -20.43 3.40 -5.10
N MET B 364 -19.59 4.38 -5.42
CA MET B 364 -19.82 5.18 -6.62
C MET B 364 -19.49 4.39 -7.92
N ASN B 365 -20.18 4.75 -8.98
CA ASN B 365 -19.88 4.24 -10.29
C ASN B 365 -19.70 5.30 -11.37
N MET B 366 -19.72 6.57 -10.97
CA MET B 366 -19.52 7.69 -11.91
C MET B 366 -18.87 8.88 -11.18
N VAL B 367 -17.96 9.55 -11.89
CA VAL B 367 -17.45 10.88 -11.47
C VAL B 367 -17.62 11.87 -12.61
N ARG B 368 -18.02 13.10 -12.29
CA ARG B 368 -18.03 14.16 -13.30
C ARG B 368 -16.80 15.04 -13.15
N ILE B 369 -15.99 15.16 -14.20
CA ILE B 369 -14.81 16.06 -14.14
C ILE B 369 -15.35 17.39 -14.68
N TRP B 370 -15.75 18.20 -13.72
CA TRP B 370 -16.44 19.46 -13.92
C TRP B 370 -15.52 20.50 -14.59
N GLY B 371 -16.14 21.29 -15.48
CA GLY B 371 -15.45 22.09 -16.51
C GLY B 371 -14.81 23.40 -16.06
N GLY B 372 -14.61 23.61 -14.76
CA GLY B 372 -13.74 24.76 -14.36
C GLY B 372 -12.39 24.33 -13.79
N GLY B 373 -12.04 23.04 -13.91
CA GLY B 373 -10.74 22.55 -13.45
C GLY B 373 -9.73 22.30 -14.60
N THR B 374 -9.28 21.06 -14.74
CA THR B 374 -8.40 20.67 -15.85
C THR B 374 -8.95 19.38 -16.45
N TYR B 375 -8.55 19.11 -17.69
CA TYR B 375 -8.64 17.77 -18.25
C TYR B 375 -7.58 17.02 -17.41
N GLU B 376 -8.00 16.04 -16.65
CA GLU B 376 -7.14 15.48 -15.64
C GLU B 376 -6.00 14.65 -16.23
N ASN B 377 -5.04 14.31 -15.39
CA ASN B 377 -3.82 13.68 -15.84
C ASN B 377 -4.11 12.25 -16.23
N ASN B 378 -3.15 11.59 -16.87
CA ASN B 378 -3.41 10.23 -17.39
C ASN B 378 -3.70 9.28 -16.21
N LEU B 379 -3.02 9.50 -15.09
CA LEU B 379 -3.20 8.68 -13.87
C LEU B 379 -4.66 8.62 -13.41
N PHE B 380 -5.32 9.78 -13.41
CA PHE B 380 -6.74 9.92 -13.02
C PHE B 380 -7.61 8.90 -13.81
N TYR B 381 -7.50 8.92 -15.16
CA TYR B 381 -8.30 8.03 -16.01
C TYR B 381 -7.86 6.56 -15.90
N ASP B 382 -6.57 6.33 -15.65
CA ASP B 382 -6.07 4.97 -15.40
C ASP B 382 -6.75 4.39 -14.15
N LEU B 383 -6.82 5.20 -13.11
CA LEU B 383 -7.49 4.82 -11.86
C LEU B 383 -9.02 4.63 -12.02
N ALA B 384 -9.66 5.52 -12.75
CA ALA B 384 -11.05 5.29 -13.08
C ALA B 384 -11.22 3.95 -13.81
N ASP B 385 -10.35 3.67 -14.78
CA ASP B 385 -10.44 2.41 -15.56
C ASP B 385 -10.38 1.17 -14.66
N GLU B 386 -9.38 1.13 -13.78
CA GLU B 386 -9.18 0.03 -12.86
C GLU B 386 -10.14 -0.01 -11.64
N ASN B 387 -10.93 1.03 -11.41
CA ASN B 387 -11.87 1.02 -10.28
C ASN B 387 -13.32 0.96 -10.77
N GLY B 388 -13.52 0.81 -12.09
CA GLY B 388 -14.86 0.68 -12.65
C GLY B 388 -15.67 1.95 -12.51
N ILE B 389 -15.02 3.11 -12.55
CA ILE B 389 -15.79 4.35 -12.38
C ILE B 389 -15.91 5.07 -13.73
N LEU B 390 -17.15 5.22 -14.20
CA LEU B 390 -17.43 5.98 -15.43
C LEU B 390 -17.09 7.45 -15.22
N VAL B 391 -16.53 8.05 -16.29
CA VAL B 391 -16.15 9.41 -16.27
C VAL B 391 -17.02 10.26 -17.21
N TRP B 392 -17.62 11.32 -16.65
CA TRP B 392 -18.32 12.32 -17.44
C TRP B 392 -17.30 13.45 -17.62
N GLN B 393 -16.84 13.69 -18.84
CA GLN B 393 -15.78 14.73 -19.03
C GLN B 393 -16.36 16.04 -19.58
N ASP B 394 -16.34 17.11 -18.76
CA ASP B 394 -16.71 18.44 -19.32
C ASP B 394 -15.46 18.95 -20.06
N PHE B 395 -15.69 19.72 -21.11
CA PHE B 395 -14.67 20.66 -21.61
C PHE B 395 -14.49 21.74 -20.59
N MET B 396 -13.31 22.38 -20.61
CA MET B 396 -12.94 23.33 -19.54
C MET B 396 -13.50 24.75 -19.79
N PHE B 397 -14.83 24.84 -19.81
CA PHE B 397 -15.60 26.09 -19.90
C PHE B 397 -16.66 26.05 -18.80
N ALA B 398 -16.74 27.09 -17.98
CA ALA B 398 -17.69 27.04 -16.83
C ALA B 398 -18.23 28.40 -16.45
N CYS B 399 -19.56 28.50 -16.48
CA CYS B 399 -20.33 29.58 -15.77
C CYS B 399 -20.30 30.98 -16.39
N THR B 400 -19.61 31.16 -17.49
CA THR B 400 -19.62 32.43 -18.21
C THR B 400 -19.67 32.15 -19.71
N PRO B 401 -20.28 33.07 -20.50
CA PRO B 401 -19.99 32.91 -21.91
C PRO B 401 -18.51 33.23 -22.16
N TYR B 402 -18.03 32.79 -23.31
CA TYR B 402 -16.63 32.96 -23.69
C TYR B 402 -16.57 33.63 -25.05
N PRO B 403 -15.38 34.21 -25.39
CA PRO B 403 -15.14 34.66 -26.77
C PRO B 403 -15.40 33.54 -27.78
N SER B 404 -15.57 33.91 -29.05
CA SER B 404 -15.80 32.97 -30.11
C SER B 404 -15.13 33.44 -31.40
N ASP B 405 -14.16 34.36 -31.27
CA ASP B 405 -13.41 34.84 -32.43
C ASP B 405 -12.55 33.71 -33.02
N PRO B 406 -12.21 33.78 -34.32
CA PRO B 406 -11.43 32.71 -34.98
C PRO B 406 -10.15 32.25 -34.26
N THR B 407 -9.31 33.18 -33.79
CA THR B 407 -8.07 32.77 -33.14
C THR B 407 -8.31 32.04 -31.82
N PHE B 408 -9.22 32.54 -30.99
CA PHE B 408 -9.65 31.80 -29.79
C PHE B 408 -10.23 30.42 -30.17
N LEU B 409 -11.06 30.34 -31.21
CA LEU B 409 -11.67 29.06 -31.55
C LEU B 409 -10.60 28.07 -32.04
N LYS B 410 -9.51 28.61 -32.60
CA LYS B 410 -8.41 27.79 -33.08
C LYS B 410 -7.65 27.21 -31.91
N ARG B 411 -7.44 27.99 -30.85
CA ARG B 411 -6.83 27.47 -29.63
C ARG B 411 -7.69 26.38 -28.97
N VAL B 412 -9.01 26.57 -28.93
CA VAL B 412 -9.92 25.59 -28.39
C VAL B 412 -9.89 24.31 -29.22
N GLU B 413 -9.85 24.44 -30.55
CA GLU B 413 -9.79 23.26 -31.39
C GLU B 413 -8.53 22.39 -31.11
N ALA B 414 -7.38 23.07 -30.93
CA ALA B 414 -6.13 22.39 -30.58
C ALA B 414 -6.31 21.59 -29.29
N GLU B 415 -6.86 22.23 -28.26
CA GLU B 415 -7.05 21.57 -27.00
C GLU B 415 -8.09 20.43 -27.05
N ALA B 416 -9.15 20.62 -27.82
CA ALA B 416 -10.21 19.59 -27.93
C ALA B 416 -9.54 18.37 -28.60
N VAL B 417 -8.90 18.59 -29.73
CA VAL B 417 -8.23 17.47 -30.44
C VAL B 417 -7.20 16.79 -29.52
N TYR B 418 -6.34 17.59 -28.89
CA TYR B 418 -5.28 17.02 -28.05
C TYR B 418 -5.89 16.12 -26.98
N ASN B 419 -6.84 16.66 -26.22
CA ASN B 419 -7.31 15.89 -25.08
C ASN B 419 -8.24 14.73 -25.47
N ILE B 420 -8.98 14.89 -26.59
CA ILE B 420 -9.82 13.80 -27.06
C ILE B 420 -8.91 12.62 -27.40
N ARG B 421 -7.84 12.83 -28.17
CA ARG B 421 -6.93 11.73 -28.53
C ARG B 421 -6.21 11.18 -27.30
N ARG B 422 -5.88 12.05 -26.36
CA ARG B 422 -5.21 11.58 -25.13
C ARG B 422 -6.15 10.69 -24.30
N LEU B 423 -7.47 10.95 -24.32
CA LEU B 423 -8.37 10.27 -23.38
C LEU B 423 -9.23 9.15 -23.99
N ARG B 424 -9.28 9.06 -25.32
CA ARG B 424 -10.32 8.25 -25.97
C ARG B 424 -10.12 6.76 -25.88
N ASN B 425 -8.98 6.31 -25.35
CA ASN B 425 -8.77 4.86 -25.17
C ASN B 425 -9.14 4.32 -23.76
N HIS B 426 -9.53 5.21 -22.85
CA HIS B 426 -9.95 4.81 -21.48
C HIS B 426 -11.33 4.17 -21.47
N ALA B 427 -11.37 2.93 -20.97
CA ALA B 427 -12.66 2.25 -20.70
C ALA B 427 -13.65 3.16 -19.91
N SER B 428 -13.09 3.89 -18.97
CA SER B 428 -13.95 4.69 -18.07
C SER B 428 -14.64 5.86 -18.75
N LEU B 429 -14.02 6.41 -19.81
CA LEU B 429 -14.60 7.60 -20.46
C LEU B 429 -15.97 7.33 -21.09
N ALA B 430 -16.99 8.04 -20.57
CA ALA B 430 -18.36 7.72 -20.91
C ALA B 430 -19.03 8.78 -21.80
N MET B 431 -18.57 10.03 -21.71
CA MET B 431 -19.24 11.12 -22.42
C MET B 431 -18.46 12.43 -22.29
N TRP B 432 -18.77 13.37 -23.20
CA TRP B 432 -18.19 14.70 -23.21
C TRP B 432 -19.32 15.70 -23.01
N CYS B 433 -19.04 16.77 -22.28
CA CYS B 433 -20.06 17.82 -22.11
C CYS B 433 -19.43 19.15 -22.45
N GLY B 434 -20.09 19.94 -23.30
CA GLY B 434 -19.45 21.21 -23.82
C GLY B 434 -19.04 22.19 -22.73
N ASN B 435 -19.86 22.33 -21.71
CA ASN B 435 -19.53 23.26 -20.64
C ASN B 435 -20.39 23.06 -19.40
N ASN B 436 -20.01 23.72 -18.31
CA ASN B 436 -20.86 23.79 -17.12
C ASN B 436 -21.68 25.10 -17.07
N GLU B 437 -23.01 24.99 -17.10
CA GLU B 437 -23.96 26.08 -16.78
C GLU B 437 -23.98 27.30 -17.70
N ILE B 438 -23.36 27.24 -18.88
CA ILE B 438 -23.21 28.51 -19.64
C ILE B 438 -24.54 28.90 -20.30
N LEU B 439 -25.28 27.92 -20.84
CA LEU B 439 -26.55 28.26 -21.44
C LEU B 439 -27.50 28.69 -20.35
N GLU B 440 -27.47 28.00 -19.21
CA GLU B 440 -28.22 28.48 -18.03
C GLU B 440 -27.89 29.92 -17.63
N ALA B 441 -26.60 30.25 -17.60
CA ALA B 441 -26.19 31.64 -17.28
C ALA B 441 -26.75 32.66 -18.30
N LEU B 442 -26.59 32.32 -19.58
CA LEU B 442 -27.11 33.13 -20.67
C LEU B 442 -28.62 33.35 -20.61
N LYS B 443 -29.39 32.34 -20.17
CA LYS B 443 -30.85 32.40 -20.18
C LYS B 443 -31.43 32.95 -18.89
N TYR B 444 -30.78 32.67 -17.76
CA TYR B 444 -31.40 32.90 -16.46
C TYR B 444 -30.66 33.74 -15.43
N TRP B 445 -29.47 34.25 -15.75
CA TRP B 445 -28.71 34.91 -14.67
C TRP B 445 -28.68 36.42 -14.81
N GLY B 446 -29.58 36.95 -15.64
CA GLY B 446 -29.78 38.40 -15.81
C GLY B 446 -28.78 39.15 -16.67
N PHE B 447 -28.20 38.49 -17.69
CA PHE B 447 -27.23 39.20 -18.53
C PHE B 447 -27.84 40.26 -19.45
N GLU B 448 -29.06 40.02 -19.98
CA GLU B 448 -29.67 40.98 -20.90
C GLU B 448 -29.68 42.41 -20.35
N LYS B 449 -29.75 42.57 -19.03
CA LYS B 449 -29.72 43.91 -18.45
C LYS B 449 -28.28 44.38 -18.09
N LYS B 450 -27.29 43.51 -18.30
CA LYS B 450 -25.89 43.81 -17.99
C LYS B 450 -25.11 44.26 -19.24
N PHE B 451 -25.66 44.00 -20.42
CA PHE B 451 -24.96 44.28 -21.67
C PHE B 451 -25.93 44.97 -22.63
N THR B 452 -25.38 45.55 -23.70
CA THR B 452 -26.20 46.12 -24.78
C THR B 452 -26.87 45.01 -25.56
N PRO B 453 -27.95 45.31 -26.28
CA PRO B 453 -28.55 44.18 -27.00
C PRO B 453 -27.61 43.56 -28.06
N GLU B 454 -26.79 44.41 -28.69
CA GLU B 454 -25.81 43.98 -29.68
C GLU B 454 -24.78 42.99 -29.05
N VAL B 455 -24.24 43.33 -27.88
CA VAL B 455 -23.27 42.45 -27.16
C VAL B 455 -23.90 41.15 -26.70
N TYR B 456 -25.08 41.25 -26.08
CA TYR B 456 -25.82 40.06 -25.68
C TYR B 456 -26.04 39.09 -26.85
N GLN B 457 -26.50 39.60 -28.00
CA GLN B 457 -26.71 38.78 -29.19
C GLN B 457 -25.46 38.13 -29.77
N GLY B 458 -24.33 38.85 -29.65
CA GLY B 458 -23.01 38.29 -29.97
C GLY B 458 -22.61 37.20 -28.99
N LEU B 459 -22.93 37.38 -27.72
CA LEU B 459 -22.73 36.32 -26.72
C LEU B 459 -23.49 35.03 -27.11
N MET B 460 -24.78 35.17 -27.45
CA MET B 460 -25.66 34.11 -27.93
C MET B 460 -25.17 33.40 -29.16
N HIS B 461 -24.81 34.16 -30.19
CA HIS B 461 -24.29 33.61 -31.41
C HIS B 461 -22.93 32.89 -31.17
N GLY B 462 -22.05 33.48 -30.38
CA GLY B 462 -20.79 32.79 -30.05
C GLY B 462 -20.95 31.53 -29.21
N TYR B 463 -21.97 31.49 -28.36
CA TYR B 463 -22.31 30.22 -27.67
C TYR B 463 -22.44 29.10 -28.67
N ASP B 464 -23.26 29.35 -29.69
CA ASP B 464 -23.51 28.34 -30.72
C ASP B 464 -22.26 27.91 -31.46
N LYS B 465 -21.42 28.88 -31.82
CA LYS B 465 -20.20 28.65 -32.60
C LYS B 465 -19.26 27.69 -31.86
N LEU B 466 -19.15 27.88 -30.55
CA LEU B 466 -18.28 27.03 -29.74
C LEU B 466 -18.95 25.69 -29.33
N PHE B 467 -20.14 25.77 -28.74
CA PHE B 467 -20.77 24.62 -28.11
C PHE B 467 -21.74 23.80 -28.94
N ARG B 468 -22.33 24.41 -29.97
CA ARG B 468 -23.19 23.67 -30.88
C ARG B 468 -22.53 23.32 -32.21
N GLU B 469 -21.33 23.85 -32.44
N GLU B 469 -21.34 23.87 -32.45
CA GLU B 469 -20.62 23.61 -33.70
CA GLU B 469 -20.62 23.63 -33.71
C GLU B 469 -19.20 23.06 -33.52
C GLU B 469 -19.22 23.06 -33.50
N LEU B 470 -18.29 23.88 -33.01
CA LEU B 470 -16.87 23.47 -32.87
C LEU B 470 -16.68 22.21 -32.03
N LEU B 471 -17.10 22.28 -30.76
CA LEU B 471 -16.94 21.12 -29.86
C LEU B 471 -17.66 19.84 -30.31
N PRO B 472 -19.00 19.88 -30.63
CA PRO B 472 -19.61 18.63 -31.15
C PRO B 472 -18.99 18.07 -32.43
N SER B 473 -18.59 18.92 -33.39
CA SER B 473 -17.93 18.39 -34.60
CA SER B 473 -17.93 18.39 -34.60
C SER B 473 -16.59 17.73 -34.28
N THR B 474 -15.86 18.26 -33.31
CA THR B 474 -14.58 17.67 -32.93
C THR B 474 -14.78 16.29 -32.31
N VAL B 475 -15.80 16.16 -31.46
CA VAL B 475 -16.10 14.87 -30.83
C VAL B 475 -16.58 13.88 -31.89
N LYS B 476 -17.37 14.37 -32.84
CA LYS B 476 -17.90 13.49 -33.88
C LYS B 476 -16.78 12.96 -34.75
N GLU B 477 -15.78 13.81 -35.02
CA GLU B 477 -14.61 13.37 -35.80
C GLU B 477 -13.64 12.41 -35.04
N PHE B 478 -13.33 12.71 -33.79
CA PHE B 478 -12.29 11.98 -33.08
C PHE B 478 -12.79 11.01 -32.00
N ASP B 479 -14.09 11.04 -31.72
CA ASP B 479 -14.66 10.15 -30.67
C ASP B 479 -16.09 9.81 -31.02
N SER B 480 -16.23 9.22 -32.22
CA SER B 480 -17.51 9.06 -32.90
CA SER B 480 -17.51 9.04 -32.91
C SER B 480 -18.56 8.19 -32.17
N ASP B 481 -18.09 7.30 -31.31
CA ASP B 481 -18.99 6.43 -30.58
C ASP B 481 -19.30 6.96 -29.17
N ARG B 482 -18.85 8.17 -28.85
CA ARG B 482 -19.13 8.74 -27.52
C ARG B 482 -20.12 9.91 -27.62
N PHE B 483 -21.02 9.94 -26.66
CA PHE B 483 -22.05 10.97 -26.55
C PHE B 483 -21.46 12.34 -26.24
N TYR B 484 -22.00 13.40 -26.86
CA TYR B 484 -21.66 14.80 -26.48
C TYR B 484 -22.95 15.55 -26.14
N VAL B 485 -22.94 16.40 -25.14
CA VAL B 485 -24.06 17.30 -24.90
C VAL B 485 -23.46 18.69 -24.78
N HIS B 486 -24.15 19.71 -25.28
CA HIS B 486 -23.56 21.02 -25.37
C HIS B 486 -23.29 21.68 -24.00
N SER B 487 -24.07 21.32 -22.99
CA SER B 487 -23.99 21.97 -21.68
C SER B 487 -24.65 21.11 -20.61
N SER B 488 -24.32 21.41 -19.35
CA SER B 488 -24.94 20.82 -18.17
C SER B 488 -25.26 21.92 -17.19
N PRO B 489 -26.57 22.11 -16.85
CA PRO B 489 -27.73 21.33 -17.35
C PRO B 489 -28.10 21.81 -18.73
N TYR B 490 -28.51 20.91 -19.65
CA TYR B 490 -28.71 21.36 -21.01
C TYR B 490 -29.99 22.19 -21.24
N LEU B 491 -31.04 21.96 -20.45
CA LEU B 491 -32.23 22.84 -20.53
CA LEU B 491 -32.31 22.72 -20.54
C LEU B 491 -32.91 23.09 -19.18
N ALA B 492 -32.94 22.08 -18.31
CA ALA B 492 -33.62 22.22 -17.02
C ALA B 492 -32.98 23.30 -16.17
N ASN B 493 -33.83 24.11 -15.57
CA ASN B 493 -33.41 25.15 -14.64
C ASN B 493 -34.22 24.98 -13.35
N TRP B 494 -33.53 25.12 -12.20
CA TRP B 494 -34.13 24.84 -10.91
C TRP B 494 -35.29 25.79 -10.57
N GLY B 495 -35.33 26.95 -11.21
CA GLY B 495 -36.43 27.91 -11.02
C GLY B 495 -37.59 27.71 -11.98
N ARG B 496 -37.45 26.73 -12.88
CA ARG B 496 -38.49 26.42 -13.88
C ARG B 496 -39.09 25.02 -13.71
N PRO B 497 -40.15 24.89 -12.88
CA PRO B 497 -40.56 23.51 -12.57
C PRO B 497 -41.02 22.73 -13.77
N GLU B 498 -41.51 23.41 -14.79
CA GLU B 498 -41.99 22.70 -15.98
C GLU B 498 -40.85 22.12 -16.80
N SER B 499 -39.61 22.53 -16.46
CA SER B 499 -38.38 22.10 -17.16
C SER B 499 -37.74 20.81 -16.57
N TRP B 500 -38.19 20.39 -15.39
CA TRP B 500 -37.50 19.34 -14.63
C TRP B 500 -37.58 17.96 -15.25
N GLY B 501 -38.59 17.77 -16.10
CA GLY B 501 -38.69 16.49 -16.80
C GLY B 501 -37.83 16.33 -18.06
N THR B 502 -37.05 17.36 -18.38
CA THR B 502 -36.25 17.44 -19.63
C THR B 502 -34.73 17.40 -19.36
N GLY B 503 -34.15 16.22 -19.48
CA GLY B 503 -32.71 16.08 -19.36
C GLY B 503 -32.18 16.18 -17.91
N ASP B 504 -30.90 16.54 -17.78
CA ASP B 504 -30.25 16.61 -16.45
C ASP B 504 -30.51 17.94 -15.70
N SER B 505 -30.40 17.89 -14.37
CA SER B 505 -30.73 19.05 -13.52
C SER B 505 -29.56 19.38 -12.63
N HIS B 506 -29.31 20.69 -12.46
CA HIS B 506 -28.50 21.21 -11.34
C HIS B 506 -29.55 21.86 -10.42
N ASN B 507 -30.09 21.07 -9.51
CA ASN B 507 -31.06 21.55 -8.55
C ASN B 507 -30.43 22.32 -7.38
N TRP B 508 -30.32 23.64 -7.54
CA TRP B 508 -29.82 24.53 -6.50
C TRP B 508 -30.96 25.25 -5.76
N GLY B 509 -32.14 24.66 -5.85
CA GLY B 509 -33.28 25.05 -5.00
C GLY B 509 -32.93 24.81 -3.54
N VAL B 510 -32.37 23.64 -3.23
CA VAL B 510 -31.67 23.44 -1.95
C VAL B 510 -30.34 24.22 -2.02
N TRP B 511 -30.02 24.93 -0.94
CA TRP B 511 -28.93 25.92 -0.88
C TRP B 511 -29.36 27.28 -1.39
N TYR B 512 -29.11 27.58 -2.67
CA TYR B 512 -29.47 28.91 -3.20
C TYR B 512 -30.94 29.32 -3.05
N GLY B 513 -31.85 28.37 -3.26
CA GLY B 513 -33.25 28.62 -3.23
C GLY B 513 -33.82 28.44 -1.85
N LYS B 514 -32.95 28.10 -0.88
CA LYS B 514 -33.31 27.88 0.53
C LYS B 514 -34.39 26.83 0.77
N LYS B 515 -34.67 26.00 -0.22
CA LYS B 515 -35.65 24.91 -0.06
C LYS B 515 -35.23 23.88 1.01
N PRO B 516 -36.20 23.35 1.78
CA PRO B 516 -35.88 22.33 2.76
C PRO B 516 -35.47 21.06 2.02
N PHE B 517 -34.68 20.20 2.67
CA PHE B 517 -34.26 18.93 2.09
C PHE B 517 -35.42 18.06 1.60
N GLU B 518 -36.56 18.18 2.28
CA GLU B 518 -37.77 17.46 1.85
C GLU B 518 -38.26 17.82 0.46
N SER B 519 -37.88 18.99 -0.05
CA SER B 519 -38.26 19.34 -1.41
C SER B 519 -37.63 18.35 -2.42
N LEU B 520 -36.54 17.69 -2.03
CA LEU B 520 -35.85 16.71 -2.90
C LEU B 520 -36.72 15.48 -3.18
N ASP B 521 -37.68 15.22 -2.30
CA ASP B 521 -38.69 14.18 -2.52
C ASP B 521 -39.68 14.53 -3.62
N THR B 522 -39.96 15.81 -3.82
CA THR B 522 -41.03 16.19 -4.76
C THR B 522 -40.48 16.74 -6.05
N ASP B 523 -39.37 17.48 -5.96
CA ASP B 523 -38.82 18.22 -7.09
C ASP B 523 -37.79 17.32 -7.79
N LEU B 524 -38.28 16.38 -8.58
CA LEU B 524 -37.44 15.31 -9.10
C LEU B 524 -36.85 15.59 -10.46
N PRO B 525 -35.60 15.11 -10.69
CA PRO B 525 -35.03 15.30 -12.00
C PRO B 525 -35.01 13.97 -12.79
N ARG B 526 -34.75 14.06 -14.09
CA ARG B 526 -34.46 12.84 -14.87
C ARG B 526 -33.08 12.27 -14.55
N PHE B 527 -32.20 13.16 -14.06
CA PHE B 527 -30.82 12.82 -13.75
C PHE B 527 -30.31 14.02 -12.96
N MET B 528 -29.84 13.80 -11.75
CA MET B 528 -29.25 14.93 -10.98
C MET B 528 -27.73 15.08 -11.25
N SER B 529 -27.34 16.12 -12.01
CA SER B 529 -25.92 16.23 -12.33
C SER B 529 -25.19 17.18 -11.36
N GLU B 530 -25.97 17.94 -10.61
CA GLU B 530 -25.49 18.67 -9.43
C GLU B 530 -26.61 18.91 -8.44
N PHE B 531 -26.29 18.71 -7.16
CA PHE B 531 -27.03 19.32 -6.05
C PHE B 531 -26.13 19.24 -4.86
N GLY B 532 -26.36 20.08 -3.86
CA GLY B 532 -25.36 20.22 -2.82
C GLY B 532 -25.75 21.06 -1.61
N PHE B 533 -24.97 20.91 -0.56
CA PHE B 533 -25.24 21.69 0.63
C PHE B 533 -23.91 21.80 1.35
N GLN B 534 -23.60 22.97 1.92
CA GLN B 534 -22.25 23.16 2.41
C GLN B 534 -22.11 22.63 3.82
N SER B 535 -20.86 22.55 4.24
CA SER B 535 -20.52 22.43 5.66
C SER B 535 -19.11 22.92 5.92
N PHE B 536 -18.91 23.50 7.10
CA PHE B 536 -17.56 23.74 7.65
C PHE B 536 -16.92 22.36 7.77
N PRO B 537 -15.61 22.27 7.41
CA PRO B 537 -14.92 21.01 7.69
C PRO B 537 -14.66 20.89 9.20
N GLU B 538 -14.25 19.70 9.61
CA GLU B 538 -14.07 19.42 11.04
C GLU B 538 -12.95 20.25 11.68
N MET B 539 -12.91 20.30 13.00
CA MET B 539 -11.98 21.22 13.68
C MET B 539 -10.49 21.11 13.37
N LYS B 540 -9.94 19.89 13.25
CA LYS B 540 -8.50 19.76 12.89
C LYS B 540 -8.17 20.44 11.56
N THR B 541 -9.13 20.47 10.66
CA THR B 541 -8.99 21.24 9.41
C THR B 541 -9.12 22.74 9.64
N ILE B 542 -10.12 23.13 10.44
CA ILE B 542 -10.28 24.54 10.80
C ILE B 542 -8.99 25.03 11.48
N ALA B 543 -8.42 24.22 12.36
CA ALA B 543 -7.19 24.57 13.10
C ALA B 543 -5.99 24.78 12.17
N ALA B 544 -6.05 24.17 10.97
CA ALA B 544 -5.00 24.34 9.96
C ALA B 544 -5.05 25.68 9.22
N PHE B 545 -6.16 26.42 9.29
CA PHE B 545 -6.25 27.71 8.63
C PHE B 545 -6.67 28.86 9.55
N ALA B 546 -6.95 28.55 10.82
CA ALA B 546 -7.49 29.58 11.75
C ALA B 546 -7.00 29.34 13.16
N ALA B 547 -6.78 30.42 13.91
CA ALA B 547 -6.40 30.31 15.32
C ALA B 547 -7.68 30.32 16.17
N PRO B 548 -7.62 29.80 17.42
CA PRO B 548 -8.83 29.65 18.21
C PRO B 548 -9.59 30.95 18.45
N GLU B 549 -8.96 32.08 18.21
CA GLU B 549 -9.62 33.39 18.38
C GLU B 549 -10.49 33.76 17.18
N ASP B 550 -10.41 32.95 16.10
CA ASP B 550 -11.22 33.18 14.91
C ASP B 550 -12.43 32.28 14.87
N TYR B 551 -12.56 31.44 15.89
CA TYR B 551 -13.63 30.45 15.94
C TYR B 551 -15.02 31.05 16.14
N GLN B 552 -15.46 31.81 15.14
CA GLN B 552 -16.83 32.26 15.06
C GLN B 552 -17.31 32.01 13.63
N ILE B 553 -18.59 31.72 13.49
CA ILE B 553 -19.22 31.32 12.25
C ILE B 553 -19.16 32.40 11.17
N GLU B 554 -19.17 33.66 11.60
CA GLU B 554 -19.01 34.75 10.64
C GLU B 554 -17.90 35.70 11.03
N SER B 555 -16.77 35.17 11.53
CA SER B 555 -15.57 35.96 11.75
C SER B 555 -14.84 36.24 10.42
N GLU B 556 -13.90 37.18 10.42
CA GLU B 556 -13.20 37.58 9.20
C GLU B 556 -12.53 36.39 8.48
N VAL B 557 -11.79 35.59 9.25
CA VAL B 557 -11.06 34.41 8.77
C VAL B 557 -12.00 33.30 8.29
N MET B 558 -13.11 33.11 8.99
CA MET B 558 -14.14 32.18 8.57
C MET B 558 -14.80 32.63 7.27
N ASN B 559 -15.08 33.94 7.16
CA ASN B 559 -15.70 34.49 5.96
C ASN B 559 -14.73 34.49 4.79
N ALA B 560 -13.43 34.51 5.09
CA ALA B 560 -12.36 34.46 4.11
C ALA B 560 -12.15 33.02 3.52
N HIS B 561 -12.66 32.02 4.24
CA HIS B 561 -12.61 30.64 3.79
C HIS B 561 -14.02 30.17 3.48
N GLN B 562 -14.83 31.11 2.97
CA GLN B 562 -16.19 30.90 2.46
C GLN B 562 -16.31 31.70 1.16
N LYS B 563 -16.73 31.07 0.06
CA LYS B 563 -16.68 31.75 -1.25
C LYS B 563 -18.01 31.79 -2.01
N SER B 564 -19.08 31.36 -1.35
CA SER B 564 -20.43 31.41 -1.95
C SER B 564 -21.13 32.78 -1.80
N SER B 565 -22.02 33.07 -2.75
CA SER B 565 -22.83 34.31 -2.77
C SER B 565 -23.83 34.39 -1.63
N ILE B 566 -24.10 33.24 -1.02
CA ILE B 566 -24.77 33.19 0.27
C ILE B 566 -23.94 32.18 1.09
N GLY B 567 -23.69 32.50 2.36
CA GLY B 567 -22.67 31.76 3.06
C GLY B 567 -22.99 31.07 4.39
N ASN B 568 -22.19 31.44 5.38
CA ASN B 568 -22.19 30.75 6.65
C ASN B 568 -23.53 30.86 7.38
N SER B 569 -24.12 32.04 7.29
CA SER B 569 -25.42 32.27 7.92
C SER B 569 -26.47 31.24 7.46
N LEU B 570 -26.40 30.84 6.18
CA LEU B 570 -27.37 29.94 5.61
C LEU B 570 -27.33 28.53 6.25
N ILE B 571 -26.14 28.11 6.65
CA ILE B 571 -25.98 26.82 7.32
C ILE B 571 -26.79 26.92 8.62
N ARG B 572 -26.68 28.05 9.30
CA ARG B 572 -27.46 28.24 10.52
C ARG B 572 -28.97 28.23 10.28
N THR B 573 -29.44 28.90 9.21
CA THR B 573 -30.86 28.83 8.86
C THR B 573 -31.38 27.41 8.66
N TYR B 574 -30.66 26.62 7.86
CA TYR B 574 -31.04 25.21 7.69
C TYR B 574 -30.95 24.43 8.99
N MET B 575 -29.93 24.72 9.80
CA MET B 575 -29.67 23.90 10.97
C MET B 575 -30.86 23.97 11.92
N GLU B 576 -31.35 25.20 12.13
CA GLU B 576 -32.51 25.51 12.98
C GLU B 576 -33.72 24.69 12.58
N ARG B 577 -33.84 24.32 11.30
CA ARG B 577 -35.03 23.57 10.91
C ARG B 577 -35.05 22.15 11.46
N ASP B 578 -33.86 21.59 11.73
CA ASP B 578 -33.75 20.19 12.14
C ASP B 578 -33.02 19.89 13.44
N TYR B 579 -32.28 20.86 13.97
CA TYR B 579 -31.39 20.66 15.12
C TYR B 579 -31.53 21.88 15.98
N ILE B 580 -31.22 21.71 17.27
CA ILE B 580 -31.11 22.82 18.21
C ILE B 580 -29.72 23.35 17.93
N ILE B 581 -29.60 24.65 17.66
CA ILE B 581 -28.33 25.28 17.35
C ILE B 581 -27.46 25.35 18.58
N PRO B 582 -26.24 24.75 18.53
CA PRO B 582 -25.33 24.76 19.68
C PRO B 582 -24.74 26.14 19.97
N GLU B 583 -24.33 26.33 21.22
CA GLU B 583 -23.66 27.58 21.60
C GLU B 583 -22.19 27.66 21.13
N SER B 584 -21.44 26.58 21.21
CA SER B 584 -20.05 26.67 20.83
C SER B 584 -19.87 26.46 19.33
N PHE B 585 -18.87 27.15 18.83
CA PHE B 585 -18.35 26.89 17.48
C PHE B 585 -17.99 25.41 17.21
N GLU B 586 -17.26 24.75 18.11
CA GLU B 586 -16.93 23.32 17.91
C GLU B 586 -18.15 22.46 17.77
N ASP B 587 -19.17 22.71 18.60
CA ASP B 587 -20.43 21.98 18.53
C ASP B 587 -21.20 22.34 17.26
N PHE B 588 -21.24 23.63 16.93
CA PHE B 588 -21.82 24.05 15.65
C PHE B 588 -21.19 23.30 14.44
N VAL B 589 -19.86 23.26 14.40
CA VAL B 589 -19.16 22.51 13.33
C VAL B 589 -19.58 21.05 13.25
N TYR B 590 -19.62 20.37 14.39
CA TYR B 590 -20.06 18.96 14.46
C TYR B 590 -21.49 18.74 13.99
N VAL B 591 -22.41 19.56 14.48
CA VAL B 591 -23.81 19.46 14.03
C VAL B 591 -23.92 19.80 12.53
N GLY B 592 -23.20 20.82 12.08
CA GLY B 592 -23.17 21.16 10.64
C GLY B 592 -22.73 20.00 9.73
N LEU B 593 -21.77 19.18 10.19
CA LEU B 593 -21.37 17.97 9.41
C LEU B 593 -22.52 16.97 9.37
N VAL B 594 -23.16 16.80 10.54
CA VAL B 594 -24.30 15.87 10.63
C VAL B 594 -25.40 16.35 9.70
N LEU B 595 -25.67 17.64 9.73
CA LEU B 595 -26.75 18.23 8.90
C LEU B 595 -26.59 18.03 7.41
N GLN B 596 -25.41 18.38 6.92
CA GLN B 596 -25.09 18.26 5.49
C GLN B 596 -25.19 16.79 5.11
N GLY B 597 -24.68 15.90 5.97
CA GLY B 597 -24.81 14.47 5.72
C GLY B 597 -26.25 13.97 5.67
N GLN B 598 -27.08 14.36 6.66
CA GLN B 598 -28.46 13.85 6.71
C GLN B 598 -29.32 14.40 5.62
N GLY B 599 -29.21 15.70 5.37
CA GLY B 599 -30.07 16.31 4.34
C GLY B 599 -29.73 15.85 2.95
N MET B 600 -28.42 15.82 2.66
CA MET B 600 -27.99 15.31 1.35
C MET B 600 -28.31 13.83 1.07
N ARG B 601 -28.04 12.93 2.02
N ARG B 601 -28.01 12.93 2.03
CA ARG B 601 -28.45 11.53 1.84
CA ARG B 601 -28.46 11.54 1.99
C ARG B 601 -29.97 11.35 1.68
C ARG B 601 -29.94 11.46 1.60
N HIS B 602 -30.77 12.27 2.27
CA HIS B 602 -32.22 12.34 1.96
C HIS B 602 -32.43 12.55 0.46
N GLY B 603 -31.69 13.49 -0.14
CA GLY B 603 -31.84 13.72 -1.58
C GLY B 603 -31.37 12.50 -2.39
N LEU B 604 -30.20 11.96 -2.02
CA LEU B 604 -29.63 10.78 -2.72
C LEU B 604 -30.61 9.60 -2.76
N GLU B 605 -31.20 9.31 -1.59
CA GLU B 605 -32.26 8.33 -1.46
C GLU B 605 -33.47 8.57 -2.34
N ALA B 606 -33.92 9.84 -2.40
CA ALA B 606 -35.06 10.20 -3.26
C ALA B 606 -34.76 9.90 -4.73
N HIS B 607 -33.53 10.19 -5.14
CA HIS B 607 -33.16 10.03 -6.54
C HIS B 607 -33.18 8.57 -6.87
N ARG B 608 -32.52 7.73 -6.05
CA ARG B 608 -32.64 6.25 -6.25
C ARG B 608 -34.06 5.70 -6.15
N ARG B 609 -34.81 6.16 -5.17
CA ARG B 609 -36.17 5.62 -4.92
C ARG B 609 -37.07 5.85 -6.14
N ASN B 610 -36.83 6.98 -6.80
CA ASN B 610 -37.61 7.37 -7.99
C ASN B 610 -37.07 6.93 -9.36
N ARG B 611 -36.25 5.88 -9.37
CA ARG B 611 -35.93 5.14 -10.59
C ARG B 611 -37.19 4.39 -11.05
N PRO B 612 -37.49 4.40 -12.35
CA PRO B 612 -36.66 4.89 -13.48
C PRO B 612 -36.91 6.36 -13.92
N TYR B 613 -37.86 7.06 -13.31
CA TYR B 613 -38.04 8.49 -13.66
C TYR B 613 -36.70 9.27 -13.52
N CYS B 614 -36.03 9.07 -12.39
CA CYS B 614 -34.67 9.56 -12.17
C CYS B 614 -33.73 8.41 -12.42
N MET B 615 -32.68 8.68 -13.20
CA MET B 615 -31.69 7.68 -13.61
C MET B 615 -30.25 7.96 -13.13
N GLY B 616 -30.08 8.98 -12.30
CA GLY B 616 -28.77 9.14 -11.71
C GLY B 616 -28.67 10.32 -10.77
N THR B 617 -27.66 10.27 -9.91
CA THR B 617 -27.39 11.41 -9.01
C THR B 617 -25.88 11.62 -8.78
N LEU B 618 -25.40 12.78 -9.17
CA LEU B 618 -24.01 13.22 -8.87
C LEU B 618 -24.07 14.47 -8.01
N TYR B 619 -23.74 14.34 -6.71
CA TYR B 619 -23.79 15.51 -5.88
C TYR B 619 -22.61 16.47 -6.17
N ALA B 620 -22.86 17.74 -5.93
CA ALA B 620 -21.82 18.74 -5.81
C ALA B 620 -21.47 18.84 -4.29
N GLN B 621 -20.24 18.51 -3.88
CA GLN B 621 -19.14 18.04 -4.75
C GLN B 621 -18.34 17.02 -3.95
N LEU B 622 -17.43 16.32 -4.61
CA LEU B 622 -16.67 15.28 -3.91
C LEU B 622 -15.66 15.86 -2.92
N ASN B 623 -14.89 16.84 -3.40
CA ASN B 623 -13.62 17.18 -2.81
C ASN B 623 -13.34 18.67 -2.75
N ASP B 624 -12.21 19.00 -2.14
CA ASP B 624 -11.75 20.38 -1.96
C ASP B 624 -10.31 20.58 -2.43
N SER B 625 -10.06 21.78 -2.98
CA SER B 625 -8.76 22.21 -3.45
C SER B 625 -7.91 22.96 -2.39
N TRP B 626 -8.53 23.29 -1.25
CA TRP B 626 -7.87 23.99 -0.18
C TRP B 626 -8.78 23.97 1.08
N PRO B 627 -8.25 24.42 2.26
CA PRO B 627 -9.08 24.39 3.45
C PRO B 627 -10.15 25.47 3.34
N VAL B 628 -11.41 25.05 3.30
CA VAL B 628 -12.52 25.96 2.95
C VAL B 628 -13.86 25.39 3.48
N VAL B 629 -14.86 26.26 3.68
CA VAL B 629 -16.27 25.87 3.87
C VAL B 629 -16.87 25.62 2.49
N SER B 630 -17.40 24.41 2.24
CA SER B 630 -17.94 24.11 0.91
C SER B 630 -18.86 22.91 0.87
N TRP B 631 -19.27 22.57 -0.35
CA TRP B 631 -20.24 21.51 -0.61
C TRP B 631 -19.58 20.12 -0.59
N SER B 632 -18.27 20.07 -0.40
CA SER B 632 -17.54 18.81 -0.43
C SER B 632 -18.01 17.79 0.63
N SER B 633 -17.80 16.50 0.34
CA SER B 633 -18.02 15.38 1.24
C SER B 633 -16.70 14.91 1.84
N ILE B 634 -15.59 15.35 1.24
CA ILE B 634 -14.23 15.04 1.77
C ILE B 634 -13.45 16.35 1.83
N ASP B 635 -12.91 16.71 2.99
CA ASP B 635 -12.18 17.97 3.06
C ASP B 635 -10.79 17.88 2.38
N TYR B 636 -10.13 19.04 2.27
CA TYR B 636 -8.84 19.18 1.56
C TYR B 636 -7.78 18.18 2.07
N TYR B 637 -7.78 17.89 3.37
CA TYR B 637 -6.84 16.95 4.01
C TYR B 637 -7.26 15.50 3.92
N GLY B 638 -8.35 15.24 3.24
CA GLY B 638 -8.87 13.90 2.96
C GLY B 638 -9.72 13.29 4.05
N ASN B 639 -10.15 14.13 5.00
CA ASN B 639 -11.05 13.68 6.06
C ASN B 639 -12.45 13.50 5.50
N TRP B 640 -13.01 12.32 5.64
CA TRP B 640 -14.39 12.11 5.21
C TRP B 640 -15.32 12.92 6.12
N LYS B 641 -16.21 13.74 5.55
CA LYS B 641 -17.22 14.41 6.38
C LYS B 641 -18.31 13.37 6.61
N ALA B 642 -19.33 13.71 7.39
CA ALA B 642 -20.48 12.81 7.56
C ALA B 642 -21.08 12.46 6.22
N LEU B 643 -21.10 13.45 5.33
CA LEU B 643 -21.66 13.25 4.02
C LEU B 643 -21.04 12.06 3.28
N HIS B 644 -19.75 11.84 3.44
CA HIS B 644 -19.15 10.81 2.61
C HIS B 644 -19.60 9.40 3.08
N TYR B 645 -19.72 9.24 4.41
CA TYR B 645 -20.29 7.99 5.02
C TYR B 645 -21.74 7.80 4.59
N GLN B 646 -22.48 8.92 4.57
CA GLN B 646 -23.90 8.86 4.21
C GLN B 646 -24.11 8.54 2.76
N ALA B 647 -23.25 9.09 1.91
CA ALA B 647 -23.28 8.69 0.46
C ALA B 647 -22.93 7.20 0.31
N LYS B 648 -21.91 6.72 1.06
CA LYS B 648 -21.56 5.28 1.01
C LYS B 648 -22.81 4.44 1.31
N ARG B 649 -23.50 4.82 2.36
CA ARG B 649 -24.75 4.15 2.77
C ARG B 649 -25.89 4.31 1.76
N ALA B 650 -26.13 5.55 1.31
CA ALA B 650 -27.20 5.81 0.33
C ALA B 650 -26.98 5.15 -1.02
N PHE B 651 -25.72 4.82 -1.31
CA PHE B 651 -25.29 4.18 -2.59
C PHE B 651 -25.11 2.67 -2.49
N ALA B 652 -25.39 2.11 -1.31
CA ALA B 652 -25.18 0.67 -1.13
C ALA B 652 -25.99 -0.10 -2.20
N PRO B 653 -25.40 -1.15 -2.81
CA PRO B 653 -26.09 -1.92 -3.85
C PRO B 653 -27.55 -2.25 -3.57
N VAL B 654 -27.82 -2.76 -2.37
CA VAL B 654 -29.18 -3.00 -1.84
C VAL B 654 -29.41 -2.07 -0.64
N LEU B 655 -30.45 -1.24 -0.78
CA LEU B 655 -30.88 -0.25 0.19
C LEU B 655 -32.33 -0.48 0.60
N ILE B 656 -32.58 -0.56 1.91
CA ILE B 656 -33.94 -0.39 2.43
C ILE B 656 -34.15 1.10 2.69
N ASN B 657 -35.18 1.68 2.10
CA ASN B 657 -35.42 3.12 2.23
C ASN B 657 -36.84 3.39 2.77
N PRO B 658 -36.94 3.57 4.11
CA PRO B 658 -38.19 4.06 4.72
C PRO B 658 -38.30 5.52 4.40
N ILE B 659 -39.43 5.92 3.84
CA ILE B 659 -39.70 7.31 3.56
C ILE B 659 -41.05 7.71 4.21
N GLN B 660 -41.02 8.75 5.03
CA GLN B 660 -42.19 9.13 5.78
C GLN B 660 -42.66 10.48 5.30
N GLN B 661 -43.92 10.50 4.86
CA GLN B 661 -44.57 11.74 4.42
C GLN B 661 -46.04 11.73 4.81
N ASN B 662 -46.58 12.93 5.04
CA ASN B 662 -48.00 13.12 5.36
C ASN B 662 -48.43 12.16 6.45
N ASP B 663 -47.70 12.18 7.56
N ASP B 663 -47.65 12.08 7.52
CA ASP B 663 -47.81 11.21 8.67
CA ASP B 663 -47.96 11.23 8.65
C ASP B 663 -48.25 9.81 8.22
C ASP B 663 -48.09 9.73 8.34
N SER B 664 -47.53 9.30 7.22
CA SER B 664 -47.57 7.91 6.81
C SER B 664 -46.16 7.42 6.48
N LEU B 665 -45.89 6.15 6.75
CA LEU B 665 -44.59 5.55 6.41
C LEU B 665 -44.70 4.60 5.22
N SER B 666 -43.85 4.75 4.21
CA SER B 666 -43.68 3.71 3.19
C SER B 666 -42.28 3.14 3.22
N VAL B 667 -42.14 1.88 2.84
CA VAL B 667 -40.80 1.25 2.81
C VAL B 667 -40.49 0.75 1.43
N TYR B 668 -39.37 1.24 0.88
CA TYR B 668 -38.91 0.85 -0.45
C TYR B 668 -37.69 -0.08 -0.40
N LEU B 669 -37.66 -1.05 -1.31
CA LEU B 669 -36.45 -1.84 -1.43
C LEU B 669 -35.81 -1.48 -2.75
N ILE B 670 -34.55 -1.04 -2.68
CA ILE B 670 -33.84 -0.47 -3.85
C ILE B 670 -32.65 -1.35 -4.14
N SER B 671 -32.60 -1.87 -5.38
CA SER B 671 -31.49 -2.73 -5.75
C SER B 671 -30.84 -2.29 -7.04
N ASP B 672 -29.50 -2.20 -6.99
CA ASP B 672 -28.67 -2.01 -8.18
C ASP B 672 -27.97 -3.30 -8.57
N ARG B 673 -28.44 -4.42 -8.02
CA ARG B 673 -27.87 -5.74 -8.37
C ARG B 673 -28.33 -6.17 -9.76
N LEU B 674 -27.50 -7.00 -10.41
CA LEU B 674 -27.81 -7.50 -11.75
C LEU B 674 -28.78 -8.69 -11.66
N ASP B 675 -28.82 -9.29 -10.47
CA ASP B 675 -29.65 -10.46 -10.22
C ASP B 675 -30.85 -10.08 -9.33
N THR B 676 -31.93 -10.81 -9.52
CA THR B 676 -33.12 -10.69 -8.70
C THR B 676 -32.93 -11.46 -7.39
N MET B 677 -33.50 -10.91 -6.32
CA MET B 677 -33.52 -11.60 -5.03
C MET B 677 -34.95 -12.05 -4.75
N GLU B 678 -35.07 -13.30 -4.34
CA GLU B 678 -36.39 -13.91 -4.18
C GLU B 678 -36.65 -14.41 -2.80
N GLN B 679 -37.94 -14.59 -2.51
CA GLN B 679 -38.42 -15.07 -1.21
C GLN B 679 -37.71 -14.36 -0.08
N MET B 680 -37.70 -13.02 -0.11
CA MET B 680 -36.99 -12.25 0.94
C MET B 680 -37.99 -11.84 2.01
N THR B 681 -37.49 -11.54 3.18
CA THR B 681 -38.35 -11.07 4.26
C THR B 681 -37.88 -9.71 4.78
N LEU B 682 -38.81 -8.75 4.83
CA LEU B 682 -38.56 -7.47 5.53
C LEU B 682 -39.09 -7.61 6.96
N GLU B 683 -38.24 -7.30 7.93
CA GLU B 683 -38.62 -7.35 9.32
C GLU B 683 -38.34 -5.98 9.90
N MET B 684 -39.35 -5.44 10.59
CA MET B 684 -39.30 -4.11 11.22
C MET B 684 -39.74 -4.20 12.70
N LYS B 685 -39.08 -3.45 13.58
CA LYS B 685 -39.58 -3.30 14.96
C LYS B 685 -39.34 -1.90 15.53
N VAL B 686 -40.26 -1.42 16.36
CA VAL B 686 -40.05 -0.13 17.01
C VAL B 686 -39.29 -0.36 18.31
N VAL B 687 -38.28 0.46 18.54
CA VAL B 687 -37.41 0.30 19.68
C VAL B 687 -37.31 1.68 20.35
N ASP B 688 -37.48 1.72 21.67
CA ASP B 688 -37.38 2.98 22.34
C ASP B 688 -35.92 3.29 22.62
N PHE B 689 -35.64 4.48 23.13
CA PHE B 689 -34.27 4.96 23.23
C PHE B 689 -33.47 4.21 24.31
N ASP B 690 -34.14 3.24 24.97
CA ASP B 690 -33.52 2.38 25.98
C ASP B 690 -33.31 0.97 25.49
N GLY B 691 -33.85 0.66 24.31
CA GLY B 691 -33.59 -0.61 23.67
C GLY B 691 -34.78 -1.56 23.72
N LYS B 692 -35.84 -1.12 24.40
CA LYS B 692 -37.05 -1.92 24.58
C LYS B 692 -37.99 -1.84 23.37
N THR B 693 -38.39 -3.00 22.87
CA THR B 693 -39.31 -3.11 21.75
C THR B 693 -40.71 -2.72 22.14
N LEU B 694 -41.26 -1.77 21.38
CA LEU B 694 -42.64 -1.36 21.52
C LEU B 694 -43.49 -2.11 20.49
N GLY B 695 -44.54 -2.80 20.96
CA GLY B 695 -45.45 -3.55 20.08
C GLY B 695 -44.78 -4.86 19.65
N LYS B 696 -45.28 -5.44 18.55
CA LYS B 696 -44.70 -6.66 18.00
C LYS B 696 -43.82 -6.36 16.76
N LYS B 697 -42.91 -7.28 16.45
CA LYS B 697 -42.15 -7.25 15.19
C LYS B 697 -43.12 -7.44 14.04
N ILE B 698 -42.94 -6.62 13.00
CA ILE B 698 -43.74 -6.69 11.77
C ILE B 698 -42.92 -7.42 10.72
N GLN B 699 -43.57 -8.35 10.03
CA GLN B 699 -42.93 -9.20 9.04
C GLN B 699 -43.62 -9.04 7.71
N VAL B 700 -42.84 -8.83 6.65
CA VAL B 700 -43.41 -8.89 5.31
C VAL B 700 -42.63 -9.97 4.58
N HIS B 701 -43.32 -11.06 4.24
CA HIS B 701 -42.70 -12.24 3.65
C HIS B 701 -42.94 -12.32 2.15
N SER B 702 -42.28 -13.29 1.51
CA SER B 702 -42.43 -13.61 0.09
C SER B 702 -42.16 -12.41 -0.82
N LEU B 703 -41.16 -11.61 -0.44
CA LEU B 703 -40.83 -10.43 -1.23
C LEU B 703 -39.76 -10.73 -2.28
N GLU B 704 -39.98 -10.14 -3.45
CA GLU B 704 -39.01 -10.16 -4.53
C GLU B 704 -38.38 -8.78 -4.73
N VAL B 705 -37.06 -8.76 -4.91
CA VAL B 705 -36.33 -7.50 -5.22
C VAL B 705 -35.72 -7.67 -6.61
N PRO B 706 -36.48 -7.26 -7.66
CA PRO B 706 -35.95 -7.43 -8.99
C PRO B 706 -34.71 -6.56 -9.22
N ALA B 707 -33.76 -7.09 -9.97
CA ALA B 707 -32.54 -6.37 -10.30
C ALA B 707 -32.84 -4.95 -10.77
N ASN B 708 -32.00 -4.01 -10.34
CA ASN B 708 -32.07 -2.65 -10.90
C ASN B 708 -33.45 -2.01 -10.80
N THR B 709 -34.12 -2.14 -9.65
CA THR B 709 -35.47 -1.59 -9.48
C THR B 709 -35.56 -0.95 -8.09
N SER B 710 -36.50 -0.02 -7.95
CA SER B 710 -36.91 0.49 -6.66
C SER B 710 -38.40 0.13 -6.53
N LYS B 711 -38.75 -0.62 -5.49
CA LYS B 711 -40.16 -0.98 -5.29
C LYS B 711 -40.63 -0.85 -3.85
N CYS B 712 -41.83 -0.28 -3.72
CA CYS B 712 -42.53 -0.15 -2.42
C CYS B 712 -43.13 -1.49 -1.96
N VAL B 713 -42.81 -1.87 -0.73
CA VAL B 713 -43.19 -3.20 -0.24
C VAL B 713 -44.04 -3.11 1.04
N TYR B 714 -44.22 -1.90 1.55
CA TYR B 714 -44.95 -1.70 2.78
C TYR B 714 -45.37 -0.22 2.92
N ARG B 715 -46.61 -0.01 3.38
CA ARG B 715 -47.16 1.29 3.69
C ARG B 715 -48.03 1.19 4.95
N ALA B 716 -47.83 2.11 5.89
CA ALA B 716 -48.63 2.16 7.13
C ALA B 716 -48.73 3.59 7.68
N LYS B 717 -49.97 4.00 7.97
CA LYS B 717 -50.27 5.26 8.66
C LYS B 717 -49.64 5.27 10.04
N LEU B 718 -49.19 6.42 10.49
CA LEU B 718 -48.68 6.49 11.85
C LEU B 718 -49.82 6.61 12.88
N ASP B 719 -50.91 7.26 12.49
CA ASP B 719 -52.10 7.41 13.35
C ASP B 719 -52.73 6.06 13.69
N GLY B 720 -52.78 5.76 15.00
CA GLY B 720 -53.28 4.47 15.49
C GLY B 720 -52.21 3.41 15.54
N TRP B 721 -50.99 3.74 15.10
CA TRP B 721 -49.87 2.81 15.22
C TRP B 721 -48.91 3.34 16.26
N LEU B 722 -48.50 4.60 16.10
CA LEU B 722 -47.58 5.24 17.04
C LEU B 722 -48.12 6.58 17.45
N THR B 723 -47.95 6.92 18.72
CA THR B 723 -48.46 8.20 19.21
C THR B 723 -47.42 9.28 18.98
N PRO B 724 -47.83 10.55 19.00
CA PRO B 724 -46.84 11.62 18.81
C PRO B 724 -45.72 11.60 19.86
N GLU B 725 -46.05 11.13 21.07
CA GLU B 725 -45.05 10.84 22.10
C GLU B 725 -44.11 9.70 21.67
N ASP B 726 -44.68 8.60 21.17
CA ASP B 726 -43.87 7.47 20.67
C ASP B 726 -42.89 7.94 19.57
N CYS B 727 -43.35 8.82 18.67
CA CYS B 727 -42.52 9.35 17.60
C CYS B 727 -41.29 10.12 18.04
N ARG B 728 -41.33 10.68 19.24
CA ARG B 728 -40.19 11.45 19.75
C ARG B 728 -39.30 10.59 20.61
N ARG B 729 -39.68 9.34 20.82
CA ARG B 729 -38.94 8.56 21.82
C ARG B 729 -38.52 7.19 21.36
N SER B 730 -38.71 6.88 20.07
CA SER B 730 -38.30 5.60 19.54
C SER B 730 -37.87 5.74 18.07
N PHE B 731 -37.37 4.64 17.53
CA PHE B 731 -36.93 4.62 16.13
C PHE B 731 -37.35 3.29 15.57
N LEU B 732 -37.38 3.18 14.25
CA LEU B 732 -37.71 1.91 13.60
C LEU B 732 -36.44 1.23 13.13
N LYS B 733 -36.32 -0.07 13.42
CA LYS B 733 -35.22 -0.88 12.95
C LYS B 733 -35.77 -1.73 11.82
N LEU B 734 -35.08 -1.74 10.68
CA LEU B 734 -35.54 -2.49 9.51
C LEU B 734 -34.42 -3.41 9.02
N ILE B 735 -34.71 -4.70 8.79
CA ILE B 735 -33.74 -5.61 8.15
C ILE B 735 -34.35 -6.35 6.95
N LEU B 736 -33.52 -6.73 5.99
CA LEU B 736 -33.96 -7.56 4.89
C LEU B 736 -33.13 -8.80 4.97
N LYS B 737 -33.82 -9.94 4.95
CA LYS B 737 -33.23 -11.27 5.06
C LYS B 737 -33.61 -12.13 3.87
N ASP B 738 -32.73 -13.04 3.50
CA ASP B 738 -33.07 -14.04 2.48
C ASP B 738 -33.91 -15.16 3.07
N LYS B 739 -34.44 -16.03 2.19
CA LYS B 739 -35.09 -17.29 2.58
C LYS B 739 -34.36 -18.11 3.65
N SER B 740 -33.02 -18.01 3.73
CA SER B 740 -32.26 -18.75 4.75
C SER B 740 -32.19 -17.98 6.07
N GLY B 741 -32.58 -16.70 6.04
CA GLY B 741 -32.56 -15.87 7.24
C GLY B 741 -31.29 -15.05 7.44
N HIS B 742 -30.43 -15.04 6.42
CA HIS B 742 -29.22 -14.22 6.42
C HIS B 742 -29.56 -12.75 6.07
N GLN B 743 -29.03 -11.82 6.86
CA GLN B 743 -29.33 -10.40 6.66
C GLN B 743 -28.55 -9.84 5.44
N VAL B 744 -29.27 -9.21 4.53
CA VAL B 744 -28.72 -8.56 3.35
C VAL B 744 -28.61 -7.00 3.50
N ALA B 745 -29.39 -6.42 4.40
CA ALA B 745 -29.42 -4.96 4.53
C ALA B 745 -30.14 -4.62 5.81
N GLU B 746 -29.82 -3.44 6.36
CA GLU B 746 -30.50 -2.94 7.54
C GLU B 746 -30.59 -1.43 7.41
N SER B 747 -31.59 -0.85 8.08
CA SER B 747 -31.82 0.59 8.08
CA SER B 747 -31.76 0.60 8.10
C SER B 747 -32.37 1.00 9.44
N VAL B 748 -32.27 2.28 9.76
CA VAL B 748 -32.91 2.84 10.95
C VAL B 748 -33.64 4.11 10.52
N HIS B 749 -34.87 4.27 11.02
CA HIS B 749 -35.71 5.40 10.67
C HIS B 749 -36.18 6.15 11.93
N PHE B 750 -36.05 7.48 11.93
CA PHE B 750 -36.62 8.31 13.01
C PHE B 750 -37.87 8.97 12.47
N PHE B 751 -38.92 9.04 13.31
CA PHE B 751 -40.25 9.54 12.95
C PHE B 751 -40.38 11.05 13.12
N ARG B 752 -39.39 11.65 13.79
CA ARG B 752 -39.35 13.07 14.04
C ARG B 752 -37.98 13.67 13.67
N LYS B 753 -37.96 14.96 13.38
CA LYS B 753 -36.74 15.73 13.24
C LYS B 753 -35.91 15.63 14.51
N THR B 754 -34.58 15.67 14.35
CA THR B 754 -33.66 15.47 15.44
C THR B 754 -33.87 16.48 16.60
N LYS B 755 -34.08 17.77 16.29
CA LYS B 755 -34.43 18.77 17.35
C LYS B 755 -35.66 18.36 18.20
N ASP B 756 -36.51 17.49 17.65
CA ASP B 756 -37.78 17.07 18.29
C ASP B 756 -37.73 15.73 19.04
N LEU B 757 -36.58 15.05 18.94
CA LEU B 757 -36.41 13.77 19.63
C LEU B 757 -36.10 14.05 21.08
N GLN B 758 -36.56 13.17 21.97
CA GLN B 758 -36.22 13.30 23.39
C GLN B 758 -34.98 12.44 23.69
N LEU B 759 -33.81 12.95 23.34
CA LEU B 759 -32.58 12.16 23.40
C LEU B 759 -32.14 11.99 24.83
N PRO B 760 -31.72 10.75 25.20
CA PRO B 760 -31.39 10.58 26.63
C PRO B 760 -29.97 11.01 26.94
N PRO B 761 -29.67 11.24 28.22
CA PRO B 761 -28.30 11.61 28.66
C PRO B 761 -27.42 10.37 28.74
N THR B 762 -27.22 9.75 27.58
CA THR B 762 -26.57 8.45 27.48
C THR B 762 -25.09 8.46 27.90
N SER B 763 -24.67 7.35 28.49
CA SER B 763 -23.27 7.08 28.82
C SER B 763 -22.67 6.26 27.63
N VAL B 764 -21.69 6.85 26.95
CA VAL B 764 -21.01 6.15 25.86
C VAL B 764 -19.64 5.72 26.34
N SER B 765 -19.43 4.41 26.32
CA SER B 765 -18.15 3.84 26.69
C SER B 765 -17.53 3.14 25.47
N TYR B 766 -16.20 2.97 25.51
CA TYR B 766 -15.49 2.27 24.44
C TYR B 766 -14.20 1.62 24.97
N GLN B 767 -13.91 0.40 24.52
CA GLN B 767 -12.60 -0.20 24.73
C GLN B 767 -11.71 0.05 23.49
N MET B 768 -10.44 0.38 23.76
CA MET B 768 -9.45 0.67 22.72
CA MET B 768 -9.46 0.65 22.70
C MET B 768 -8.41 -0.45 22.64
N LYS B 769 -8.23 -1.01 21.44
CA LYS B 769 -7.17 -1.99 21.16
C LYS B 769 -6.27 -1.35 20.09
N GLN B 770 -5.13 -0.82 20.54
CA GLN B 770 -4.23 -0.06 19.68
C GLN B 770 -3.00 -0.87 19.18
N THR B 771 -2.84 -0.93 17.87
CA THR B 771 -1.63 -1.51 17.30
C THR B 771 -0.88 -0.53 16.39
N ASP B 772 0.00 -1.06 15.55
CA ASP B 772 0.73 -0.24 14.56
C ASP B 772 -0.19 0.10 13.42
N GLY B 773 -0.30 1.39 13.16
CA GLY B 773 -1.16 1.88 12.07
C GLY B 773 -2.64 1.56 12.17
N LYS B 774 -3.08 1.08 13.34
CA LYS B 774 -4.47 0.69 13.53
C LYS B 774 -4.92 0.81 14.99
N CYS B 775 -6.11 1.34 15.20
N CYS B 775 -6.09 1.41 15.16
CA CYS B 775 -6.72 1.41 16.54
CA CYS B 775 -6.83 1.39 16.42
C CYS B 775 -8.15 0.88 16.45
C CYS B 775 -8.10 0.62 16.19
N GLU B 776 -8.43 -0.25 17.13
CA GLU B 776 -9.76 -0.89 17.13
C GLU B 776 -10.53 -0.28 18.30
N LEU B 777 -11.74 0.21 18.02
CA LEU B 777 -12.64 0.69 19.08
C LEU B 777 -13.85 -0.21 19.16
N THR B 778 -14.25 -0.54 20.38
CA THR B 778 -15.55 -1.16 20.58
C THR B 778 -16.40 -0.22 21.43
N LEU B 779 -17.48 0.29 20.85
CA LEU B 779 -18.34 1.27 21.50
C LEU B 779 -19.60 0.62 22.02
N PHE B 780 -20.03 1.08 23.18
CA PHE B 780 -21.27 0.57 23.74
C PHE B 780 -22.04 1.67 24.45
N SER B 781 -23.35 1.63 24.28
CA SER B 781 -24.22 2.44 25.11
C SER B 781 -25.55 1.76 25.37
N SER B 782 -26.02 1.83 26.61
CA SER B 782 -27.31 1.22 26.96
C SER B 782 -28.48 2.02 26.37
N MET B 783 -28.23 3.28 26.05
CA MET B 783 -29.24 4.13 25.41
C MET B 783 -28.79 4.66 24.03
N LEU B 784 -29.76 5.14 23.22
CA LEU B 784 -29.42 5.79 21.95
C LEU B 784 -28.42 6.91 22.10
N ALA B 785 -27.35 6.89 21.29
CA ALA B 785 -26.54 8.08 21.06
C ALA B 785 -26.66 8.47 19.58
N LYS B 786 -27.04 9.73 19.34
CA LYS B 786 -27.49 10.18 18.02
C LYS B 786 -26.29 10.76 17.22
N ASP B 787 -26.08 10.25 16.02
CA ASP B 787 -25.07 10.77 15.08
C ASP B 787 -23.66 10.88 15.70
N ILE B 788 -23.18 9.75 16.22
CA ILE B 788 -21.90 9.69 16.88
C ILE B 788 -20.77 10.16 15.93
N PHE B 789 -19.89 10.99 16.43
CA PHE B 789 -18.69 11.41 15.71
C PHE B 789 -17.47 11.03 16.57
N ILE B 790 -16.69 10.09 16.06
CA ILE B 790 -15.39 9.75 16.67
C ILE B 790 -14.33 10.70 16.07
N GLU B 791 -13.97 11.72 16.86
CA GLU B 791 -13.02 12.71 16.43
C GLU B 791 -11.63 12.39 16.96
N THR B 792 -10.66 12.34 16.05
CA THR B 792 -9.25 12.18 16.40
C THR B 792 -8.47 13.37 15.82
N PRO B 793 -7.29 13.68 16.39
CA PRO B 793 -6.58 14.83 15.87
C PRO B 793 -5.68 14.51 14.66
N LEU B 794 -5.58 13.24 14.24
CA LEU B 794 -4.71 12.86 13.13
C LEU B 794 -5.32 13.22 11.77
N GLN B 795 -4.69 14.14 11.05
CA GLN B 795 -5.11 14.44 9.67
C GLN B 795 -5.15 13.17 8.83
N GLY B 796 -6.23 13.00 8.07
CA GLY B 796 -6.32 11.91 7.11
C GLY B 796 -6.64 10.53 7.65
N ALA B 797 -6.80 10.41 8.96
CA ALA B 797 -7.18 9.14 9.58
C ALA B 797 -8.44 8.62 8.90
N ARG B 798 -8.41 7.31 8.63
CA ARG B 798 -9.49 6.63 7.94
C ARG B 798 -10.28 5.80 8.97
N TYR B 799 -11.60 5.69 8.78
CA TYR B 799 -12.47 4.96 9.71
C TYR B 799 -13.24 3.90 8.99
N SER B 800 -13.40 2.73 9.60
CA SER B 800 -14.35 1.73 9.06
C SER B 800 -15.76 2.31 8.97
N ASP B 801 -16.12 3.15 9.97
CA ASP B 801 -17.38 3.89 10.00
C ASP B 801 -17.28 5.09 10.95
N ASN B 802 -18.15 6.08 10.74
CA ASN B 802 -18.23 7.24 11.61
C ASN B 802 -19.56 7.87 11.30
N PHE B 803 -19.98 8.83 12.13
CA PHE B 803 -21.25 9.55 11.91
C PHE B 803 -22.46 8.59 11.74
N PHE B 804 -22.65 7.74 12.75
CA PHE B 804 -23.67 6.73 12.74
C PHE B 804 -24.39 6.83 14.09
N ASP B 805 -25.63 6.38 14.15
CA ASP B 805 -26.30 6.30 15.46
C ASP B 805 -25.83 5.07 16.21
N LEU B 806 -25.54 5.24 17.50
CA LEU B 806 -25.16 4.08 18.31
C LEU B 806 -26.41 3.63 19.04
N LEU B 807 -26.88 2.43 18.70
CA LEU B 807 -28.21 2.00 19.13
C LEU B 807 -28.15 1.45 20.55
N PRO B 808 -29.27 1.56 21.30
CA PRO B 808 -29.28 1.07 22.71
C PRO B 808 -28.86 -0.39 22.79
N GLY B 809 -27.77 -0.68 23.52
CA GLY B 809 -27.35 -2.06 23.80
C GLY B 809 -26.84 -2.88 22.61
N GLU B 810 -26.40 -2.18 21.56
CA GLU B 810 -25.90 -2.85 20.38
C GLU B 810 -24.49 -2.34 20.12
N ARG B 811 -23.50 -3.16 20.49
CA ARG B 811 -22.09 -2.82 20.44
C ARG B 811 -21.62 -2.57 19.01
N LYS B 812 -20.64 -1.67 18.87
CA LYS B 812 -20.15 -1.20 17.57
C LYS B 812 -18.63 -1.22 17.51
N LYS B 813 -18.08 -2.06 16.60
CA LYS B 813 -16.64 -2.03 16.35
C LYS B 813 -16.32 -1.00 15.27
N VAL B 814 -15.38 -0.11 15.59
CA VAL B 814 -14.85 0.88 14.66
C VAL B 814 -13.32 0.78 14.52
N ILE B 815 -12.84 0.62 13.29
CA ILE B 815 -11.39 0.58 13.06
C ILE B 815 -10.89 1.90 12.47
N ILE B 816 -9.88 2.47 13.10
CA ILE B 816 -9.25 3.70 12.66
C ILE B 816 -7.81 3.41 12.17
N THR B 817 -7.55 3.73 10.92
CA THR B 817 -6.19 3.57 10.43
C THR B 817 -5.51 4.91 10.10
N SER B 818 -4.26 5.01 10.52
CA SER B 818 -3.34 6.02 10.07
C SER B 818 -1.92 5.46 10.17
N PRO B 819 -1.03 5.84 9.22
CA PRO B 819 0.37 5.44 9.34
C PRO B 819 1.07 6.12 10.51
N ARG B 820 0.41 7.13 11.12
CA ARG B 820 0.94 7.80 12.32
C ARG B 820 0.42 7.20 13.65
N ILE B 821 -0.40 6.15 13.57
CA ILE B 821 -0.74 5.40 14.78
C ILE B 821 0.40 4.43 15.04
N LYS B 822 1.00 4.55 16.24
CA LYS B 822 2.08 3.67 16.71
C LYS B 822 1.74 2.98 18.05
N LYS B 823 1.53 1.65 18.00
CA LYS B 823 1.41 0.83 19.21
C LYS B 823 2.29 1.41 20.33
N GLY B 824 1.65 1.83 21.42
CA GLY B 824 2.36 2.38 22.58
C GLY B 824 2.23 3.88 22.70
N GLU B 825 1.88 4.53 21.58
CA GLU B 825 1.81 5.98 21.51
C GLU B 825 0.38 6.52 21.46
CA GLU B 826 -2.69 5.95 22.63
C GLU B 826 -3.20 7.15 21.81
N LEU B 827 -3.98 6.85 20.78
CA LEU B 827 -4.63 7.90 19.98
C LEU B 827 -5.67 8.69 20.84
N PRO B 828 -5.54 10.04 20.92
CA PRO B 828 -6.62 10.84 21.54
C PRO B 828 -7.94 10.69 20.76
N VAL B 829 -9.04 10.41 21.47
CA VAL B 829 -10.36 10.13 20.88
C VAL B 829 -11.35 11.04 21.64
N ASN B 830 -12.23 11.73 20.89
CA ASN B 830 -13.26 12.61 21.43
C ASN B 830 -14.56 12.21 20.70
N ILE B 831 -15.48 11.59 21.43
CA ILE B 831 -16.72 11.07 20.84
C ILE B 831 -17.79 12.10 21.12
N LYS B 832 -18.35 12.63 20.05
CA LYS B 832 -19.39 13.63 20.17
C LYS B 832 -20.72 12.99 19.79
N HIS B 833 -21.82 13.44 20.41
CA HIS B 833 -23.15 13.03 19.92
C HIS B 833 -24.18 14.13 20.17
N ILE B 834 -25.36 14.03 19.54
CA ILE B 834 -26.24 15.20 19.44
C ILE B 834 -26.68 15.76 20.82
N ARG B 835 -27.03 14.85 21.75
CA ARG B 835 -27.51 15.28 23.09
C ARG B 835 -26.55 16.21 23.81
N GLU B 836 -25.26 15.97 23.59
CA GLU B 836 -24.21 16.77 24.22
C GLU B 836 -24.14 18.22 23.73
N THR B 837 -24.86 18.57 22.68
CA THR B 837 -24.60 19.83 22.05
C THR B 837 -25.54 20.95 22.54
N TYR B 838 -26.46 20.62 23.45
CA TYR B 838 -27.39 21.64 23.93
C TYR B 838 -27.74 21.47 25.45
N LYS B 839 -28.20 22.58 26.02
CA LYS B 839 -28.55 22.68 27.42
C LYS B 839 -30.05 22.81 27.51
N GLU B 840 -30.66 22.01 28.38
CA GLU B 840 -32.07 22.19 28.70
C GLU B 840 -32.23 23.09 29.89
N HIS B 841 -33.25 23.93 29.81
CA HIS B 841 -33.70 24.73 30.94
C HIS B 841 -35.01 24.22 31.57
N HIS B 842 -35.31 24.66 32.81
CA HIS B 842 -36.57 24.33 33.51
C HIS B 842 -37.82 24.67 32.67
#